data_7UJN
#
_entry.id   7UJN
#
_cell.length_a   1.00
_cell.length_b   1.00
_cell.length_c   1.00
_cell.angle_alpha   90.00
_cell.angle_beta   90.00
_cell.angle_gamma   90.00
#
_symmetry.space_group_name_H-M   'P 1'
#
loop_
_entity.id
_entity.type
_entity.pdbx_description
1 polymer 'Deoxynucleoside triphosphate triphosphohydrolase SAMHD1'
2 non-polymer "2'-deoxyguanosine-5'-O-(1-thiotriphosphate)"
#
_entity_poly.entity_id   1
_entity_poly.type   'polypeptide(L)'
_entity_poly.pdbx_seq_one_letter_code
;MQRADSEQPSKRPRCDDSPRTPSNTPSAEADWSPGLELHPDYKTWGPEQVCSFLRRGGFEEPVLLKNIRENEITGALLPC
LDESRFENLGVSSLGERKKLLSYIQRLVQIHVDTMKVINDPIHGHIELHPLLVRIIDTPQFQRLRYIKQLGGGYYVFPGA
SHNRFEHSLGVGYLAGCLVHALGEKQPELQISERDVLCVQIAGLCHDLGHGPFSHMFDGRFIPLARPEVKWTHEQGSVMM
FEHLINSNGIKPVMEQYGLIPEEDICFIKEQIVGPLESPVEDSLWPYKGRPENKSFLYEIVSNKRNGIDVDKWDYFARDC
HHLGIQNNFDYKRFIKFARVCEVDNELRICARDKEVGNLYDMFHTRNSLHRRAYQHKVGNIIDTMITDAFLKADDYIEIT
GAGGKKYRISTAIDDMEAYTKLTDNIFLEILYSTDPKLKDAREILKQIEYRNLFKYVGETQPTGQIKIKREDYESLPKEV
ASAKPKVLLDVKLKAEDFIVDVINMDYGMQEKNPIDHVSFYCKTAPNRAIRITKNQVSQLLPEKFAEQLIRVYCKKVDRK
SLYAARQYFVQWCADRNFTKPQDGDVIAPLITPQKKEWNDSTSVQNPTRLREASKSRVQLFKDDPM
;
_entity_poly.pdbx_strand_id   A,B,C,D
#
loop_
_chem_comp.id
_chem_comp.type
_chem_comp.name
_chem_comp.formula
T8T non-polymer 2'-deoxyguanosine-5'-O-(1-thiotriphosphate) 'C10 H16 N5 O12 P3 S'
#
# COMPACT_ATOMS: atom_id res chain seq x y z
N ASP A 113 0.20 0.08 36.72
CA ASP A 113 0.15 0.81 35.46
C ASP A 113 1.12 0.20 34.45
N THR A 114 0.63 -0.77 33.70
CA THR A 114 1.43 -1.47 32.70
C THR A 114 1.38 -0.72 31.37
N MET A 115 2.43 -0.88 30.58
CA MET A 115 2.52 -0.22 29.28
C MET A 115 1.42 -0.70 28.35
N LYS A 116 0.83 0.23 27.60
CA LYS A 116 -0.28 -0.04 26.72
C LYS A 116 0.12 0.16 25.26
N VAL A 117 -0.53 -0.59 24.37
CA VAL A 117 -0.21 -0.58 22.95
C VAL A 117 -1.49 -0.29 22.16
N ILE A 118 -1.37 0.53 21.11
CA ILE A 118 -2.49 0.88 20.25
C ILE A 118 -2.10 0.54 18.81
N ASN A 119 -3.07 0.07 18.04
CA ASN A 119 -2.84 -0.33 16.65
C ASN A 119 -3.23 0.82 15.73
N ASP A 120 -2.29 1.74 15.53
CA ASP A 120 -2.47 2.85 14.60
C ASP A 120 -2.36 2.36 13.16
N PRO A 121 -3.13 2.94 12.23
CA PRO A 121 -3.04 2.50 10.83
C PRO A 121 -1.82 3.01 10.10
N ILE A 122 -1.27 4.14 10.53
CA ILE A 122 -0.12 4.73 9.86
C ILE A 122 1.19 4.23 10.45
N HIS A 123 1.28 4.13 11.78
CA HIS A 123 2.51 3.79 12.46
C HIS A 123 2.46 2.41 13.10
N GLY A 124 1.51 1.57 12.68
CA GLY A 124 1.43 0.23 13.24
C GLY A 124 1.12 0.27 14.71
N HIS A 125 1.87 -0.50 15.49
CA HIS A 125 1.68 -0.57 16.92
C HIS A 125 2.51 0.49 17.63
N ILE A 126 1.89 1.18 18.58
CA ILE A 126 2.53 2.26 19.33
C ILE A 126 2.45 1.92 20.81
N GLU A 127 3.61 1.95 21.48
CA GLU A 127 3.69 1.69 22.91
C GLU A 127 3.68 3.02 23.67
N LEU A 128 2.83 3.10 24.69
CA LEU A 128 2.63 4.34 25.43
C LEU A 128 3.02 4.16 26.88
N HIS A 129 3.83 5.10 27.39
CA HIS A 129 4.22 5.09 28.78
C HIS A 129 3.01 5.33 29.68
N PRO A 130 3.01 4.75 30.89
CA PRO A 130 1.85 4.93 31.78
C PRO A 130 1.53 6.38 32.09
N LEU A 131 2.54 7.25 32.15
CA LEU A 131 2.27 8.68 32.32
C LEU A 131 1.50 9.23 31.12
N LEU A 132 1.88 8.80 29.91
CA LEU A 132 1.12 9.20 28.73
C LEU A 132 -0.31 8.67 28.77
N VAL A 133 -0.48 7.43 29.22
CA VAL A 133 -1.82 6.86 29.31
C VAL A 133 -2.68 7.65 30.30
N ARG A 134 -2.08 8.07 31.41
CA ARG A 134 -2.81 8.90 32.36
C ARG A 134 -3.15 10.27 31.77
N ILE A 135 -2.24 10.84 30.98
CA ILE A 135 -2.48 12.16 30.41
C ILE A 135 -3.59 12.11 29.37
N ILE A 136 -3.61 11.07 28.54
CA ILE A 136 -4.63 11.01 27.48
C ILE A 136 -6.01 10.71 28.04
N ASP A 137 -6.11 9.96 29.14
CA ASP A 137 -7.39 9.51 29.64
C ASP A 137 -8.05 10.59 30.52
N THR A 138 -8.14 11.79 29.94
CA THR A 138 -8.76 12.94 30.57
C THR A 138 -9.71 13.59 29.59
N PRO A 139 -10.76 14.26 30.08
CA PRO A 139 -11.68 14.93 29.14
C PRO A 139 -11.01 15.96 28.25
N GLN A 140 -9.98 16.65 28.75
CA GLN A 140 -9.32 17.67 27.95
C GLN A 140 -8.59 17.09 26.75
N PHE A 141 -8.24 15.80 26.79
CA PHE A 141 -7.63 15.14 25.63
C PHE A 141 -8.64 14.41 24.76
N GLN A 142 -9.60 13.71 25.38
CA GLN A 142 -10.66 13.08 24.59
C GLN A 142 -11.54 14.10 23.90
N ARG A 143 -11.44 15.38 24.27
CA ARG A 143 -12.13 16.43 23.53
C ARG A 143 -11.66 16.48 22.08
N LEU A 144 -10.40 16.11 21.82
CA LEU A 144 -9.89 16.06 20.45
C LEU A 144 -10.48 14.93 19.64
N ARG A 145 -11.12 13.96 20.29
CA ARG A 145 -11.72 12.84 19.59
C ARG A 145 -12.91 13.25 18.73
N TYR A 146 -13.41 14.47 18.89
CA TYR A 146 -14.61 14.93 18.19
C TYR A 146 -14.35 16.22 17.43
N ILE A 147 -13.12 16.41 16.98
CA ILE A 147 -12.75 17.59 16.19
C ILE A 147 -12.06 17.11 14.93
N LYS A 148 -12.66 17.38 13.78
CA LYS A 148 -12.09 16.94 12.51
C LYS A 148 -10.81 17.71 12.20
N GLN A 149 -9.80 17.00 11.72
CA GLN A 149 -8.56 17.65 11.35
C GLN A 149 -8.75 18.49 10.08
N LEU A 150 -9.50 17.99 9.12
CA LEU A 150 -9.87 18.73 7.92
C LEU A 150 -11.35 19.08 8.04
N GLY A 151 -11.65 20.32 8.36
CA GLY A 151 -13.03 20.73 8.56
C GLY A 151 -13.87 20.72 7.30
N GLY A 152 -13.55 21.61 6.36
CA GLY A 152 -14.27 21.66 5.10
C GLY A 152 -13.84 20.64 4.07
N GLY A 153 -12.73 19.95 4.31
CA GLY A 153 -12.28 18.93 3.39
C GLY A 153 -13.08 17.65 3.46
N TYR A 154 -13.80 17.43 4.57
CA TYR A 154 -14.66 16.25 4.67
C TYR A 154 -15.85 16.34 3.71
N TYR A 155 -16.26 17.55 3.34
CA TYR A 155 -17.37 17.72 2.42
C TYR A 155 -16.92 17.78 0.96
N VAL A 156 -15.63 17.62 0.70
CA VAL A 156 -15.09 17.46 -0.64
C VAL A 156 -14.44 16.11 -0.82
N PHE A 157 -13.63 15.67 0.14
CA PHE A 157 -13.04 14.35 0.14
C PHE A 157 -13.81 13.48 1.12
N PRO A 158 -14.62 12.52 0.67
CA PRO A 158 -15.40 11.71 1.61
C PRO A 158 -14.56 10.94 2.60
N GLY A 159 -13.36 10.50 2.24
CA GLY A 159 -12.56 9.70 3.15
C GLY A 159 -11.87 10.46 4.26
N ALA A 160 -11.79 11.79 4.15
CA ALA A 160 -11.08 12.61 5.14
C ALA A 160 -11.95 12.81 6.37
N SER A 161 -12.14 11.73 7.12
CA SER A 161 -12.94 11.72 8.33
C SER A 161 -12.09 11.41 9.57
N HIS A 162 -10.86 11.92 9.61
CA HIS A 162 -9.96 11.67 10.72
C HIS A 162 -9.87 12.90 11.60
N ASN A 163 -9.80 12.67 12.92
CA ASN A 163 -9.81 13.72 13.91
C ASN A 163 -8.37 14.06 14.33
N ARG A 164 -8.23 14.90 15.36
CA ARG A 164 -6.93 15.29 15.87
C ARG A 164 -6.41 14.37 16.96
N PHE A 165 -7.23 13.44 17.44
CA PHE A 165 -6.80 12.47 18.45
C PHE A 165 -5.70 11.57 17.88
N GLU A 166 -5.95 10.98 16.71
CA GLU A 166 -4.97 10.11 16.08
C GLU A 166 -3.71 10.88 15.72
N HIS A 167 -3.89 12.11 15.22
CA HIS A 167 -2.73 12.92 14.85
C HIS A 167 -1.87 13.23 16.06
N SER A 168 -2.50 13.55 17.20
CA SER A 168 -1.73 13.82 18.41
C SER A 168 -0.98 12.58 18.88
N LEU A 169 -1.64 11.42 18.86
CA LEU A 169 -0.96 10.19 19.25
C LEU A 169 0.23 9.90 18.32
N GLY A 170 0.04 10.09 17.02
CA GLY A 170 1.12 9.84 16.08
C GLY A 170 2.29 10.80 16.24
N VAL A 171 1.99 12.08 16.49
CA VAL A 171 3.07 13.05 16.68
C VAL A 171 3.85 12.72 17.93
N GLY A 172 3.16 12.32 19.01
CA GLY A 172 3.88 11.91 20.20
C GLY A 172 4.76 10.70 19.96
N TYR A 173 4.24 9.70 19.26
CA TYR A 173 5.03 8.51 18.95
C TYR A 173 6.25 8.85 18.12
N LEU A 174 6.08 9.71 17.11
CA LEU A 174 7.21 10.06 16.25
C LEU A 174 8.26 10.87 17.01
N ALA A 175 7.81 11.77 17.89
CA ALA A 175 8.78 12.51 18.70
C ALA A 175 9.57 11.57 19.60
N GLY A 176 8.88 10.61 20.23
CA GLY A 176 9.58 9.63 21.03
C GLY A 176 10.58 8.81 20.23
N CYS A 177 10.18 8.38 19.04
CA CYS A 177 11.08 7.59 18.19
C CYS A 177 12.30 8.40 17.78
N LEU A 178 12.10 9.66 17.39
CA LEU A 178 13.22 10.48 16.97
C LEU A 178 14.19 10.73 18.13
N VAL A 179 13.67 11.03 19.32
CA VAL A 179 14.56 11.30 20.44
C VAL A 179 15.29 10.03 20.87
N HIS A 180 14.60 8.88 20.82
CA HIS A 180 15.25 7.62 21.19
C HIS A 180 16.35 7.28 20.20
N ALA A 181 16.12 7.48 18.90
CA ALA A 181 17.14 7.21 17.90
C ALA A 181 18.33 8.14 18.06
N LEU A 182 18.07 9.43 18.30
CA LEU A 182 19.17 10.37 18.50
C LEU A 182 19.99 10.01 19.73
N GLY A 183 19.32 9.57 20.80
CA GLY A 183 20.05 9.15 21.99
C GLY A 183 20.88 7.90 21.74
N GLU A 184 20.32 6.93 21.02
CA GLU A 184 21.06 5.70 20.74
C GLU A 184 22.28 5.97 19.87
N LYS A 185 22.15 6.83 18.86
CA LYS A 185 23.27 7.07 17.95
C LYS A 185 24.41 7.80 18.65
N GLN A 186 24.10 8.76 19.53
CA GLN A 186 25.11 9.55 20.24
C GLN A 186 24.87 9.43 21.75
N PRO A 187 25.49 8.45 22.40
CA PRO A 187 25.33 8.35 23.87
C PRO A 187 25.91 9.55 24.62
N GLU A 188 26.79 10.33 23.99
CA GLU A 188 27.42 11.45 24.68
C GLU A 188 26.49 12.63 24.88
N LEU A 189 25.29 12.61 24.29
CA LEU A 189 24.35 13.71 24.47
C LEU A 189 23.68 13.68 25.83
N GLN A 190 23.75 12.55 26.55
CA GLN A 190 23.18 12.40 27.89
C GLN A 190 21.67 12.67 27.87
N ILE A 191 20.96 11.85 27.12
CA ILE A 191 19.51 11.93 27.01
C ILE A 191 18.93 10.91 27.98
N SER A 192 18.19 11.40 28.98
CA SER A 192 17.59 10.53 29.99
C SER A 192 16.14 10.22 29.63
N GLU A 193 15.56 9.28 30.36
CA GLU A 193 14.16 8.95 30.16
C GLU A 193 13.25 10.13 30.49
N ARG A 194 13.72 11.05 31.33
CA ARG A 194 12.96 12.25 31.64
C ARG A 194 12.75 13.10 30.39
N ASP A 195 13.83 13.29 29.62
CA ASP A 195 13.72 14.07 28.38
C ASP A 195 12.80 13.37 27.38
N VAL A 196 12.89 12.04 27.30
CA VAL A 196 12.03 11.28 26.38
C VAL A 196 10.57 11.47 26.75
N LEU A 197 10.24 11.33 28.04
CA LEU A 197 8.87 11.49 28.48
C LEU A 197 8.39 12.92 28.24
N CYS A 198 9.26 13.91 28.48
CA CYS A 198 8.86 15.30 28.29
C CYS A 198 8.57 15.60 26.82
N VAL A 199 9.44 15.15 25.91
CA VAL A 199 9.20 15.41 24.50
C VAL A 199 7.97 14.66 24.01
N GLN A 200 7.74 13.44 24.52
CA GLN A 200 6.52 12.73 24.17
C GLN A 200 5.28 13.48 24.62
N ILE A 201 5.29 13.98 25.87
CA ILE A 201 4.14 14.71 26.39
C ILE A 201 3.91 15.98 25.57
N ALA A 202 4.99 16.66 25.18
CA ALA A 202 4.84 17.81 24.31
C ALA A 202 4.24 17.42 22.96
N GLY A 203 4.60 16.24 22.45
CA GLY A 203 4.03 15.79 21.20
C GLY A 203 2.55 15.50 21.27
N LEU A 204 2.12 14.78 22.32
CA LEU A 204 0.70 14.47 22.44
C LEU A 204 -0.15 15.71 22.68
N CYS A 205 0.33 16.65 23.48
CA CYS A 205 -0.45 17.79 23.91
C CYS A 205 -0.11 19.06 23.13
N HIS A 206 0.29 18.91 21.88
CA HIS A 206 0.60 20.07 21.06
C HIS A 206 -0.61 20.66 20.35
N ASP A 207 -1.71 19.90 20.27
CA ASP A 207 -2.93 20.36 19.61
C ASP A 207 -4.13 20.24 20.53
N LEU A 208 -3.93 20.45 21.83
CA LEU A 208 -5.03 20.33 22.79
C LEU A 208 -6.09 21.40 22.54
N GLY A 209 -5.66 22.62 22.24
CA GLY A 209 -6.61 23.68 21.96
C GLY A 209 -6.91 23.89 20.49
N HIS A 210 -8.01 23.32 20.02
CA HIS A 210 -8.53 23.55 18.69
C HIS A 210 -10.02 23.83 18.76
N GLY A 211 -10.48 24.77 17.95
CA GLY A 211 -11.90 25.02 17.82
C GLY A 211 -12.58 23.95 17.01
N PRO A 212 -13.89 24.08 16.87
CA PRO A 212 -14.64 23.16 16.01
C PRO A 212 -14.13 23.20 14.58
N PHE A 213 -13.99 22.01 13.98
CA PHE A 213 -13.53 21.83 12.60
C PHE A 213 -12.07 22.23 12.43
N SER A 214 -11.46 22.74 13.50
CA SER A 214 -10.04 22.84 13.79
C SER A 214 -9.30 23.86 12.94
N HIS A 215 -9.88 24.44 11.92
CA HIS A 215 -9.09 25.46 11.25
C HIS A 215 -9.82 26.77 11.04
N MET A 216 -11.13 26.72 10.73
CA MET A 216 -11.86 27.97 10.53
C MET A 216 -12.03 28.72 11.84
N PHE A 217 -12.10 28.01 12.95
CA PHE A 217 -12.18 28.67 14.25
C PHE A 217 -10.92 29.48 14.53
N ASP A 218 -9.75 28.92 14.21
CA ASP A 218 -8.50 29.59 14.50
C ASP A 218 -8.20 30.70 13.51
N GLY A 219 -8.59 30.55 12.25
CA GLY A 219 -8.17 31.49 11.22
C GLY A 219 -9.27 32.28 10.55
N ARG A 220 -10.52 31.86 10.70
CA ARG A 220 -11.64 32.58 10.09
C ARG A 220 -12.70 33.02 11.08
N PHE A 221 -13.07 32.18 12.04
CA PHE A 221 -14.16 32.53 12.95
C PHE A 221 -13.72 33.58 13.96
N ILE A 222 -12.67 33.29 14.73
CA ILE A 222 -12.21 34.23 15.75
C ILE A 222 -11.82 35.59 15.16
N PRO A 223 -11.09 35.68 14.03
CA PRO A 223 -10.78 37.01 13.49
C PRO A 223 -12.01 37.84 13.11
N LEU A 224 -13.15 37.20 12.89
CA LEU A 224 -14.39 37.93 12.60
C LEU A 224 -15.30 38.07 13.82
N ALA A 225 -15.36 37.04 14.67
CA ALA A 225 -16.19 37.12 15.86
C ALA A 225 -15.68 38.18 16.83
N ARG A 226 -14.37 38.24 17.02
CA ARG A 226 -13.75 39.24 17.90
C ARG A 226 -12.39 39.61 17.34
N PRO A 227 -12.36 40.57 16.41
CA PRO A 227 -11.07 40.96 15.81
C PRO A 227 -10.08 41.58 16.77
N GLU A 228 -10.54 42.08 17.92
CA GLU A 228 -9.64 42.75 18.86
C GLU A 228 -8.65 41.77 19.46
N VAL A 229 -9.10 40.58 19.84
CA VAL A 229 -8.23 39.61 20.49
C VAL A 229 -7.33 38.96 19.44
N LYS A 230 -6.09 38.69 19.84
CA LYS A 230 -5.15 37.95 19.00
C LYS A 230 -4.99 36.55 19.62
N TRP A 231 -5.59 35.56 18.98
CA TRP A 231 -5.64 34.21 19.53
C TRP A 231 -5.14 33.21 18.49
N THR A 232 -4.32 32.27 18.97
CA THR A 232 -3.81 31.18 18.14
C THR A 232 -3.98 29.88 18.91
N HIS A 233 -4.04 28.78 18.18
CA HIS A 233 -4.38 27.50 18.80
C HIS A 233 -3.28 26.98 19.73
N GLU A 234 -2.04 27.45 19.57
CA GLU A 234 -0.99 27.04 20.50
C GLU A 234 -1.24 27.59 21.90
N GLN A 235 -1.71 28.84 22.01
CA GLN A 235 -2.06 29.37 23.32
C GLN A 235 -3.18 28.57 23.97
N GLY A 236 -4.20 28.22 23.18
CA GLY A 236 -5.28 27.40 23.71
C GLY A 236 -4.79 26.03 24.15
N SER A 237 -3.84 25.45 23.40
CA SER A 237 -3.27 24.17 23.81
C SER A 237 -2.52 24.30 25.13
N VAL A 238 -1.79 25.40 25.31
CA VAL A 238 -1.06 25.62 26.55
C VAL A 238 -2.03 25.72 27.73
N MET A 239 -3.09 26.51 27.56
CA MET A 239 -4.06 26.68 28.65
C MET A 239 -4.81 25.37 28.93
N MET A 240 -5.15 24.61 27.89
CA MET A 240 -5.76 23.30 28.12
C MET A 240 -4.81 22.34 28.81
N PHE A 241 -3.51 22.42 28.51
CA PHE A 241 -2.55 21.59 29.22
C PHE A 241 -2.51 21.96 30.70
N GLU A 242 -2.49 23.25 31.00
CA GLU A 242 -2.54 23.69 32.40
C GLU A 242 -3.80 23.18 33.09
N HIS A 243 -4.94 23.33 32.43
CA HIS A 243 -6.21 22.88 33.01
C HIS A 243 -6.22 21.37 33.22
N LEU A 244 -5.70 20.61 32.25
CA LEU A 244 -5.62 19.16 32.39
C LEU A 244 -4.78 18.78 33.60
N ILE A 245 -3.58 19.37 33.71
CA ILE A 245 -2.68 19.04 34.80
C ILE A 245 -3.33 19.36 36.15
N ASN A 246 -3.93 20.55 36.25
CA ASN A 246 -4.48 20.98 37.53
C ASN A 246 -5.72 20.17 37.91
N SER A 247 -6.60 19.91 36.94
CA SER A 247 -7.88 19.26 37.24
C SER A 247 -7.68 17.78 37.53
N ASN A 248 -6.82 17.11 36.77
CA ASN A 248 -6.71 15.66 36.89
C ASN A 248 -5.68 15.22 37.92
N GLY A 249 -4.95 16.15 38.53
CA GLY A 249 -3.95 15.78 39.52
C GLY A 249 -2.81 14.98 38.94
N ILE A 250 -2.21 15.50 37.88
CA ILE A 250 -1.14 14.78 37.18
C ILE A 250 0.22 14.93 37.86
N LYS A 251 0.45 16.05 38.57
CA LYS A 251 1.77 16.30 39.16
C LYS A 251 2.25 15.19 40.09
N PRO A 252 1.43 14.60 40.97
CA PRO A 252 1.92 13.45 41.74
C PRO A 252 2.40 12.30 40.87
N VAL A 253 1.69 12.03 39.76
CA VAL A 253 2.10 10.94 38.87
C VAL A 253 3.38 11.31 38.14
N MET A 254 3.53 12.59 37.77
CA MET A 254 4.77 13.03 37.14
C MET A 254 5.95 12.88 38.08
N GLU A 255 5.75 13.21 39.36
CA GLU A 255 6.82 13.03 40.34
C GLU A 255 7.08 11.54 40.62
N GLN A 256 6.06 10.69 40.48
CA GLN A 256 6.25 9.27 40.67
C GLN A 256 7.18 8.67 39.63
N TYR A 257 7.19 9.20 38.40
CA TYR A 257 7.99 8.65 37.32
C TYR A 257 9.26 9.46 37.07
N GLY A 258 9.76 10.15 38.09
CA GLY A 258 11.05 10.81 37.98
C GLY A 258 11.04 12.17 37.32
N LEU A 259 9.88 12.75 37.05
CA LEU A 259 9.81 14.06 36.42
C LEU A 259 9.71 15.15 37.49
N ILE A 260 10.39 16.27 37.24
CA ILE A 260 10.36 17.42 38.13
C ILE A 260 9.34 18.42 37.57
N PRO A 261 8.10 18.43 38.08
CA PRO A 261 7.03 19.19 37.41
C PRO A 261 7.32 20.67 37.28
N GLU A 262 7.98 21.29 38.27
CA GLU A 262 8.14 22.74 38.27
C GLU A 262 8.90 23.21 37.03
N GLU A 263 9.89 22.44 36.58
CA GLU A 263 10.63 22.77 35.38
C GLU A 263 10.23 21.95 34.16
N ASP A 264 9.74 20.73 34.36
CA ASP A 264 9.29 19.92 33.22
C ASP A 264 8.06 20.53 32.56
N ILE A 265 7.13 21.08 33.36
CA ILE A 265 5.96 21.72 32.79
C ILE A 265 6.37 22.95 31.98
N CYS A 266 7.32 23.73 32.50
CA CYS A 266 7.84 24.86 31.75
C CYS A 266 8.50 24.42 30.46
N PHE A 267 9.24 23.31 30.52
CA PHE A 267 9.87 22.76 29.31
C PHE A 267 8.84 22.36 28.28
N ILE A 268 7.76 21.71 28.71
CA ILE A 268 6.71 21.30 27.79
C ILE A 268 6.03 22.52 27.17
N LYS A 269 5.74 23.53 27.99
CA LYS A 269 5.13 24.75 27.47
C LYS A 269 6.05 25.45 26.48
N GLU A 270 7.35 25.48 26.76
CA GLU A 270 8.30 26.08 25.83
C GLU A 270 8.37 25.29 24.54
N GLN A 271 8.24 23.96 24.61
CA GLN A 271 8.18 23.16 23.40
C GLN A 271 6.95 23.51 22.57
N ILE A 272 5.80 23.66 23.24
CA ILE A 272 4.55 23.89 22.51
C ILE A 272 4.51 25.28 21.90
N VAL A 273 4.90 26.30 22.66
CA VAL A 273 4.72 27.68 22.23
C VAL A 273 6.01 28.47 22.10
N GLY A 274 7.09 28.08 22.78
CA GLY A 274 8.32 28.84 22.71
C GLY A 274 8.60 29.59 24.00
N PRO A 275 9.33 30.70 23.89
CA PRO A 275 9.62 31.52 25.08
C PRO A 275 8.36 31.99 25.78
N LEU A 276 8.19 31.62 27.05
CA LEU A 276 6.95 31.89 27.76
C LEU A 276 6.89 33.34 28.26
N GLU A 277 7.83 33.72 29.11
CA GLU A 277 7.73 35.01 29.80
C GLU A 277 7.80 36.18 28.82
N SER A 278 8.67 36.10 27.83
CA SER A 278 8.88 37.20 26.90
C SER A 278 9.72 36.70 25.74
N PRO A 279 9.68 37.38 24.59
CA PRO A 279 10.64 37.07 23.52
C PRO A 279 12.07 37.28 24.01
N VAL A 280 12.98 36.45 23.51
CA VAL A 280 14.34 36.40 24.04
C VAL A 280 15.03 37.73 23.86
N GLU A 281 15.30 38.10 22.60
CA GLU A 281 15.71 39.43 22.14
C GLU A 281 16.96 39.94 22.85
N ASP A 282 17.50 39.16 23.78
CA ASP A 282 18.62 39.50 24.64
C ASP A 282 18.89 38.31 25.55
N SER A 283 19.95 38.42 26.34
CA SER A 283 20.33 37.56 27.45
C SER A 283 20.88 36.21 27.01
N LEU A 284 20.87 35.89 25.71
CA LEU A 284 21.55 34.70 25.19
C LEU A 284 21.02 33.42 25.85
N TRP A 285 19.78 33.07 25.48
CA TRP A 285 19.08 31.90 26.01
C TRP A 285 18.79 32.06 27.50
N PRO A 286 17.87 32.96 27.88
CA PRO A 286 17.45 33.04 29.28
C PRO A 286 16.38 32.01 29.62
N TYR A 287 16.22 30.98 28.79
CA TYR A 287 15.18 29.97 28.95
C TYR A 287 15.20 29.33 30.34
N LYS A 288 14.09 28.69 30.71
CA LYS A 288 13.95 28.11 32.04
C LYS A 288 13.46 26.68 31.99
N GLY A 289 13.49 26.04 30.82
CA GLY A 289 13.04 24.67 30.72
C GLY A 289 14.17 23.66 30.65
N ARG A 290 15.19 23.96 29.85
CA ARG A 290 16.32 23.06 29.68
C ARG A 290 17.58 23.90 29.50
N PRO A 291 18.75 23.37 29.86
CA PRO A 291 19.99 24.15 29.72
C PRO A 291 20.41 24.34 28.28
N GLU A 292 21.51 25.06 28.06
CA GLU A 292 21.98 25.34 26.71
C GLU A 292 22.41 24.07 26.00
N ASN A 293 23.02 23.13 26.72
CA ASN A 293 23.53 21.91 26.10
C ASN A 293 22.42 20.99 25.58
N LYS A 294 21.17 21.25 25.94
CA LYS A 294 20.03 20.49 25.43
C LYS A 294 19.22 21.28 24.41
N SER A 295 19.88 22.15 23.65
CA SER A 295 19.17 23.01 22.70
C SER A 295 18.55 22.24 21.55
N PHE A 296 18.94 20.98 21.36
CA PHE A 296 18.38 20.18 20.27
C PHE A 296 17.02 19.59 20.60
N LEU A 297 16.53 19.75 21.83
CA LEU A 297 15.23 19.21 22.22
C LEU A 297 14.08 20.16 21.90
N TYR A 298 14.36 21.40 21.51
CA TYR A 298 13.32 22.35 21.13
C TYR A 298 12.96 22.25 19.65
N GLU A 299 13.33 21.15 18.99
CA GLU A 299 13.08 21.00 17.57
C GLU A 299 12.41 19.68 17.20
N ILE A 300 12.13 18.81 18.18
CA ILE A 300 11.60 17.50 17.85
C ILE A 300 10.10 17.53 17.57
N VAL A 301 9.34 18.30 18.35
CA VAL A 301 7.89 18.35 18.22
C VAL A 301 7.43 19.49 17.33
N SER A 302 7.97 20.70 17.56
CA SER A 302 7.59 21.86 16.75
C SER A 302 8.85 22.68 16.51
N ASN A 303 9.48 22.46 15.35
CA ASN A 303 10.70 23.16 14.99
C ASN A 303 10.35 24.54 14.47
N LYS A 304 10.76 25.56 15.21
CA LYS A 304 10.48 26.94 14.84
C LYS A 304 11.63 27.61 14.11
N ARG A 305 12.69 26.87 13.79
CA ARG A 305 13.84 27.44 13.10
C ARG A 305 13.80 27.16 11.60
N ASN A 306 13.43 25.93 11.21
CA ASN A 306 13.33 25.57 9.81
C ASN A 306 12.04 24.83 9.46
N GLY A 307 11.25 24.43 10.45
CA GLY A 307 9.97 23.80 10.20
C GLY A 307 9.97 22.30 10.07
N ILE A 308 11.13 21.66 10.12
CA ILE A 308 11.22 20.21 10.00
C ILE A 308 10.96 19.59 11.36
N ASP A 309 9.82 18.92 11.51
CA ASP A 309 9.41 18.36 12.80
C ASP A 309 8.46 17.21 12.56
N VAL A 310 8.26 16.40 13.61
CA VAL A 310 7.45 15.20 13.48
C VAL A 310 5.98 15.49 13.22
N ASP A 311 5.52 16.68 13.60
CA ASP A 311 4.13 17.06 13.32
C ASP A 311 3.88 17.08 11.82
N LYS A 312 4.80 17.69 11.06
CA LYS A 312 4.66 17.76 9.61
C LYS A 312 4.62 16.36 9.00
N TRP A 313 5.52 15.49 9.44
CA TRP A 313 5.58 14.14 8.90
C TRP A 313 4.29 13.39 9.19
N ASP A 314 3.78 13.52 10.42
CA ASP A 314 2.59 12.78 10.79
C ASP A 314 1.37 13.24 10.00
N TYR A 315 1.18 14.56 9.86
CA TYR A 315 -0.03 14.92 9.14
C TYR A 315 0.15 14.70 7.64
N PHE A 316 1.38 14.78 7.12
CA PHE A 316 1.64 14.35 5.75
C PHE A 316 1.12 12.94 5.53
N ALA A 317 1.65 11.99 6.32
CA ALA A 317 1.30 10.59 6.13
C ALA A 317 -0.19 10.35 6.32
N ARG A 318 -0.77 10.92 7.38
CA ARG A 318 -2.17 10.65 7.69
C ARG A 318 -3.11 11.26 6.65
N ASP A 319 -2.86 12.51 6.25
CA ASP A 319 -3.70 13.16 5.25
C ASP A 319 -3.59 12.46 3.91
N CYS A 320 -2.39 12.06 3.51
CA CYS A 320 -2.27 11.31 2.26
C CYS A 320 -3.00 9.98 2.35
N HIS A 321 -2.89 9.28 3.47
CA HIS A 321 -3.53 7.98 3.62
C HIS A 321 -5.04 8.10 3.62
N HIS A 322 -5.59 9.21 4.12
CA HIS A 322 -7.04 9.31 4.23
C HIS A 322 -7.70 9.98 3.04
N LEU A 323 -7.11 11.05 2.51
CA LEU A 323 -7.68 11.74 1.36
C LEU A 323 -7.77 10.82 0.15
N GLY A 324 -6.69 10.08 -0.13
CA GLY A 324 -6.62 9.24 -1.31
C GLY A 324 -5.47 9.62 -2.21
N ILE A 325 -4.61 10.51 -1.73
CA ILE A 325 -3.43 10.94 -2.46
C ILE A 325 -2.25 10.11 -1.97
N GLN A 326 -1.19 10.07 -2.77
CA GLN A 326 0.02 9.33 -2.42
C GLN A 326 1.09 10.28 -1.91
N ASN A 327 1.80 9.84 -0.88
CA ASN A 327 2.80 10.65 -0.20
C ASN A 327 4.16 10.49 -0.88
N ASN A 328 4.93 11.58 -0.90
CA ASN A 328 6.24 11.61 -1.52
C ASN A 328 7.31 11.98 -0.50
N PHE A 329 7.27 11.36 0.67
CA PHE A 329 8.26 11.61 1.70
C PHE A 329 8.46 10.36 2.54
N ASP A 330 9.69 10.18 3.02
CA ASP A 330 10.06 9.05 3.87
C ASP A 330 10.76 9.61 5.11
N TYR A 331 10.05 9.60 6.25
CA TYR A 331 10.61 10.15 7.47
C TYR A 331 11.62 9.21 8.11
N LYS A 332 11.50 7.91 7.88
CA LYS A 332 12.44 6.96 8.47
C LYS A 332 13.85 7.18 7.92
N ARG A 333 13.97 7.47 6.63
CA ARG A 333 15.27 7.75 6.05
C ARG A 333 15.89 9.01 6.67
N PHE A 334 15.06 10.03 6.92
CA PHE A 334 15.57 11.23 7.58
C PHE A 334 16.01 10.92 9.00
N ILE A 335 15.26 10.07 9.71
CA ILE A 335 15.62 9.69 11.06
C ILE A 335 16.97 8.98 11.08
N LYS A 336 17.17 8.05 10.15
CA LYS A 336 18.43 7.33 10.07
C LYS A 336 19.59 8.21 9.60
N PHE A 337 19.31 9.37 9.03
CA PHE A 337 20.33 10.26 8.49
C PHE A 337 20.30 11.62 9.18
N ALA A 338 20.12 11.62 10.49
CA ALA A 338 20.09 12.85 11.28
C ALA A 338 21.00 12.71 12.49
N ARG A 339 21.81 13.73 12.75
CA ARG A 339 22.72 13.71 13.88
C ARG A 339 22.74 15.09 14.54
N VAL A 340 23.02 15.10 15.83
CA VAL A 340 23.13 16.33 16.60
C VAL A 340 24.56 16.84 16.49
N CYS A 341 24.72 18.07 16.02
CA CYS A 341 26.04 18.66 15.84
C CYS A 341 26.03 20.08 16.36
N GLU A 342 27.15 20.49 16.95
CA GLU A 342 27.29 21.85 17.46
C GLU A 342 27.24 22.85 16.32
N VAL A 343 26.34 23.83 16.42
CA VAL A 343 26.16 24.86 15.41
C VAL A 343 26.12 26.20 16.11
N ASP A 344 27.14 27.03 15.89
CA ASP A 344 27.22 28.39 16.42
C ASP A 344 27.04 28.35 17.96
N ASN A 345 27.67 27.35 18.58
CA ASN A 345 27.74 27.17 20.03
C ASN A 345 26.42 26.68 20.64
N GLU A 346 25.55 26.05 19.85
CA GLU A 346 24.44 25.29 20.42
C GLU A 346 24.23 24.04 19.59
N LEU A 347 23.69 23.00 20.25
CA LEU A 347 23.49 21.71 19.63
C LEU A 347 22.18 21.72 18.85
N ARG A 348 22.28 21.63 17.52
CA ARG A 348 21.12 21.57 16.65
C ARG A 348 21.10 20.24 15.91
N ILE A 349 19.89 19.79 15.57
CA ILE A 349 19.74 18.55 14.80
C ILE A 349 20.13 18.83 13.36
N CYS A 350 21.06 18.05 12.84
CA CYS A 350 21.57 18.21 11.48
C CYS A 350 21.27 16.97 10.66
N ALA A 351 21.06 17.17 9.37
CA ALA A 351 20.75 16.10 8.44
C ALA A 351 21.96 15.78 7.57
N ARG A 352 21.93 14.60 6.97
CA ARG A 352 23.00 14.20 6.06
C ARG A 352 23.00 15.10 4.83
N ASP A 353 24.21 15.37 4.31
CA ASP A 353 24.35 16.34 3.23
C ASP A 353 23.69 15.88 1.94
N LYS A 354 23.43 14.58 1.79
CA LYS A 354 22.78 14.04 0.60
C LYS A 354 21.26 14.08 0.69
N GLU A 355 20.72 14.60 1.79
CA GLU A 355 19.27 14.63 2.01
C GLU A 355 18.64 15.96 1.66
N VAL A 356 19.40 16.90 1.08
CA VAL A 356 18.85 18.21 0.76
C VAL A 356 17.77 18.07 -0.32
N GLY A 357 17.97 17.17 -1.28
CA GLY A 357 16.96 16.92 -2.28
C GLY A 357 15.68 16.37 -1.68
N ASN A 358 15.80 15.43 -0.72
CA ASN A 358 14.62 14.90 -0.06
C ASN A 358 13.92 15.94 0.78
N LEU A 359 14.67 16.87 1.38
CA LEU A 359 14.03 17.94 2.14
C LEU A 359 13.26 18.89 1.22
N TYR A 360 13.86 19.26 0.09
CA TYR A 360 13.13 20.05 -0.90
C TYR A 360 11.89 19.29 -1.38
N ASP A 361 12.00 17.97 -1.52
CA ASP A 361 10.84 17.16 -1.91
C ASP A 361 9.77 17.19 -0.83
N MET A 362 10.17 17.21 0.44
CA MET A 362 9.20 17.31 1.53
C MET A 362 8.43 18.62 1.46
N PHE A 363 9.14 19.71 1.21
CA PHE A 363 8.44 21.00 1.11
C PHE A 363 7.57 21.05 -0.14
N HIS A 364 8.01 20.43 -1.23
CA HIS A 364 7.17 20.35 -2.43
C HIS A 364 5.92 19.52 -2.15
N THR A 365 6.04 18.45 -1.37
CA THR A 365 4.89 17.65 -0.99
C THR A 365 3.91 18.47 -0.16
N ARG A 366 4.43 19.28 0.76
CA ARG A 366 3.56 20.17 1.53
C ARG A 366 2.81 21.13 0.61
N ASN A 367 3.53 21.72 -0.35
CA ASN A 367 2.90 22.64 -1.28
C ASN A 367 1.82 21.95 -2.09
N SER A 368 2.10 20.72 -2.57
CA SER A 368 1.12 20.00 -3.38
C SER A 368 -0.11 19.63 -2.56
N LEU A 369 0.09 19.22 -1.30
CA LEU A 369 -1.06 18.91 -0.45
C LEU A 369 -1.91 20.13 -0.20
N HIS A 370 -1.28 21.28 0.05
CA HIS A 370 -2.04 22.52 0.22
C HIS A 370 -2.80 22.87 -1.06
N ARG A 371 -2.14 22.72 -2.21
CA ARG A 371 -2.76 23.08 -3.48
C ARG A 371 -3.96 22.19 -3.81
N ARG A 372 -3.84 20.89 -3.55
CA ARG A 372 -4.86 19.95 -3.99
C ARG A 372 -5.96 19.72 -2.97
N ALA A 373 -5.67 19.76 -1.68
CA ALA A 373 -6.71 19.37 -0.72
C ALA A 373 -7.04 20.44 0.29
N TYR A 374 -6.04 21.14 0.84
CA TYR A 374 -6.30 22.12 1.89
C TYR A 374 -6.80 23.45 1.36
N GLN A 375 -6.61 23.73 0.07
CA GLN A 375 -7.11 24.98 -0.52
C GLN A 375 -8.11 24.71 -1.63
N HIS A 376 -8.87 23.63 -1.52
CA HIS A 376 -9.91 23.34 -2.51
C HIS A 376 -10.97 24.42 -2.49
N LYS A 377 -11.54 24.71 -3.67
CA LYS A 377 -12.55 25.74 -3.80
C LYS A 377 -13.78 25.41 -2.96
N VAL A 378 -14.33 24.22 -3.15
CA VAL A 378 -15.55 23.84 -2.45
C VAL A 378 -15.33 23.74 -0.96
N GLY A 379 -14.19 23.18 -0.55
CA GLY A 379 -13.89 23.11 0.88
C GLY A 379 -13.78 24.48 1.51
N ASN A 380 -13.10 25.41 0.82
CA ASN A 380 -12.96 26.76 1.35
C ASN A 380 -14.30 27.47 1.45
N ILE A 381 -15.15 27.34 0.43
CA ILE A 381 -16.44 28.03 0.48
C ILE A 381 -17.33 27.40 1.54
N ILE A 382 -17.25 26.08 1.74
CA ILE A 382 -18.05 25.44 2.77
C ILE A 382 -17.58 25.87 4.16
N ASP A 383 -16.27 25.98 4.35
CA ASP A 383 -15.75 26.51 5.61
C ASP A 383 -16.22 27.94 5.85
N THR A 384 -16.20 28.77 4.79
CA THR A 384 -16.69 30.14 4.92
C THR A 384 -18.15 30.17 5.32
N MET A 385 -18.98 29.30 4.73
CA MET A 385 -20.40 29.33 5.03
C MET A 385 -20.69 28.78 6.43
N ILE A 386 -19.94 27.79 6.88
CA ILE A 386 -20.10 27.34 8.26
C ILE A 386 -19.66 28.42 9.23
N THR A 387 -18.61 29.17 8.88
CA THR A 387 -18.21 30.31 9.70
C THR A 387 -19.30 31.36 9.77
N ASP A 388 -19.96 31.64 8.64
CA ASP A 388 -21.06 32.59 8.64
C ASP A 388 -22.21 32.10 9.53
N ALA A 389 -22.52 30.80 9.45
CA ALA A 389 -23.56 30.24 10.31
C ALA A 389 -23.19 30.38 11.77
N PHE A 390 -21.93 30.12 12.12
CA PHE A 390 -21.49 30.29 13.51
C PHE A 390 -21.60 31.74 13.94
N LEU A 391 -21.23 32.67 13.06
CA LEU A 391 -21.31 34.09 13.38
C LEU A 391 -22.75 34.50 13.63
N LYS A 392 -23.69 33.96 12.85
CA LYS A 392 -25.10 34.30 13.04
C LYS A 392 -25.68 33.63 14.27
N ALA A 393 -25.18 32.47 14.65
CA ALA A 393 -25.69 31.74 15.81
C ALA A 393 -24.92 32.04 17.09
N ASP A 394 -23.92 32.91 17.04
CA ASP A 394 -23.11 33.19 18.22
C ASP A 394 -23.93 33.69 19.39
N ASP A 395 -24.85 34.63 19.13
CA ASP A 395 -25.54 35.32 20.22
C ASP A 395 -26.55 34.44 20.95
N TYR A 396 -26.87 33.26 20.44
CA TYR A 396 -27.91 32.43 21.02
C TYR A 396 -27.42 31.06 21.46
N ILE A 397 -26.11 30.83 21.48
CA ILE A 397 -25.52 29.60 21.97
C ILE A 397 -24.80 29.91 23.27
N GLU A 398 -25.15 29.19 24.34
CA GLU A 398 -24.56 29.38 25.65
C GLU A 398 -23.88 28.09 26.10
N ILE A 399 -22.62 28.19 26.51
CA ILE A 399 -21.85 27.06 27.03
C ILE A 399 -21.58 27.32 28.51
N THR A 400 -21.90 26.33 29.35
CA THR A 400 -21.73 26.47 30.79
C THR A 400 -20.24 26.46 31.13
N GLY A 401 -19.74 27.60 31.62
CA GLY A 401 -18.33 27.73 31.95
C GLY A 401 -17.97 27.17 33.31
N ALA A 402 -17.13 27.89 34.04
CA ALA A 402 -16.69 27.47 35.37
C ALA A 402 -17.53 28.14 36.43
N GLY A 403 -18.00 27.36 37.40
CA GLY A 403 -18.85 27.88 38.45
C GLY A 403 -20.21 28.35 37.99
N GLY A 404 -20.80 27.67 37.01
CA GLY A 404 -22.11 28.00 36.52
C GLY A 404 -22.18 29.16 35.55
N LYS A 405 -21.05 29.74 35.17
CA LYS A 405 -21.05 30.84 34.23
C LYS A 405 -21.48 30.36 32.85
N LYS A 406 -22.03 31.29 32.06
CA LYS A 406 -22.51 30.99 30.71
C LYS A 406 -21.63 31.73 29.70
N TYR A 407 -21.15 31.01 28.70
CA TYR A 407 -20.24 31.55 27.71
C TYR A 407 -20.77 31.33 26.31
N ARG A 408 -20.51 32.28 25.43
CA ARG A 408 -20.86 32.15 24.02
C ARG A 408 -19.82 31.29 23.30
N ILE A 409 -20.05 31.06 22.01
CA ILE A 409 -19.05 30.35 21.21
C ILE A 409 -17.77 31.15 21.10
N SER A 410 -17.89 32.46 20.82
CA SER A 410 -16.71 33.29 20.63
C SER A 410 -16.01 33.61 21.96
N THR A 411 -16.75 33.64 23.06
CA THR A 411 -16.18 33.99 24.35
C THR A 411 -15.78 32.76 25.17
N ALA A 412 -15.89 31.56 24.60
CA ALA A 412 -15.50 30.35 25.31
C ALA A 412 -14.01 30.09 25.27
N ILE A 413 -13.24 30.95 24.60
CA ILE A 413 -11.79 30.80 24.51
C ILE A 413 -11.15 31.53 25.68
N ASP A 414 -11.97 32.00 26.61
CA ASP A 414 -11.50 32.65 27.82
C ASP A 414 -11.71 31.80 29.08
N ASP A 415 -12.27 30.60 28.95
CA ASP A 415 -12.52 29.73 30.09
C ASP A 415 -12.49 28.30 29.58
N MET A 416 -11.47 27.54 29.97
CA MET A 416 -11.27 26.22 29.40
C MET A 416 -12.27 25.19 29.91
N GLU A 417 -12.95 25.47 31.04
CA GLU A 417 -14.05 24.61 31.44
C GLU A 417 -15.17 24.64 30.39
N ALA A 418 -15.44 25.82 29.84
CA ALA A 418 -16.41 25.91 28.74
C ALA A 418 -15.78 25.44 27.42
N TYR A 419 -14.51 25.76 27.19
CA TYR A 419 -13.87 25.40 25.93
C TYR A 419 -13.71 23.90 25.78
N THR A 420 -13.73 23.15 26.88
CA THR A 420 -13.67 21.70 26.79
C THR A 420 -14.88 21.12 26.07
N LYS A 421 -16.01 21.83 26.08
CA LYS A 421 -17.24 21.36 25.45
C LYS A 421 -17.52 22.04 24.12
N LEU A 422 -16.59 22.86 23.62
CA LEU A 422 -16.76 23.55 22.34
C LEU A 422 -16.03 22.74 21.27
N THR A 423 -16.73 21.75 20.72
CA THR A 423 -16.22 20.86 19.69
C THR A 423 -17.08 21.01 18.43
N ASP A 424 -16.88 20.09 17.48
CA ASP A 424 -17.70 20.05 16.27
C ASP A 424 -19.18 19.85 16.57
N ASN A 425 -19.55 19.68 17.83
CA ASN A 425 -20.95 19.43 18.20
C ASN A 425 -21.85 20.62 17.88
N ILE A 426 -21.32 21.85 17.93
CA ILE A 426 -22.19 23.01 17.74
C ILE A 426 -22.76 23.07 16.33
N PHE A 427 -22.08 22.43 15.37
CA PHE A 427 -22.64 22.32 14.02
C PHE A 427 -23.98 21.61 14.04
N LEU A 428 -24.05 20.44 14.67
CA LEU A 428 -25.31 19.72 14.77
C LEU A 428 -26.25 20.35 15.80
N GLU A 429 -25.72 21.13 16.74
CA GLU A 429 -26.57 21.93 17.61
C GLU A 429 -27.40 22.91 16.79
N ILE A 430 -26.72 23.69 15.95
CA ILE A 430 -27.40 24.67 15.11
C ILE A 430 -28.30 23.97 14.10
N LEU A 431 -27.81 22.90 13.48
CA LEU A 431 -28.57 22.24 12.42
C LEU A 431 -29.88 21.67 12.93
N TYR A 432 -29.86 21.07 14.12
CA TYR A 432 -31.03 20.40 14.68
C TYR A 432 -31.85 21.30 15.60
N SER A 433 -31.49 22.57 15.73
CA SER A 433 -32.16 23.44 16.68
C SER A 433 -33.56 23.81 16.19
N THR A 434 -34.52 23.79 17.11
CA THR A 434 -35.87 24.27 16.84
C THR A 434 -36.11 25.68 17.35
N ASP A 435 -35.08 26.32 17.90
CA ASP A 435 -35.22 27.67 18.42
C ASP A 435 -35.38 28.65 17.27
N PRO A 436 -36.45 29.46 17.24
CA PRO A 436 -36.60 30.43 16.15
C PRO A 436 -35.49 31.48 16.10
N LYS A 437 -34.74 31.67 17.19
CA LYS A 437 -33.65 32.64 17.16
C LYS A 437 -32.53 32.20 16.22
N LEU A 438 -32.26 30.89 16.19
CA LEU A 438 -31.19 30.34 15.35
C LEU A 438 -31.63 30.06 13.93
N LYS A 439 -32.70 30.71 13.46
CA LYS A 439 -33.30 30.34 12.18
C LYS A 439 -32.37 30.61 11.01
N ASP A 440 -31.70 31.76 11.00
CA ASP A 440 -30.84 32.11 9.87
C ASP A 440 -29.65 31.15 9.77
N ALA A 441 -29.03 30.86 10.90
CA ALA A 441 -27.91 29.92 10.90
C ALA A 441 -28.36 28.52 10.50
N ARG A 442 -29.54 28.11 10.97
CA ARG A 442 -30.07 26.82 10.58
C ARG A 442 -30.34 26.76 9.08
N GLU A 443 -30.84 27.86 8.51
CA GLU A 443 -31.07 27.91 7.06
C GLU A 443 -29.77 27.81 6.30
N ILE A 444 -28.71 28.48 6.77
CA ILE A 444 -27.41 28.38 6.11
C ILE A 444 -26.89 26.95 6.16
N LEU A 445 -26.99 26.32 7.33
CA LEU A 445 -26.53 24.94 7.46
C LEU A 445 -27.35 23.99 6.58
N LYS A 446 -28.65 24.25 6.43
CA LYS A 446 -29.46 23.40 5.56
C LYS A 446 -29.14 23.65 4.08
N GLN A 447 -28.79 24.88 3.73
CA GLN A 447 -28.30 25.14 2.38
C GLN A 447 -27.03 24.36 2.11
N ILE A 448 -26.17 24.23 3.12
CA ILE A 448 -25.02 23.34 3.00
C ILE A 448 -25.49 21.89 2.84
N GLU A 449 -26.50 21.49 3.61
CA GLU A 449 -27.00 20.11 3.54
C GLU A 449 -27.53 19.79 2.15
N TYR A 450 -28.10 20.77 1.46
CA TYR A 450 -28.64 20.58 0.12
C TYR A 450 -27.62 20.85 -0.97
N ARG A 451 -26.38 21.16 -0.60
CA ARG A 451 -25.31 21.45 -1.56
C ARG A 451 -25.71 22.61 -2.47
N ASN A 452 -26.47 23.56 -1.92
CA ASN A 452 -26.76 24.81 -2.60
C ASN A 452 -25.70 25.85 -2.27
N LEU A 453 -24.45 25.48 -2.54
CA LEU A 453 -23.31 26.28 -2.12
C LEU A 453 -23.22 27.55 -2.96
N PHE A 454 -22.40 28.48 -2.47
CA PHE A 454 -22.07 29.66 -3.25
C PHE A 454 -21.25 29.23 -4.46
N LYS A 455 -21.46 29.93 -5.58
CA LYS A 455 -20.90 29.51 -6.86
C LYS A 455 -19.51 30.10 -7.09
N TYR A 456 -18.61 29.27 -7.59
CA TYR A 456 -17.27 29.70 -7.96
C TYR A 456 -17.31 30.66 -9.15
N VAL A 457 -16.40 31.62 -9.15
CA VAL A 457 -16.31 32.59 -10.24
C VAL A 457 -14.95 32.48 -10.92
N GLY A 458 -13.88 32.69 -10.16
CA GLY A 458 -12.55 32.62 -10.75
C GLY A 458 -11.47 32.84 -9.72
N GLU A 459 -10.22 32.71 -10.17
CA GLU A 459 -9.04 32.96 -9.36
C GLU A 459 -8.13 33.93 -10.08
N THR A 460 -7.14 34.45 -9.35
CA THR A 460 -6.18 35.38 -9.91
C THR A 460 -4.84 35.17 -9.21
N GLN A 461 -3.81 35.87 -9.70
CA GLN A 461 -2.46 35.86 -9.16
C GLN A 461 -1.92 37.28 -9.13
N PRO A 462 -1.74 37.89 -7.97
CA PRO A 462 -1.07 39.19 -7.92
C PRO A 462 0.33 39.09 -8.50
N THR A 463 0.71 40.11 -9.27
CA THR A 463 2.01 40.14 -9.93
C THR A 463 2.97 41.15 -9.33
N GLY A 464 2.47 42.19 -8.69
CA GLY A 464 3.35 43.14 -8.04
C GLY A 464 4.05 42.54 -6.83
N GLN A 465 5.21 43.09 -6.51
CA GLN A 465 5.98 42.62 -5.37
C GLN A 465 5.25 42.84 -4.05
N ILE A 466 4.31 43.79 -4.01
CA ILE A 466 3.56 44.08 -2.79
C ILE A 466 2.30 43.23 -2.77
N LYS A 467 2.13 42.46 -1.70
CA LYS A 467 0.93 41.65 -1.52
C LYS A 467 -0.03 42.35 -0.57
N ILE A 468 -1.32 42.04 -0.74
CA ILE A 468 -2.37 42.67 0.06
C ILE A 468 -2.42 41.99 1.43
N LYS A 469 -2.37 42.80 2.48
CA LYS A 469 -2.33 42.27 3.84
C LYS A 469 -3.74 41.87 4.29
N ARG A 470 -3.79 41.19 5.44
CA ARG A 470 -5.07 40.75 5.99
C ARG A 470 -5.95 41.91 6.40
N GLU A 471 -5.38 43.09 6.65
CA GLU A 471 -6.18 44.25 6.98
C GLU A 471 -7.08 44.71 5.84
N ASP A 472 -6.75 44.35 4.60
CA ASP A 472 -7.52 44.74 3.44
C ASP A 472 -8.36 43.59 2.88
N TYR A 473 -8.55 42.52 3.65
CA TYR A 473 -9.29 41.37 3.14
C TYR A 473 -10.75 41.72 2.88
N GLU A 474 -11.37 42.46 3.80
CA GLU A 474 -12.79 42.76 3.68
C GLU A 474 -13.09 43.92 2.73
N SER A 475 -12.08 44.69 2.34
CA SER A 475 -12.27 45.78 1.40
C SER A 475 -12.26 45.33 -0.05
N LEU A 476 -11.87 44.08 -0.32
CA LEU A 476 -11.84 43.58 -1.69
C LEU A 476 -13.22 43.50 -2.34
N PRO A 477 -14.27 43.00 -1.69
CA PRO A 477 -15.59 42.98 -2.35
C PRO A 477 -16.08 44.37 -2.77
N LYS A 478 -15.75 45.41 -2.00
CA LYS A 478 -16.13 46.76 -2.40
C LYS A 478 -15.52 47.15 -3.73
N GLU A 479 -14.23 46.83 -3.93
CA GLU A 479 -13.59 47.12 -5.20
C GLU A 479 -14.10 46.21 -6.30
N VAL A 480 -14.46 44.97 -5.97
CA VAL A 480 -14.98 44.05 -6.97
C VAL A 480 -16.31 44.55 -7.51
N ALA A 481 -17.19 45.00 -6.62
CA ALA A 481 -18.49 45.51 -7.04
C ALA A 481 -18.40 46.82 -7.80
N SER A 482 -17.26 47.52 -7.70
CA SER A 482 -17.08 48.81 -8.35
C SER A 482 -16.62 48.70 -9.79
N ALA A 483 -16.44 47.49 -10.31
CA ALA A 483 -16.00 47.31 -11.69
C ALA A 483 -17.06 47.79 -12.67
N LYS A 484 -16.61 48.22 -13.85
CA LYS A 484 -17.48 48.74 -14.90
C LYS A 484 -17.15 48.03 -16.21
N PRO A 485 -17.58 46.78 -16.36
CA PRO A 485 -17.31 46.06 -17.62
C PRO A 485 -18.04 46.70 -18.79
N LYS A 486 -17.40 46.68 -19.94
CA LYS A 486 -17.98 47.23 -21.17
C LYS A 486 -18.71 46.15 -21.96
N VAL A 487 -19.60 45.44 -21.27
CA VAL A 487 -20.40 44.37 -21.85
C VAL A 487 -21.86 44.62 -21.49
N LEU A 488 -22.75 44.05 -22.29
CA LEU A 488 -24.19 44.20 -22.06
C LEU A 488 -24.64 43.39 -20.85
N LEU A 489 -24.72 44.02 -19.69
CA LEU A 489 -25.15 43.36 -18.46
C LEU A 489 -26.56 43.83 -18.12
N ASP A 490 -27.46 42.87 -17.92
CA ASP A 490 -28.85 43.15 -17.59
C ASP A 490 -29.13 43.16 -16.09
N VAL A 491 -28.14 42.85 -15.26
CA VAL A 491 -28.31 42.82 -13.82
C VAL A 491 -27.07 43.43 -13.16
N LYS A 492 -27.28 44.26 -12.16
CA LYS A 492 -26.22 44.90 -11.40
C LYS A 492 -26.10 44.22 -10.04
N LEU A 493 -24.87 43.91 -9.64
CA LEU A 493 -24.60 43.19 -8.40
C LEU A 493 -24.09 44.14 -7.32
N LYS A 494 -24.08 43.63 -6.08
CA LYS A 494 -23.66 44.39 -4.92
C LYS A 494 -22.55 43.61 -4.21
N ALA A 495 -21.74 44.34 -3.44
CA ALA A 495 -20.64 43.71 -2.70
C ALA A 495 -21.14 42.69 -1.70
N GLU A 496 -22.41 42.80 -1.28
CA GLU A 496 -22.98 41.81 -0.38
C GLU A 496 -23.07 40.44 -1.04
N ASP A 497 -23.21 40.41 -2.36
CA ASP A 497 -23.29 39.16 -3.11
C ASP A 497 -21.94 38.62 -3.53
N PHE A 498 -20.84 39.28 -3.17
CA PHE A 498 -19.50 38.89 -3.55
C PHE A 498 -18.71 38.43 -2.34
N ILE A 499 -17.97 37.33 -2.50
CA ILE A 499 -17.09 36.80 -1.47
C ILE A 499 -15.70 36.63 -2.07
N VAL A 500 -14.69 37.14 -1.36
CA VAL A 500 -13.30 36.95 -1.75
C VAL A 500 -12.65 36.01 -0.74
N ASP A 501 -11.60 35.32 -1.18
CA ASP A 501 -10.90 34.37 -0.33
C ASP A 501 -9.42 34.40 -0.71
N VAL A 502 -8.63 35.07 0.11
CA VAL A 502 -7.20 35.20 -0.12
C VAL A 502 -6.48 34.00 0.50
N ILE A 503 -5.62 33.36 -0.28
CA ILE A 503 -4.87 32.19 0.16
C ILE A 503 -3.38 32.48 -0.04
N ASN A 504 -2.59 32.18 0.98
CA ASN A 504 -1.15 32.36 0.94
C ASN A 504 -0.48 30.99 0.87
N MET A 505 0.31 30.78 -0.17
CA MET A 505 1.06 29.53 -0.34
C MET A 505 2.53 29.81 -0.04
N ASP A 506 3.10 29.04 0.88
CA ASP A 506 4.46 29.26 1.34
C ASP A 506 5.10 27.93 1.69
N TYR A 507 6.33 28.01 2.22
CA TYR A 507 7.09 26.83 2.64
C TYR A 507 7.22 26.74 4.15
N GLY A 508 6.30 27.35 4.89
CA GLY A 508 6.43 27.48 6.33
C GLY A 508 7.16 28.73 6.77
N MET A 509 8.03 29.27 5.93
CA MET A 509 8.68 30.57 6.13
C MET A 509 8.27 31.40 4.92
N GLN A 510 7.66 32.55 5.17
CA GLN A 510 6.94 33.27 4.12
C GLN A 510 7.84 33.59 2.94
N GLU A 511 8.82 34.47 3.14
CA GLU A 511 9.66 34.93 2.04
C GLU A 511 11.03 34.25 2.02
N LYS A 512 11.33 33.41 3.01
CA LYS A 512 12.65 32.85 3.19
C LYS A 512 12.65 31.36 2.86
N ASN A 513 13.77 30.89 2.32
CA ASN A 513 13.93 29.48 2.01
C ASN A 513 14.11 28.70 3.30
N PRO A 514 13.23 27.75 3.61
CA PRO A 514 13.40 26.98 4.86
C PRO A 514 14.68 26.15 4.89
N ILE A 515 15.20 25.74 3.74
CA ILE A 515 16.42 24.95 3.71
C ILE A 515 17.64 25.83 3.95
N ASP A 516 17.51 27.15 3.76
CA ASP A 516 18.61 28.05 4.07
C ASP A 516 18.93 28.10 5.56
N HIS A 517 18.05 27.57 6.40
CA HIS A 517 18.24 27.51 7.85
C HIS A 517 18.34 26.07 8.32
N VAL A 518 19.03 25.23 7.55
CA VAL A 518 19.26 23.83 7.91
C VAL A 518 20.75 23.55 7.79
N SER A 519 21.28 22.81 8.76
CA SER A 519 22.70 22.48 8.81
C SER A 519 22.89 21.02 8.45
N PHE A 520 23.92 20.74 7.65
CA PHE A 520 24.17 19.42 7.11
C PHE A 520 25.55 18.92 7.52
N TYR A 521 25.68 17.60 7.61
CA TYR A 521 26.94 16.94 7.94
C TYR A 521 27.27 15.92 6.87
N CYS A 522 28.56 15.61 6.74
CA CYS A 522 29.04 14.69 5.73
C CYS A 522 29.66 13.45 6.37
N LYS A 523 29.91 12.44 5.53
CA LYS A 523 30.46 11.18 6.01
C LYS A 523 31.89 11.34 6.52
N THR A 524 32.70 12.17 5.85
CA THR A 524 34.08 12.36 6.26
C THR A 524 34.18 13.03 7.63
N ALA A 525 33.33 14.02 7.89
CA ALA A 525 33.32 14.75 9.16
C ALA A 525 31.92 14.68 9.74
N PRO A 526 31.61 13.66 10.54
CA PRO A 526 30.27 13.52 11.11
C PRO A 526 29.95 14.47 12.24
N ASN A 527 30.81 15.45 12.53
CA ASN A 527 30.56 16.40 13.60
C ASN A 527 30.69 17.85 13.17
N ARG A 528 31.12 18.13 11.95
CA ARG A 528 31.18 19.49 11.43
C ARG A 528 29.95 19.76 10.59
N ALA A 529 29.28 20.88 10.86
CA ALA A 529 28.06 21.25 10.17
C ALA A 529 28.35 22.31 9.12
N ILE A 530 27.67 22.21 7.98
CA ILE A 530 27.88 23.12 6.85
C ILE A 530 26.54 23.59 6.32
N ARG A 531 26.58 24.67 5.55
CA ARG A 531 25.40 25.23 4.91
C ARG A 531 25.47 24.97 3.41
N ILE A 532 24.35 24.54 2.83
CA ILE A 532 24.24 24.27 1.41
C ILE A 532 23.28 25.29 0.80
N THR A 533 23.76 26.05 -0.17
CA THR A 533 22.92 27.04 -0.83
C THR A 533 22.05 26.36 -1.89
N LYS A 534 21.07 27.11 -2.40
CA LYS A 534 20.15 26.55 -3.38
C LYS A 534 20.86 26.22 -4.67
N ASN A 535 21.75 27.09 -5.14
CA ASN A 535 22.43 26.87 -6.40
C ASN A 535 23.39 25.68 -6.35
N GLN A 536 23.75 25.20 -5.17
CA GLN A 536 24.62 24.05 -5.03
C GLN A 536 23.88 22.72 -5.05
N VAL A 537 22.55 22.75 -5.12
CA VAL A 537 21.74 21.55 -5.16
C VAL A 537 21.25 21.24 -6.57
N SER A 538 20.54 22.18 -7.18
CA SER A 538 20.01 22.01 -8.52
C SER A 538 19.59 23.36 -9.05
N GLN A 539 19.52 23.46 -10.38
CA GLN A 539 18.99 24.64 -11.05
C GLN A 539 17.51 24.47 -11.41
N LEU A 540 16.89 23.37 -10.98
CA LEU A 540 15.50 23.07 -11.27
C LEU A 540 14.65 23.19 -10.01
N LEU A 541 14.94 24.19 -9.18
CA LEU A 541 14.26 24.45 -7.93
C LEU A 541 13.50 25.76 -8.03
N PRO A 542 12.43 25.94 -7.24
CA PRO A 542 11.64 27.17 -7.33
C PRO A 542 12.49 28.40 -7.05
N GLU A 543 12.28 29.44 -7.85
CA GLU A 543 12.97 30.71 -7.64
C GLU A 543 12.29 31.59 -6.60
N LYS A 544 11.06 31.27 -6.22
CA LYS A 544 10.33 32.01 -5.21
C LYS A 544 9.61 31.03 -4.30
N PHE A 545 9.43 31.41 -3.04
CA PHE A 545 8.80 30.55 -2.05
C PHE A 545 7.52 31.12 -1.49
N ALA A 546 7.07 32.28 -1.97
CA ALA A 546 5.83 32.90 -1.53
C ALA A 546 5.00 33.28 -2.74
N GLU A 547 3.73 32.90 -2.72
CA GLU A 547 2.79 33.31 -3.75
C GLU A 547 1.41 33.49 -3.11
N GLN A 548 0.58 34.29 -3.76
CA GLN A 548 -0.73 34.65 -3.24
C GLN A 548 -1.77 34.39 -4.33
N LEU A 549 -2.90 33.82 -3.94
CA LEU A 549 -3.98 33.54 -4.88
C LEU A 549 -5.31 33.91 -4.26
N ILE A 550 -6.15 34.60 -5.03
CA ILE A 550 -7.40 35.16 -4.54
C ILE A 550 -8.55 34.50 -5.29
N ARG A 551 -9.47 33.90 -4.55
CA ARG A 551 -10.69 33.36 -5.13
C ARG A 551 -11.83 34.37 -5.00
N VAL A 552 -12.84 34.22 -5.85
CA VAL A 552 -14.04 35.03 -5.82
C VAL A 552 -15.24 34.13 -6.01
N TYR A 553 -16.27 34.32 -5.19
CA TYR A 553 -17.46 33.49 -5.21
C TYR A 553 -18.70 34.38 -5.34
N CYS A 554 -19.81 33.75 -5.73
CA CYS A 554 -21.09 34.44 -5.84
C CYS A 554 -22.13 33.68 -5.03
N LYS A 555 -22.99 34.42 -4.35
CA LYS A 555 -23.99 33.82 -3.47
C LYS A 555 -25.28 33.43 -4.19
N LYS A 556 -25.44 33.80 -5.45
CA LYS A 556 -26.66 33.52 -6.20
C LYS A 556 -26.48 32.30 -7.09
N VAL A 557 -27.60 31.64 -7.38
CA VAL A 557 -27.58 30.36 -8.08
C VAL A 557 -28.37 30.43 -9.39
N ASP A 558 -28.41 31.61 -10.01
CA ASP A 558 -29.05 31.79 -11.30
C ASP A 558 -27.99 32.15 -12.33
N ARG A 559 -28.14 31.60 -13.55
CA ARG A 559 -27.09 31.71 -14.55
C ARG A 559 -26.81 33.15 -14.94
N LYS A 560 -27.83 34.00 -14.93
CA LYS A 560 -27.61 35.42 -15.24
C LYS A 560 -26.69 36.06 -14.20
N SER A 561 -26.91 35.75 -12.92
CA SER A 561 -26.03 36.27 -11.88
C SER A 561 -24.61 35.72 -12.03
N LEU A 562 -24.50 34.44 -12.43
CA LEU A 562 -23.18 33.88 -12.68
C LEU A 562 -22.45 34.62 -13.79
N TYR A 563 -23.16 34.91 -14.88
CA TYR A 563 -22.53 35.64 -15.99
C TYR A 563 -22.12 37.04 -15.55
N ALA A 564 -22.99 37.72 -14.79
CA ALA A 564 -22.66 39.07 -14.33
C ALA A 564 -21.46 39.06 -13.40
N ALA A 565 -21.41 38.09 -12.47
CA ALA A 565 -20.29 38.00 -11.55
C ALA A 565 -18.99 37.68 -12.29
N ARG A 566 -19.05 36.79 -13.28
CA ARG A 566 -17.85 36.49 -14.05
C ARG A 566 -17.35 37.72 -14.80
N GLN A 567 -18.26 38.49 -15.41
CA GLN A 567 -17.85 39.71 -16.09
C GLN A 567 -17.21 40.70 -15.12
N TYR A 568 -17.84 40.89 -13.95
CA TYR A 568 -17.29 41.81 -12.96
C TYR A 568 -15.90 41.38 -12.50
N PHE A 569 -15.74 40.08 -12.24
CA PHE A 569 -14.45 39.57 -11.78
C PHE A 569 -13.37 39.73 -12.84
N VAL A 570 -13.69 39.42 -14.09
CA VAL A 570 -12.70 39.56 -15.16
C VAL A 570 -12.31 41.02 -15.35
N GLN A 571 -13.29 41.92 -15.31
CA GLN A 571 -12.99 43.35 -15.44
C GLN A 571 -12.14 43.83 -14.27
N TRP A 572 -12.43 43.37 -13.05
CA TRP A 572 -11.63 43.76 -11.89
C TRP A 572 -10.19 43.26 -12.03
N CYS A 573 -10.02 42.01 -12.48
CA CYS A 573 -8.68 41.49 -12.69
C CYS A 573 -7.92 42.28 -13.74
N ALA A 574 -8.60 42.66 -14.83
CA ALA A 574 -7.94 43.46 -15.85
C ALA A 574 -7.64 44.87 -15.37
N ASP A 575 -8.41 45.38 -14.42
CA ASP A 575 -8.24 46.75 -13.95
C ASP A 575 -6.95 46.91 -13.17
N ARG A 576 -6.67 46.00 -12.23
CA ARG A 576 -5.54 46.13 -11.32
C ARG A 576 -4.28 45.46 -11.83
N ASN A 577 -4.23 45.10 -13.11
CA ASN A 577 -3.08 44.46 -13.73
C ASN A 577 -2.72 43.16 -12.99
N PHE A 578 -3.70 42.28 -12.91
CA PHE A 578 -3.53 40.96 -12.34
C PHE A 578 -3.29 39.96 -13.46
N THR A 579 -3.10 38.69 -13.10
CA THR A 579 -2.81 37.68 -14.10
C THR A 579 -4.06 37.37 -14.92
N LYS A 580 -3.83 36.78 -16.08
CA LYS A 580 -4.94 36.32 -16.92
C LYS A 580 -5.52 35.04 -16.32
N PRO A 581 -6.82 34.99 -16.06
CA PRO A 581 -7.40 33.75 -15.53
C PRO A 581 -7.20 32.58 -16.48
N GLN A 582 -7.09 31.39 -15.92
CA GLN A 582 -6.74 30.21 -16.72
C GLN A 582 -7.78 29.91 -17.80
N ASP A 583 -8.99 30.44 -17.66
CA ASP A 583 -10.03 30.30 -18.68
C ASP A 583 -10.70 31.63 -18.95
N GLY A 584 -9.89 32.69 -19.10
CA GLY A 584 -10.45 33.99 -19.40
C GLY A 584 -10.96 34.17 -20.81
N ASP A 585 -10.57 33.28 -21.73
CA ASP A 585 -10.95 33.39 -23.13
C ASP A 585 -12.23 32.66 -23.47
N VAL A 586 -12.87 32.01 -22.50
CA VAL A 586 -14.09 31.25 -22.72
C VAL A 586 -15.26 31.80 -21.92
N ILE A 587 -15.09 31.91 -20.60
CA ILE A 587 -16.18 32.40 -19.75
C ILE A 587 -16.48 33.87 -20.05
N ALA A 588 -15.45 34.66 -20.36
CA ALA A 588 -15.61 36.07 -20.67
C ALA A 588 -14.65 36.46 -21.79
N PRO A 589 -14.96 36.08 -23.03
CA PRO A 589 -14.05 36.36 -24.14
C PRO A 589 -14.14 37.79 -24.68
N LEU A 590 -15.00 38.62 -24.13
CA LEU A 590 -15.16 40.00 -24.60
C LEU A 590 -14.26 40.99 -23.86
N ILE A 591 -13.55 40.56 -22.83
CA ILE A 591 -12.69 41.45 -22.07
C ILE A 591 -11.20 41.18 -22.32
N THR A 592 -10.80 39.93 -22.52
CA THR A 592 -9.39 39.62 -22.75
C THR A 592 -8.77 40.35 -23.94
N PRO A 593 -9.45 40.54 -25.09
CA PRO A 593 -8.80 41.31 -26.16
C PRO A 593 -8.39 42.72 -25.75
N GLN A 594 -9.09 43.32 -24.79
CA GLN A 594 -8.69 44.64 -24.30
C GLN A 594 -7.32 44.58 -23.63
N LYS A 595 -7.06 43.51 -22.88
CA LYS A 595 -5.77 43.34 -22.20
C LYS A 595 -4.75 42.86 -23.23
N LYS A 596 -4.00 43.82 -23.79
CA LYS A 596 -3.01 43.47 -24.82
C LYS A 596 -1.89 42.61 -24.24
N GLU A 597 -1.46 42.90 -23.02
CA GLU A 597 -0.37 42.13 -22.41
C GLU A 597 -0.77 40.68 -22.18
N TRP A 598 -2.06 40.41 -21.98
CA TRP A 598 -2.52 39.04 -21.74
C TRP A 598 -2.43 38.18 -22.99
N ASN A 599 -2.33 38.79 -24.16
CA ASN A 599 -2.27 38.03 -25.41
C ASN A 599 -0.95 38.28 -26.14
N ASP B 113 -27.17 19.34 -15.38
CA ASP B 113 -26.74 18.31 -14.44
C ASP B 113 -25.64 17.44 -15.06
N THR B 114 -24.40 17.87 -14.89
CA THR B 114 -23.24 17.17 -15.44
C THR B 114 -22.77 16.10 -14.45
N MET B 115 -22.14 15.06 -14.99
CA MET B 115 -21.64 13.97 -14.17
C MET B 115 -20.55 14.47 -13.22
N LYS B 116 -20.58 13.99 -11.98
CA LYS B 116 -19.67 14.41 -10.93
C LYS B 116 -18.76 13.25 -10.51
N VAL B 117 -17.56 13.60 -10.06
CA VAL B 117 -16.54 12.63 -9.70
C VAL B 117 -16.06 12.93 -8.28
N ILE B 118 -15.84 11.87 -7.50
CA ILE B 118 -15.36 11.98 -6.13
C ILE B 118 -14.11 11.12 -5.99
N ASN B 119 -13.16 11.60 -5.20
CA ASN B 119 -11.88 10.92 -5.01
C ASN B 119 -11.95 10.09 -3.73
N ASP B 120 -12.48 8.89 -3.85
CA ASP B 120 -12.53 7.95 -2.74
C ASP B 120 -11.14 7.36 -2.49
N PRO B 121 -10.79 7.08 -1.23
CA PRO B 121 -9.47 6.51 -0.94
C PRO B 121 -9.35 5.03 -1.27
N ILE B 122 -10.47 4.31 -1.25
CA ILE B 122 -10.44 2.87 -1.50
C ILE B 122 -10.62 2.57 -2.98
N HIS B 123 -11.57 3.25 -3.64
CA HIS B 123 -11.91 2.97 -5.03
C HIS B 123 -11.44 4.06 -5.98
N GLY B 124 -10.51 4.90 -5.55
CA GLY B 124 -10.02 5.94 -6.43
C GLY B 124 -11.12 6.92 -6.79
N HIS B 125 -11.22 7.22 -8.09
CA HIS B 125 -12.22 8.15 -8.58
C HIS B 125 -13.50 7.42 -8.92
N ILE B 126 -14.63 7.98 -8.50
CA ILE B 126 -15.96 7.40 -8.71
C ILE B 126 -16.80 8.41 -9.46
N GLU B 127 -17.41 7.97 -10.55
CA GLU B 127 -18.30 8.81 -11.36
C GLU B 127 -19.75 8.53 -10.96
N LEU B 128 -20.50 9.60 -10.72
CA LEU B 128 -21.87 9.50 -10.21
C LEU B 128 -22.84 10.10 -11.20
N HIS B 129 -23.90 9.34 -11.51
CA HIS B 129 -24.95 9.81 -12.39
C HIS B 129 -25.69 10.99 -11.74
N PRO B 130 -26.19 11.93 -12.55
CA PRO B 130 -26.89 13.09 -11.97
C PRO B 130 -28.07 12.71 -11.09
N LEU B 131 -28.78 11.62 -11.40
CA LEU B 131 -29.84 11.16 -10.51
C LEU B 131 -29.27 10.75 -9.15
N LEU B 132 -28.13 10.08 -9.15
CA LEU B 132 -27.46 9.74 -7.89
C LEU B 132 -27.04 11.00 -7.14
N VAL B 133 -26.52 12.00 -7.85
CA VAL B 133 -26.12 13.24 -7.21
C VAL B 133 -27.32 13.93 -6.57
N ARG B 134 -28.47 13.90 -7.25
CA ARG B 134 -29.68 14.47 -6.66
C ARG B 134 -30.13 13.67 -5.44
N ILE B 135 -29.99 12.35 -5.48
CA ILE B 135 -30.45 11.53 -4.37
C ILE B 135 -29.57 11.74 -3.14
N ILE B 136 -28.26 11.86 -3.33
CA ILE B 136 -27.37 12.01 -2.17
C ILE B 136 -27.49 13.38 -1.54
N ASP B 137 -27.79 14.42 -2.33
CA ASP B 137 -27.77 15.79 -1.83
C ASP B 137 -29.10 16.13 -1.14
N THR B 138 -29.47 15.27 -0.19
CA THR B 138 -30.68 15.42 0.61
C THR B 138 -30.31 15.21 2.08
N PRO B 139 -31.05 15.82 2.99
CA PRO B 139 -30.75 15.60 4.42
C PRO B 139 -30.82 14.14 4.84
N GLN B 140 -31.73 13.36 4.25
CA GLN B 140 -31.87 11.96 4.62
C GLN B 140 -30.65 11.14 4.28
N PHE B 141 -29.83 11.59 3.33
CA PHE B 141 -28.58 10.91 3.01
C PHE B 141 -27.37 11.50 3.72
N GLN B 142 -27.30 12.83 3.81
CA GLN B 142 -26.22 13.45 4.58
C GLN B 142 -26.34 13.15 6.07
N ARG B 143 -27.48 12.62 6.52
CA ARG B 143 -27.59 12.14 7.88
C ARG B 143 -26.58 11.03 8.17
N LEU B 144 -26.22 10.24 7.16
CA LEU B 144 -25.22 9.20 7.32
C LEU B 144 -23.82 9.75 7.49
N ARG B 145 -23.61 11.02 7.18
CA ARG B 145 -22.29 11.63 7.32
C ARG B 145 -21.85 11.77 8.77
N TYR B 146 -22.76 11.55 9.73
CA TYR B 146 -22.47 11.75 11.14
C TYR B 146 -22.79 10.51 11.95
N ILE B 147 -22.67 9.33 11.34
CA ILE B 147 -22.91 8.06 12.01
C ILE B 147 -21.70 7.18 11.77
N LYS B 148 -20.98 6.83 12.85
CA LYS B 148 -19.79 6.00 12.72
C LYS B 148 -20.18 4.58 12.30
N GLN B 149 -19.40 4.02 11.39
CA GLN B 149 -19.65 2.64 10.97
C GLN B 149 -19.27 1.66 12.08
N LEU B 150 -18.17 1.92 12.77
CA LEU B 150 -17.75 1.15 13.94
C LEU B 150 -17.98 2.03 15.16
N GLY B 151 -19.03 1.75 15.91
CA GLY B 151 -19.36 2.57 17.07
C GLY B 151 -18.38 2.47 18.20
N GLY B 152 -18.30 1.29 18.83
CA GLY B 152 -17.35 1.10 19.91
C GLY B 152 -15.94 0.78 19.48
N GLY B 153 -15.73 0.52 18.20
CA GLY B 153 -14.39 0.26 17.70
C GLY B 153 -13.53 1.50 17.59
N TYR B 154 -14.15 2.69 17.54
CA TYR B 154 -13.37 3.92 17.52
C TYR B 154 -12.65 4.16 18.83
N TYR B 155 -13.15 3.61 19.93
CA TYR B 155 -12.52 3.78 21.23
C TYR B 155 -11.52 2.68 21.53
N VAL B 156 -11.30 1.75 20.60
CA VAL B 156 -10.24 0.76 20.68
C VAL B 156 -9.24 0.93 19.55
N PHE B 157 -9.71 1.12 18.33
CA PHE B 157 -8.86 1.40 17.19
C PHE B 157 -8.96 2.89 16.88
N PRO B 158 -7.92 3.69 17.16
CA PRO B 158 -8.02 5.13 16.92
C PRO B 158 -8.29 5.50 15.48
N GLY B 159 -7.81 4.73 14.51
CA GLY B 159 -8.00 5.09 13.11
C GLY B 159 -9.37 4.82 12.54
N ALA B 160 -10.19 4.03 13.24
CA ALA B 160 -11.52 3.65 12.74
C ALA B 160 -12.51 4.78 12.97
N SER B 161 -12.32 5.86 12.22
CA SER B 161 -13.15 7.05 12.31
C SER B 161 -13.92 7.30 11.01
N HIS B 162 -14.37 6.23 10.35
CA HIS B 162 -15.08 6.34 9.09
C HIS B 162 -16.57 6.11 9.31
N ASN B 163 -17.38 6.89 8.59
CA ASN B 163 -18.83 6.88 8.73
C ASN B 163 -19.46 5.96 7.68
N ARG B 164 -20.79 5.97 7.60
CA ARG B 164 -21.52 5.17 6.63
C ARG B 164 -21.73 5.88 5.31
N PHE B 165 -21.41 7.17 5.22
CA PHE B 165 -21.54 7.90 3.97
C PHE B 165 -20.59 7.34 2.91
N GLU B 166 -19.31 7.20 3.27
CA GLU B 166 -18.32 6.65 2.34
C GLU B 166 -18.66 5.21 1.98
N HIS B 167 -19.11 4.43 2.96
CA HIS B 167 -19.45 3.04 2.70
C HIS B 167 -20.61 2.94 1.73
N SER B 168 -21.63 3.80 1.88
CA SER B 168 -22.75 3.79 0.95
C SER B 168 -22.32 4.18 -0.46
N LEU B 169 -21.49 5.21 -0.58
CA LEU B 169 -20.98 5.60 -1.89
C LEU B 169 -20.19 4.46 -2.53
N GLY B 170 -19.34 3.79 -1.75
CA GLY B 170 -18.55 2.70 -2.29
C GLY B 170 -19.39 1.51 -2.71
N VAL B 171 -20.41 1.18 -1.91
CA VAL B 171 -21.28 0.05 -2.27
C VAL B 171 -22.04 0.36 -3.55
N GLY B 172 -22.52 1.60 -3.70
CA GLY B 172 -23.17 1.97 -4.94
C GLY B 172 -22.24 1.87 -6.14
N TYR B 173 -21.01 2.37 -5.98
CA TYR B 173 -20.04 2.29 -7.08
C TYR B 173 -19.73 0.85 -7.45
N LEU B 174 -19.55 -0.02 -6.45
CA LEU B 174 -19.23 -1.41 -6.74
C LEU B 174 -20.40 -2.13 -7.40
N ALA B 175 -21.63 -1.83 -6.97
CA ALA B 175 -22.79 -2.43 -7.61
C ALA B 175 -22.87 -2.00 -9.07
N GLY B 176 -22.65 -0.71 -9.34
CA GLY B 176 -22.63 -0.23 -10.71
C GLY B 176 -21.56 -0.92 -11.55
N CYS B 177 -20.36 -1.06 -10.98
CA CYS B 177 -19.26 -1.70 -11.71
C CYS B 177 -19.58 -3.16 -12.02
N LEU B 178 -20.13 -3.88 -11.04
CA LEU B 178 -20.45 -5.28 -11.26
C LEU B 178 -21.53 -5.45 -12.32
N VAL B 179 -22.58 -4.62 -12.27
CA VAL B 179 -23.65 -4.77 -13.25
C VAL B 179 -23.16 -4.37 -14.64
N HIS B 180 -22.31 -3.34 -14.73
CA HIS B 180 -21.78 -2.93 -16.02
C HIS B 180 -20.89 -4.02 -16.61
N ALA B 181 -20.06 -4.65 -15.78
CA ALA B 181 -19.20 -5.72 -16.27
C ALA B 181 -20.03 -6.92 -16.73
N LEU B 182 -21.05 -7.29 -15.95
CA LEU B 182 -21.90 -8.41 -16.34
C LEU B 182 -22.62 -8.11 -17.65
N GLY B 183 -23.07 -6.88 -17.84
CA GLY B 183 -23.72 -6.52 -19.09
C GLY B 183 -22.75 -6.56 -20.26
N GLU B 184 -21.53 -6.07 -20.06
CA GLU B 184 -20.54 -6.07 -21.15
C GLU B 184 -20.17 -7.49 -21.54
N LYS B 185 -19.99 -8.39 -20.57
CA LYS B 185 -19.56 -9.75 -20.89
C LYS B 185 -20.64 -10.52 -21.63
N GLN B 186 -21.91 -10.34 -21.26
CA GLN B 186 -23.03 -11.05 -21.88
C GLN B 186 -24.05 -10.03 -22.39
N PRO B 187 -23.92 -9.58 -23.65
CA PRO B 187 -24.93 -8.66 -24.19
C PRO B 187 -26.32 -9.26 -24.29
N GLU B 188 -26.44 -10.59 -24.27
CA GLU B 188 -27.74 -11.22 -24.43
C GLU B 188 -28.62 -11.10 -23.19
N LEU B 189 -28.09 -10.60 -22.08
CA LEU B 189 -28.90 -10.44 -20.87
C LEU B 189 -29.84 -9.25 -20.96
N GLN B 190 -29.61 -8.34 -21.91
CA GLN B 190 -30.46 -7.16 -22.13
C GLN B 190 -30.53 -6.31 -20.87
N ILE B 191 -29.37 -5.80 -20.46
CA ILE B 191 -29.25 -4.92 -19.30
C ILE B 191 -29.25 -3.49 -19.82
N SER B 192 -30.26 -2.72 -19.43
CA SER B 192 -30.39 -1.34 -19.87
C SER B 192 -29.82 -0.39 -18.81
N GLU B 193 -29.69 0.88 -19.19
CA GLU B 193 -29.22 1.88 -18.25
C GLU B 193 -30.19 2.06 -17.08
N ARG B 194 -31.47 1.71 -17.30
CA ARG B 194 -32.45 1.77 -16.22
C ARG B 194 -32.09 0.81 -15.11
N ASP B 195 -31.71 -0.43 -15.47
CA ASP B 195 -31.31 -1.41 -14.46
C ASP B 195 -30.04 -0.97 -13.74
N VAL B 196 -29.09 -0.38 -14.48
CA VAL B 196 -27.85 0.10 -13.87
C VAL B 196 -28.15 1.18 -12.84
N LEU B 197 -28.99 2.15 -13.23
CA LEU B 197 -29.33 3.23 -12.29
C LEU B 197 -30.09 2.68 -11.08
N CYS B 198 -30.98 1.72 -11.30
CA CYS B 198 -31.74 1.18 -10.18
C CYS B 198 -30.85 0.43 -9.20
N VAL B 199 -29.93 -0.41 -9.70
CA VAL B 199 -29.05 -1.13 -8.79
C VAL B 199 -28.09 -0.18 -8.09
N GLN B 200 -27.64 0.88 -8.78
CA GLN B 200 -26.82 1.88 -8.11
C GLN B 200 -27.58 2.56 -6.99
N ILE B 201 -28.83 2.96 -7.25
CA ILE B 201 -29.62 3.63 -6.21
C ILE B 201 -29.86 2.69 -5.04
N ALA B 202 -30.10 1.41 -5.31
CA ALA B 202 -30.23 0.45 -4.23
C ALA B 202 -28.93 0.34 -3.44
N GLY B 203 -27.79 0.44 -4.11
CA GLY B 203 -26.52 0.39 -3.41
C GLY B 203 -26.28 1.57 -2.50
N LEU B 204 -26.54 2.79 -3.00
CA LEU B 204 -26.32 3.97 -2.17
C LEU B 204 -27.28 4.02 -0.98
N CYS B 205 -28.53 3.64 -1.18
CA CYS B 205 -29.56 3.80 -0.17
C CYS B 205 -29.87 2.50 0.58
N HIS B 206 -28.87 1.65 0.73
CA HIS B 206 -29.06 0.40 1.45
C HIS B 206 -28.85 0.54 2.95
N ASP B 207 -28.21 1.62 3.39
CA ASP B 207 -27.94 1.85 4.82
C ASP B 207 -28.47 3.21 5.25
N LEU B 208 -29.58 3.66 4.68
CA LEU B 208 -30.14 4.97 5.02
C LEU B 208 -30.59 4.99 6.48
N GLY B 209 -31.22 3.92 6.95
CA GLY B 209 -31.67 3.85 8.32
C GLY B 209 -30.70 3.17 9.26
N HIS B 210 -29.90 3.95 9.97
CA HIS B 210 -29.03 3.48 11.03
C HIS B 210 -29.17 4.37 12.24
N GLY B 211 -29.17 3.77 13.42
CA GLY B 211 -29.16 4.52 14.65
C GLY B 211 -27.79 5.10 14.93
N PRO B 212 -27.69 5.83 16.03
CA PRO B 212 -26.39 6.35 16.44
C PRO B 212 -25.39 5.23 16.68
N PHE B 213 -24.16 5.43 16.20
CA PHE B 213 -23.05 4.49 16.34
C PHE B 213 -23.30 3.21 15.54
N SER B 214 -24.47 3.11 14.92
CA SER B 214 -24.84 2.25 13.80
C SER B 214 -24.95 0.78 14.15
N HIS B 215 -24.54 0.33 15.32
CA HIS B 215 -24.79 -1.09 15.55
C HIS B 215 -25.46 -1.39 16.88
N MET B 216 -25.12 -0.65 17.94
CA MET B 216 -25.75 -0.91 19.22
C MET B 216 -27.22 -0.48 19.23
N PHE B 217 -27.55 0.53 18.41
CA PHE B 217 -28.95 0.92 18.29
C PHE B 217 -29.79 -0.19 17.67
N ASP B 218 -29.25 -0.85 16.66
CA ASP B 218 -30.00 -1.89 15.96
C ASP B 218 -30.04 -3.20 16.73
N GLY B 219 -28.97 -3.52 17.47
CA GLY B 219 -28.87 -4.83 18.08
C GLY B 219 -28.84 -4.86 19.60
N ARG B 220 -28.59 -3.73 20.24
CA ARG B 220 -28.54 -3.68 21.70
C ARG B 220 -29.49 -2.66 22.31
N PHE B 221 -29.62 -1.47 21.73
CA PHE B 221 -30.45 -0.44 22.34
C PHE B 221 -31.93 -0.74 22.15
N ILE B 222 -32.37 -0.89 20.90
CA ILE B 222 -33.80 -1.15 20.64
C ILE B 222 -34.29 -2.42 21.32
N PRO B 223 -33.57 -3.55 21.30
CA PRO B 223 -34.08 -4.74 22.00
C PRO B 223 -34.27 -4.55 23.50
N LEU B 224 -33.62 -3.56 24.11
CA LEU B 224 -33.81 -3.26 25.52
C LEU B 224 -34.73 -2.08 25.76
N ALA B 225 -34.66 -1.05 24.91
CA ALA B 225 -35.54 0.10 25.06
C ALA B 225 -37.00 -0.28 24.85
N ARG B 226 -37.28 -1.10 23.83
CA ARG B 226 -38.64 -1.55 23.54
C ARG B 226 -38.56 -2.96 22.97
N PRO B 227 -38.53 -3.97 23.83
CA PRO B 227 -38.41 -5.35 23.34
C PRO B 227 -39.62 -5.83 22.55
N GLU B 228 -40.77 -5.16 22.67
CA GLU B 228 -41.97 -5.62 21.97
C GLU B 228 -41.84 -5.46 20.46
N VAL B 229 -41.27 -4.34 20.01
CA VAL B 229 -41.17 -4.08 18.59
C VAL B 229 -40.02 -4.89 18.00
N LYS B 230 -40.20 -5.39 16.78
CA LYS B 230 -39.16 -6.07 16.03
C LYS B 230 -38.69 -5.13 14.93
N TRP B 231 -37.51 -4.55 15.12
CA TRP B 231 -37.00 -3.53 14.20
C TRP B 231 -35.60 -3.90 13.74
N THR B 232 -35.37 -3.71 12.43
CA THR B 232 -34.07 -3.93 11.82
C THR B 232 -33.75 -2.74 10.93
N HIS B 233 -32.46 -2.51 10.70
CA HIS B 233 -32.05 -1.29 10.01
C HIS B 233 -32.46 -1.27 8.54
N GLU B 234 -32.74 -2.43 7.94
CA GLU B 234 -33.22 -2.44 6.56
C GLU B 234 -34.60 -1.80 6.45
N GLN B 235 -35.49 -2.08 7.42
CA GLN B 235 -36.80 -1.42 7.41
C GLN B 235 -36.66 0.09 7.54
N GLY B 236 -35.77 0.53 8.44
CA GLY B 236 -35.54 1.97 8.58
C GLY B 236 -34.98 2.58 7.31
N SER B 237 -34.11 1.85 6.62
CA SER B 237 -33.59 2.34 5.34
C SER B 237 -34.69 2.46 4.30
N VAL B 238 -35.61 1.51 4.28
CA VAL B 238 -36.73 1.56 3.34
C VAL B 238 -37.60 2.79 3.62
N MET B 239 -37.93 3.01 4.90
CA MET B 239 -38.78 4.15 5.24
C MET B 239 -38.06 5.47 4.98
N MET B 240 -36.76 5.54 5.27
CA MET B 240 -36.01 6.75 4.93
C MET B 240 -35.94 6.98 3.43
N PHE B 241 -35.86 5.91 2.64
CA PHE B 241 -35.89 6.07 1.19
C PHE B 241 -37.23 6.63 0.74
N GLU B 242 -38.33 6.11 1.29
CA GLU B 242 -39.65 6.66 0.98
C GLU B 242 -39.73 8.13 1.35
N HIS B 243 -39.26 8.48 2.55
CA HIS B 243 -39.31 9.87 3.00
C HIS B 243 -38.45 10.76 2.12
N LEU B 244 -37.26 10.29 1.74
CA LEU B 244 -36.39 11.06 0.84
C LEU B 244 -37.09 11.34 -0.48
N ILE B 245 -37.65 10.29 -1.10
CA ILE B 245 -38.29 10.44 -2.39
C ILE B 245 -39.46 11.42 -2.30
N ASN B 246 -40.29 11.26 -1.27
CA ASN B 246 -41.49 12.09 -1.17
C ASN B 246 -41.14 13.54 -0.84
N SER B 247 -40.19 13.75 0.08
CA SER B 247 -39.90 15.10 0.54
C SER B 247 -39.12 15.89 -0.50
N ASN B 248 -38.17 15.26 -1.18
CA ASN B 248 -37.29 16.00 -2.08
C ASN B 248 -37.83 16.08 -3.51
N GLY B 249 -38.95 15.43 -3.80
CA GLY B 249 -39.50 15.48 -5.14
C GLY B 249 -38.61 14.82 -6.17
N ILE B 250 -38.21 13.58 -5.90
CA ILE B 250 -37.29 12.87 -6.78
C ILE B 250 -37.99 12.24 -7.98
N LYS B 251 -39.27 11.88 -7.85
CA LYS B 251 -39.96 11.18 -8.94
C LYS B 251 -39.94 11.92 -10.27
N PRO B 252 -40.14 13.25 -10.35
CA PRO B 252 -39.97 13.92 -11.64
C PRO B 252 -38.58 13.73 -12.24
N VAL B 253 -37.54 13.76 -11.40
CA VAL B 253 -36.18 13.58 -11.91
C VAL B 253 -35.97 12.14 -12.36
N MET B 254 -36.56 11.18 -11.64
CA MET B 254 -36.48 9.78 -12.05
C MET B 254 -37.15 9.57 -13.40
N GLU B 255 -38.31 10.21 -13.61
CA GLU B 255 -38.98 10.11 -14.90
C GLU B 255 -38.20 10.84 -16.00
N GLN B 256 -37.47 11.89 -15.63
CA GLN B 256 -36.66 12.61 -16.61
C GLN B 256 -35.55 11.74 -17.18
N TYR B 257 -35.01 10.81 -16.41
CA TYR B 257 -33.89 9.98 -16.83
C TYR B 257 -34.33 8.57 -17.24
N GLY B 258 -35.58 8.42 -17.66
CA GLY B 258 -36.03 7.16 -18.21
C GLY B 258 -36.45 6.11 -17.22
N LEU B 259 -36.57 6.45 -15.94
CA LEU B 259 -36.98 5.48 -14.93
C LEU B 259 -38.49 5.56 -14.72
N ILE B 260 -39.11 4.39 -14.52
CA ILE B 260 -40.54 4.28 -14.26
C ILE B 260 -40.72 4.16 -12.75
N PRO B 261 -41.02 5.26 -12.04
CA PRO B 261 -40.97 5.22 -10.57
C PRO B 261 -41.89 4.19 -9.94
N GLU B 262 -43.07 3.96 -10.51
CA GLU B 262 -44.06 3.09 -9.85
C GLU B 262 -43.51 1.69 -9.65
N GLU B 263 -42.73 1.19 -10.61
CA GLU B 263 -42.11 -0.13 -10.47
C GLU B 263 -40.64 -0.07 -10.11
N ASP B 264 -39.93 0.99 -10.48
CA ASP B 264 -38.52 1.11 -10.10
C ASP B 264 -38.36 1.27 -8.59
N ILE B 265 -39.25 2.02 -7.95
CA ILE B 265 -39.18 2.18 -6.50
C ILE B 265 -39.44 0.84 -5.82
N CYS B 266 -40.41 0.07 -6.33
CA CYS B 266 -40.65 -1.26 -5.79
C CYS B 266 -39.45 -2.16 -5.98
N PHE B 267 -38.79 -2.05 -7.14
CA PHE B 267 -37.58 -2.83 -7.39
C PHE B 267 -36.48 -2.48 -6.41
N ILE B 268 -36.28 -1.19 -6.14
CA ILE B 268 -35.26 -0.76 -5.20
C ILE B 268 -35.58 -1.26 -3.80
N LYS B 269 -36.84 -1.15 -3.39
CA LYS B 269 -37.23 -1.65 -2.07
C LYS B 269 -37.03 -3.16 -1.97
N GLU B 270 -37.35 -3.90 -3.03
CA GLU B 270 -37.13 -5.34 -3.03
C GLU B 270 -35.65 -5.66 -2.95
N GLN B 271 -34.80 -4.86 -3.60
CA GLN B 271 -33.37 -5.03 -3.48
C GLN B 271 -32.91 -4.83 -2.04
N ILE B 272 -33.43 -3.79 -1.39
CA ILE B 272 -32.95 -3.45 -0.04
C ILE B 272 -33.43 -4.47 0.98
N VAL B 273 -34.71 -4.85 0.92
CA VAL B 273 -35.30 -5.67 1.97
C VAL B 273 -35.82 -7.02 1.49
N GLY B 274 -36.15 -7.18 0.21
CA GLY B 274 -36.69 -8.43 -0.27
C GLY B 274 -38.16 -8.34 -0.62
N PRO B 275 -38.87 -9.46 -0.52
CA PRO B 275 -40.32 -9.44 -0.81
C PRO B 275 -41.07 -8.47 0.09
N LEU B 276 -41.74 -7.49 -0.51
CA LEU B 276 -42.37 -6.42 0.25
C LEU B 276 -43.69 -6.85 0.85
N GLU B 277 -44.65 -7.24 0.01
CA GLU B 277 -46.02 -7.46 0.49
C GLU B 277 -46.09 -8.64 1.47
N SER B 278 -45.36 -9.70 1.19
CA SER B 278 -45.42 -10.92 2.01
C SER B 278 -44.29 -11.83 1.60
N PRO B 279 -43.89 -12.77 2.47
CA PRO B 279 -42.96 -13.82 2.05
C PRO B 279 -43.55 -14.63 0.91
N VAL B 280 -42.68 -15.07 0.00
CA VAL B 280 -43.13 -15.68 -1.26
C VAL B 280 -43.94 -16.94 -0.97
N GLU B 281 -43.29 -17.97 -0.45
CA GLU B 281 -43.87 -19.17 0.14
C GLU B 281 -44.82 -19.90 -0.82
N ASP B 282 -45.00 -19.36 -2.01
CA ASP B 282 -45.96 -19.84 -3.02
C ASP B 282 -45.85 -18.93 -4.23
N SER B 283 -46.58 -19.28 -5.28
CA SER B 283 -46.84 -18.49 -6.48
C SER B 283 -45.64 -18.40 -7.42
N LEU B 284 -44.47 -18.92 -7.04
CA LEU B 284 -43.33 -19.04 -7.96
C LEU B 284 -42.93 -17.67 -8.52
N TRP B 285 -42.34 -16.85 -7.64
CA TRP B 285 -41.90 -15.49 -7.97
C TRP B 285 -43.08 -14.59 -8.29
N PRO B 286 -43.90 -14.24 -7.29
CA PRO B 286 -44.96 -13.25 -7.52
C PRO B 286 -44.45 -11.82 -7.41
N TYR B 287 -43.14 -11.63 -7.50
CA TYR B 287 -42.51 -10.31 -7.34
C TYR B 287 -43.09 -9.27 -8.27
N LYS B 288 -42.88 -8.00 -7.94
CA LYS B 288 -43.46 -6.89 -8.70
C LYS B 288 -42.42 -5.84 -9.08
N GLY B 289 -41.14 -6.15 -8.95
CA GLY B 289 -40.11 -5.20 -9.31
C GLY B 289 -39.46 -5.47 -10.65
N ARG B 290 -39.14 -6.73 -10.91
CA ARG B 290 -38.48 -7.12 -12.15
C ARG B 290 -39.00 -8.49 -12.56
N PRO B 291 -38.98 -8.81 -13.86
CA PRO B 291 -39.49 -10.12 -14.30
C PRO B 291 -38.57 -11.27 -13.90
N GLU B 292 -38.98 -12.49 -14.24
CA GLU B 292 -38.20 -13.67 -13.89
C GLU B 292 -36.84 -13.68 -14.57
N ASN B 293 -36.79 -13.22 -15.83
CA ASN B 293 -35.55 -13.26 -16.59
C ASN B 293 -34.47 -12.32 -16.05
N LYS B 294 -34.83 -11.42 -15.13
CA LYS B 294 -33.87 -10.53 -14.49
C LYS B 294 -33.59 -10.94 -13.05
N SER B 295 -33.66 -12.24 -12.75
CA SER B 295 -33.49 -12.71 -11.38
C SER B 295 -32.08 -12.51 -10.86
N PHE B 296 -31.12 -12.21 -11.72
CA PHE B 296 -29.74 -12.01 -11.29
C PHE B 296 -29.50 -10.61 -10.74
N LEU B 297 -30.48 -9.72 -10.80
CA LEU B 297 -30.32 -8.36 -10.29
C LEU B 297 -30.64 -8.24 -8.81
N TYR B 298 -31.20 -9.28 -8.18
CA TYR B 298 -31.49 -9.28 -6.76
C TYR B 298 -30.31 -9.77 -5.93
N GLU B 299 -29.11 -9.80 -6.51
CA GLU B 299 -27.94 -10.31 -5.81
C GLU B 299 -26.74 -9.37 -5.87
N ILE B 300 -26.86 -8.22 -6.53
CA ILE B 300 -25.69 -7.36 -6.71
C ILE B 300 -25.42 -6.52 -5.46
N VAL B 301 -26.45 -5.99 -4.82
CA VAL B 301 -26.29 -5.11 -3.66
C VAL B 301 -26.38 -5.86 -2.34
N SER B 302 -27.39 -6.73 -2.19
CA SER B 302 -27.55 -7.50 -0.97
C SER B 302 -27.99 -8.90 -1.36
N ASN B 303 -27.05 -9.82 -1.45
CA ASN B 303 -27.33 -11.19 -1.85
C ASN B 303 -27.86 -11.95 -0.64
N LYS B 304 -29.11 -12.37 -0.70
CA LYS B 304 -29.74 -13.08 0.40
C LYS B 304 -29.73 -14.59 0.21
N ARG B 305 -29.07 -15.09 -0.84
CA ARG B 305 -29.02 -16.52 -1.09
C ARG B 305 -27.72 -17.14 -0.59
N ASN B 306 -26.58 -16.47 -0.81
CA ASN B 306 -25.30 -16.95 -0.34
C ASN B 306 -24.46 -15.89 0.36
N GLY B 307 -24.87 -14.63 0.32
CA GLY B 307 -24.17 -13.58 1.04
C GLY B 307 -23.06 -12.88 0.29
N ILE B 308 -22.76 -13.29 -0.93
CA ILE B 308 -21.69 -12.67 -1.70
C ILE B 308 -22.27 -11.45 -2.42
N ASP B 309 -21.85 -10.26 -1.98
CA ASP B 309 -22.40 -9.02 -2.52
C ASP B 309 -21.38 -7.91 -2.33
N VAL B 310 -21.61 -6.79 -3.04
CA VAL B 310 -20.65 -5.70 -3.04
C VAL B 310 -20.56 -5.01 -1.69
N ASP B 311 -21.61 -5.11 -0.87
CA ASP B 311 -21.56 -4.52 0.47
C ASP B 311 -20.45 -5.17 1.30
N LYS B 312 -20.36 -6.49 1.25
CA LYS B 312 -19.33 -7.20 1.99
C LYS B 312 -17.94 -6.78 1.53
N TRP B 313 -17.74 -6.70 0.22
CA TRP B 313 -16.44 -6.33 -0.31
C TRP B 313 -16.06 -4.92 0.12
N ASP B 314 -17.02 -3.99 0.05
CA ASP B 314 -16.71 -2.61 0.39
C ASP B 314 -16.36 -2.46 1.86
N TYR B 315 -17.13 -3.08 2.76
CA TYR B 315 -16.76 -2.84 4.15
C TYR B 315 -15.51 -3.64 4.52
N PHE B 316 -15.27 -4.79 3.87
CA PHE B 316 -13.99 -5.46 4.02
C PHE B 316 -12.85 -4.51 3.74
N ALA B 317 -12.82 -3.95 2.52
CA ALA B 317 -11.72 -3.09 2.11
C ALA B 317 -11.60 -1.87 3.01
N ARG B 318 -12.73 -1.21 3.30
CA ARG B 318 -12.68 0.03 4.06
C ARG B 318 -12.26 -0.21 5.51
N ASP B 319 -12.83 -1.23 6.15
CA ASP B 319 -12.46 -1.53 7.53
C ASP B 319 -11.01 -1.95 7.64
N CYS B 320 -10.52 -2.77 6.70
CA CYS B 320 -9.11 -3.12 6.74
C CYS B 320 -8.23 -1.90 6.54
N HIS B 321 -8.60 -1.02 5.62
CA HIS B 321 -7.79 0.16 5.34
C HIS B 321 -7.77 1.12 6.51
N HIS B 322 -8.85 1.17 7.31
CA HIS B 322 -8.90 2.16 8.38
C HIS B 322 -8.43 1.62 9.73
N LEU B 323 -8.80 0.39 10.07
CA LEU B 323 -8.37 -0.19 11.34
C LEU B 323 -6.85 -0.30 11.42
N GLY B 324 -6.23 -0.79 10.35
CA GLY B 324 -4.80 -1.03 10.34
C GLY B 324 -4.46 -2.48 10.06
N ILE B 325 -5.47 -3.26 9.71
CA ILE B 325 -5.30 -4.66 9.36
C ILE B 325 -5.18 -4.77 7.85
N GLN B 326 -4.64 -5.88 7.37
CA GLN B 326 -4.48 -6.12 5.95
C GLN B 326 -5.57 -7.07 5.44
N ASN B 327 -6.08 -6.75 4.26
CA ASN B 327 -7.20 -7.48 3.67
C ASN B 327 -6.68 -8.67 2.87
N ASN B 328 -7.44 -9.76 2.89
CA ASN B 328 -7.08 -11.01 2.20
C ASN B 328 -8.17 -11.37 1.18
N PHE B 329 -8.61 -10.39 0.38
CA PHE B 329 -9.61 -10.64 -0.64
C PHE B 329 -9.39 -9.68 -1.81
N ASP B 330 -9.71 -10.17 -3.01
CA ASP B 330 -9.61 -9.38 -4.23
C ASP B 330 -10.93 -9.48 -4.96
N TYR B 331 -11.73 -8.40 -4.92
CA TYR B 331 -13.04 -8.41 -5.54
C TYR B 331 -12.95 -8.26 -7.06
N LYS B 332 -11.90 -7.63 -7.57
CA LYS B 332 -11.76 -7.45 -9.01
C LYS B 332 -11.60 -8.80 -9.71
N ARG B 333 -10.84 -9.72 -9.10
CA ARG B 333 -10.69 -11.05 -9.67
C ARG B 333 -12.04 -11.78 -9.72
N PHE B 334 -12.85 -11.62 -8.67
CA PHE B 334 -14.17 -12.23 -8.68
C PHE B 334 -15.05 -11.61 -9.76
N ILE B 335 -14.94 -10.29 -9.95
CA ILE B 335 -15.72 -9.63 -10.99
C ILE B 335 -15.34 -10.15 -12.36
N LYS B 336 -14.04 -10.30 -12.62
CA LYS B 336 -13.58 -10.82 -13.90
C LYS B 336 -13.91 -12.30 -14.09
N PHE B 337 -14.25 -13.01 -13.03
CA PHE B 337 -14.51 -14.45 -13.09
C PHE B 337 -15.93 -14.76 -12.64
N ALA B 338 -16.90 -13.95 -13.05
CA ALA B 338 -18.30 -14.14 -12.70
C ALA B 338 -19.16 -14.04 -13.95
N ARG B 339 -20.08 -14.97 -14.11
CA ARG B 339 -20.97 -14.97 -15.27
C ARG B 339 -22.38 -15.35 -14.82
N VAL B 340 -23.36 -14.86 -15.56
CA VAL B 340 -24.77 -15.16 -15.30
C VAL B 340 -25.12 -16.44 -16.05
N CYS B 341 -25.61 -17.43 -15.32
CA CYS B 341 -25.96 -18.72 -15.90
C CYS B 341 -27.30 -19.17 -15.35
N GLU B 342 -28.08 -19.82 -16.21
CA GLU B 342 -29.38 -20.34 -15.80
C GLU B 342 -29.20 -21.44 -14.75
N VAL B 343 -29.87 -21.28 -13.61
CA VAL B 343 -29.81 -22.23 -12.52
C VAL B 343 -31.23 -22.53 -12.06
N ASP B 344 -31.69 -23.76 -12.29
CA ASP B 344 -33.00 -24.23 -11.85
C ASP B 344 -34.09 -23.28 -12.38
N ASN B 345 -33.93 -22.86 -13.63
CA ASN B 345 -34.88 -22.03 -14.37
C ASN B 345 -34.92 -20.58 -13.92
N GLU B 346 -33.86 -20.08 -13.28
CA GLU B 346 -33.68 -18.64 -13.10
C GLU B 346 -32.22 -18.29 -13.27
N LEU B 347 -31.97 -17.05 -13.70
CA LEU B 347 -30.63 -16.57 -13.98
C LEU B 347 -29.98 -16.11 -12.68
N ARG B 348 -28.94 -16.83 -12.25
CA ARG B 348 -28.18 -16.50 -11.06
C ARG B 348 -26.75 -16.18 -11.45
N ILE B 349 -26.11 -15.32 -10.66
CA ILE B 349 -24.70 -14.98 -10.88
C ILE B 349 -23.85 -16.16 -10.42
N CYS B 350 -23.00 -16.65 -11.31
CA CYS B 350 -22.14 -17.79 -11.03
C CYS B 350 -20.68 -17.39 -11.13
N ALA B 351 -19.85 -18.04 -10.32
CA ALA B 351 -18.43 -17.77 -10.28
C ALA B 351 -17.65 -18.88 -10.97
N ARG B 352 -16.41 -18.57 -11.33
CA ARG B 352 -15.55 -19.56 -11.96
C ARG B 352 -15.24 -20.69 -10.97
N ASP B 353 -15.12 -21.91 -11.50
CA ASP B 353 -14.98 -23.08 -10.64
C ASP B 353 -13.68 -23.08 -9.86
N LYS B 354 -12.68 -22.32 -10.29
CA LYS B 354 -11.39 -22.24 -9.61
C LYS B 354 -11.38 -21.19 -8.50
N GLU B 355 -12.51 -20.51 -8.28
CA GLU B 355 -12.59 -19.43 -7.29
C GLU B 355 -13.19 -19.89 -5.97
N VAL B 356 -13.44 -21.18 -5.80
CA VAL B 356 -14.04 -21.67 -4.56
C VAL B 356 -13.08 -21.45 -3.38
N GLY B 357 -11.78 -21.62 -3.62
CA GLY B 357 -10.81 -21.34 -2.58
C GLY B 357 -10.80 -19.88 -2.18
N ASN B 358 -10.89 -18.97 -3.17
CA ASN B 358 -10.94 -17.55 -2.86
C ASN B 358 -12.21 -17.17 -2.13
N LEU B 359 -13.33 -17.84 -2.44
CA LEU B 359 -14.57 -17.56 -1.72
C LEU B 359 -14.47 -18.02 -0.26
N TYR B 360 -13.93 -19.21 -0.04
CA TYR B 360 -13.67 -19.66 1.33
C TYR B 360 -12.73 -18.69 2.04
N ASP B 361 -11.74 -18.15 1.31
CA ASP B 361 -10.84 -17.16 1.91
C ASP B 361 -11.58 -15.89 2.26
N MET B 362 -12.56 -15.49 1.45
CA MET B 362 -13.36 -14.31 1.77
C MET B 362 -14.14 -14.51 3.06
N PHE B 363 -14.74 -15.68 3.22
CA PHE B 363 -15.48 -15.94 4.46
C PHE B 363 -14.54 -16.04 5.65
N HIS B 364 -13.34 -16.60 5.45
CA HIS B 364 -12.35 -16.62 6.52
C HIS B 364 -11.91 -15.21 6.89
N THR B 365 -11.78 -14.32 5.91
CA THR B 365 -11.44 -12.93 6.18
C THR B 365 -12.54 -12.26 6.99
N ARG B 366 -13.80 -12.54 6.65
CA ARG B 366 -14.91 -12.00 7.45
C ARG B 366 -14.82 -12.49 8.89
N ASN B 367 -14.56 -13.79 9.07
CA ASN B 367 -14.44 -14.33 10.41
C ASN B 367 -13.31 -13.68 11.18
N SER B 368 -12.16 -13.48 10.53
CA SER B 368 -11.01 -12.89 11.20
C SER B 368 -11.28 -11.43 11.57
N LEU B 369 -11.94 -10.69 10.68
CA LEU B 369 -12.28 -9.30 11.01
C LEU B 369 -13.24 -9.23 12.19
N HIS B 370 -14.24 -10.11 12.22
CA HIS B 370 -15.13 -10.15 13.38
C HIS B 370 -14.38 -10.50 14.65
N ARG B 371 -13.49 -11.49 14.57
CA ARG B 371 -12.75 -11.93 15.74
C ARG B 371 -11.82 -10.84 16.29
N ARG B 372 -11.15 -10.11 15.40
CA ARG B 372 -10.13 -9.17 15.84
C ARG B 372 -10.65 -7.77 16.11
N ALA B 373 -11.65 -7.30 15.38
CA ALA B 373 -12.03 -5.90 15.53
C ALA B 373 -13.48 -5.69 15.93
N TYR B 374 -14.41 -6.43 15.34
CA TYR B 374 -15.82 -6.21 15.61
C TYR B 374 -16.29 -6.84 16.91
N GLN B 375 -15.54 -7.79 17.46
CA GLN B 375 -15.91 -8.42 18.72
C GLN B 375 -14.84 -8.20 19.79
N HIS B 376 -14.13 -7.07 19.73
CA HIS B 376 -13.15 -6.75 20.75
C HIS B 376 -13.82 -6.58 22.10
N LYS B 377 -13.10 -6.98 23.16
CA LYS B 377 -13.64 -6.90 24.51
C LYS B 377 -13.95 -5.46 24.90
N VAL B 378 -12.97 -4.58 24.74
CA VAL B 378 -13.14 -3.19 25.15
C VAL B 378 -14.20 -2.50 24.31
N GLY B 379 -14.21 -2.75 23.00
CA GLY B 379 -15.24 -2.16 22.16
C GLY B 379 -16.63 -2.62 22.55
N ASN B 380 -16.79 -3.91 22.82
CA ASN B 380 -18.10 -4.43 23.21
C ASN B 380 -18.56 -3.84 24.54
N ILE B 381 -17.66 -3.74 25.52
CA ILE B 381 -18.06 -3.21 26.81
C ILE B 381 -18.38 -1.71 26.71
N ILE B 382 -17.63 -1.00 25.86
CA ILE B 382 -17.91 0.43 25.68
C ILE B 382 -19.26 0.63 25.00
N ASP B 383 -19.57 -0.21 24.00
CA ASP B 383 -20.88 -0.15 23.38
C ASP B 383 -21.98 -0.45 24.39
N THR B 384 -21.76 -1.45 25.24
CA THR B 384 -22.75 -1.77 26.28
C THR B 384 -22.96 -0.59 27.21
N MET B 385 -21.88 0.09 27.61
CA MET B 385 -22.04 1.19 28.56
C MET B 385 -22.68 2.41 27.90
N ILE B 386 -22.39 2.67 26.62
CA ILE B 386 -23.09 3.76 25.93
C ILE B 386 -24.57 3.40 25.77
N THR B 387 -24.88 2.13 25.54
CA THR B 387 -26.28 1.71 25.49
C THR B 387 -26.97 1.93 26.82
N ASP B 388 -26.28 1.63 27.93
CA ASP B 388 -26.85 1.88 29.25
C ASP B 388 -27.08 3.37 29.47
N ALA B 389 -26.14 4.20 29.04
CA ALA B 389 -26.33 5.65 29.17
C ALA B 389 -27.53 6.12 28.35
N PHE B 390 -27.70 5.59 27.14
CA PHE B 390 -28.85 5.93 26.33
C PHE B 390 -30.15 5.49 27.00
N LEU B 391 -30.15 4.28 27.58
CA LEU B 391 -31.34 3.79 28.26
C LEU B 391 -31.70 4.67 29.45
N LYS B 392 -30.70 5.17 30.17
CA LYS B 392 -30.97 6.04 31.31
C LYS B 392 -31.40 7.43 30.88
N ALA B 393 -30.92 7.90 29.72
CA ALA B 393 -31.26 9.23 29.24
C ALA B 393 -32.45 9.25 28.30
N ASP B 394 -33.07 8.09 28.04
CA ASP B 394 -34.18 8.02 27.10
C ASP B 394 -35.33 8.94 27.49
N ASP B 395 -35.71 8.94 28.77
CA ASP B 395 -36.93 9.62 29.20
C ASP B 395 -36.81 11.14 29.17
N TYR B 396 -35.61 11.70 28.99
CA TYR B 396 -35.42 13.13 29.08
C TYR B 396 -34.85 13.74 27.80
N ILE B 397 -34.80 12.99 26.71
CA ILE B 397 -34.39 13.51 25.40
C ILE B 397 -35.60 13.55 24.49
N GLU B 398 -35.88 14.71 23.94
CA GLU B 398 -37.02 14.92 23.05
C GLU B 398 -36.52 15.38 21.68
N ILE B 399 -36.98 14.70 20.64
CA ILE B 399 -36.66 15.05 19.26
C ILE B 399 -37.94 15.51 18.57
N THR B 400 -37.88 16.67 17.94
CA THR B 400 -39.05 17.25 17.28
C THR B 400 -39.39 16.44 16.04
N GLY B 401 -40.54 15.77 16.06
CA GLY B 401 -40.95 14.93 14.95
C GLY B 401 -41.63 15.71 13.84
N ALA B 402 -42.71 15.15 13.29
CA ALA B 402 -43.43 15.78 12.19
C ALA B 402 -44.62 16.57 12.74
N GLY B 403 -44.76 17.80 12.26
CA GLY B 403 -45.85 18.66 12.72
C GLY B 403 -45.73 19.08 14.17
N GLY B 404 -44.50 19.31 14.65
CA GLY B 404 -44.29 19.76 16.00
C GLY B 404 -44.33 18.69 17.07
N LYS B 405 -44.52 17.43 16.70
CA LYS B 405 -44.57 16.36 17.68
C LYS B 405 -43.20 16.16 18.31
N LYS B 406 -43.19 15.64 19.53
CA LYS B 406 -41.97 15.39 20.29
C LYS B 406 -41.78 13.89 20.46
N TYR B 407 -40.58 13.41 20.14
CA TYR B 407 -40.29 11.99 20.16
C TYR B 407 -39.06 11.73 21.02
N ARG B 408 -39.07 10.58 21.70
CA ARG B 408 -37.92 10.15 22.48
C ARG B 408 -36.88 9.50 21.56
N ILE B 409 -35.76 9.08 22.14
CA ILE B 409 -34.75 8.36 21.36
C ILE B 409 -35.30 7.03 20.88
N SER B 410 -35.97 6.28 21.78
CA SER B 410 -36.46 4.97 21.43
C SER B 410 -37.70 5.03 20.54
N THR B 411 -38.48 6.10 20.63
CA THR B 411 -39.70 6.23 19.86
C THR B 411 -39.52 7.02 18.57
N ALA B 412 -38.29 7.41 18.26
CA ALA B 412 -38.02 8.16 17.03
C ALA B 412 -37.92 7.27 15.81
N ILE B 413 -38.05 5.95 15.97
CA ILE B 413 -37.98 5.01 14.85
C ILE B 413 -39.38 4.82 14.29
N ASP B 414 -40.32 5.63 14.75
CA ASP B 414 -41.69 5.61 14.25
C ASP B 414 -42.03 6.86 13.43
N ASP B 415 -41.09 7.79 13.27
CA ASP B 415 -41.33 9.01 12.51
C ASP B 415 -39.99 9.46 11.94
N MET B 416 -39.84 9.37 10.62
CA MET B 416 -38.55 9.63 10.01
C MET B 416 -38.17 11.10 9.98
N GLU B 417 -39.14 12.01 10.17
CA GLU B 417 -38.79 13.41 10.36
C GLU B 417 -37.96 13.58 11.63
N ALA B 418 -38.33 12.86 12.70
CA ALA B 418 -37.51 12.87 13.91
C ALA B 418 -36.26 12.01 13.75
N TYR B 419 -36.39 10.86 13.08
CA TYR B 419 -35.26 9.95 12.94
C TYR B 419 -34.15 10.54 12.09
N THR B 420 -34.47 11.52 11.25
CA THR B 420 -33.43 12.18 10.47
C THR B 420 -32.43 12.91 11.35
N LYS B 421 -32.83 13.31 12.56
CA LYS B 421 -31.97 14.04 13.48
C LYS B 421 -31.43 13.17 14.60
N LEU B 422 -31.67 11.86 14.56
CA LEU B 422 -31.18 10.94 15.58
C LEU B 422 -29.89 10.30 15.06
N THR B 423 -28.77 10.99 15.28
CA THR B 423 -27.45 10.56 14.86
C THR B 423 -26.57 10.39 16.09
N ASP B 424 -25.26 10.23 15.86
CA ASP B 424 -24.28 10.15 16.94
C ASP B 424 -24.27 11.41 17.81
N ASN B 425 -25.06 12.43 17.46
CA ASN B 425 -25.08 13.68 18.21
C ASN B 425 -25.58 13.50 19.64
N ILE B 426 -26.48 12.54 19.88
CA ILE B 426 -27.06 12.42 21.22
C ILE B 426 -26.02 12.04 22.26
N PHE B 427 -24.93 11.39 21.81
CA PHE B 427 -23.82 11.10 22.73
C PHE B 427 -23.27 12.38 23.34
N LEU B 428 -22.94 13.37 22.50
CA LEU B 428 -22.45 14.64 23.01
C LEU B 428 -23.57 15.49 23.61
N GLU B 429 -24.82 15.23 23.23
CA GLU B 429 -25.94 15.86 23.93
C GLU B 429 -25.95 15.46 25.41
N ILE B 430 -25.89 14.16 25.67
CA ILE B 430 -25.88 13.66 27.04
C ILE B 430 -24.60 14.09 27.77
N LEU B 431 -23.46 13.99 27.08
CA LEU B 431 -22.18 14.27 27.73
C LEU B 431 -22.09 15.73 28.18
N TYR B 432 -22.57 16.66 27.35
CA TYR B 432 -22.45 18.08 27.63
C TYR B 432 -23.68 18.65 28.33
N SER B 433 -24.66 17.82 28.68
CA SER B 433 -25.90 18.32 29.25
C SER B 433 -25.69 18.81 30.68
N THR B 434 -26.30 19.96 31.00
CA THR B 434 -26.32 20.48 32.36
C THR B 434 -27.64 20.18 33.06
N ASP B 435 -28.54 19.45 32.42
CA ASP B 435 -29.82 19.12 33.03
C ASP B 435 -29.61 18.10 34.15
N PRO B 436 -30.06 18.39 35.37
CA PRO B 436 -29.90 17.41 36.46
C PRO B 436 -30.64 16.10 36.22
N LYS B 437 -31.62 16.08 35.31
CA LYS B 437 -32.33 14.83 35.03
C LYS B 437 -31.41 13.81 34.37
N LEU B 438 -30.52 14.27 33.48
CA LEU B 438 -29.62 13.40 32.74
C LEU B 438 -28.34 13.08 33.51
N LYS B 439 -28.36 13.21 34.84
CA LYS B 439 -27.14 13.13 35.62
C LYS B 439 -26.51 11.75 35.57
N ASP B 440 -27.32 10.69 35.69
CA ASP B 440 -26.77 9.34 35.71
C ASP B 440 -26.14 8.98 34.37
N ALA B 441 -26.82 9.32 33.27
CA ALA B 441 -26.27 9.05 31.94
C ALA B 441 -25.00 9.87 31.71
N ARG B 442 -25.00 11.12 32.17
CA ARG B 442 -23.80 11.94 32.04
C ARG B 442 -22.64 11.35 32.83
N GLU B 443 -22.93 10.81 34.01
CA GLU B 443 -21.87 10.18 34.81
C GLU B 443 -21.33 8.93 34.11
N ILE B 444 -22.20 8.14 33.49
CA ILE B 444 -21.74 6.96 32.76
C ILE B 444 -20.85 7.38 31.59
N LEU B 445 -21.28 8.41 30.84
CA LEU B 445 -20.48 8.88 29.72
C LEU B 445 -19.14 9.44 30.18
N LYS B 446 -19.11 10.11 31.34
CA LYS B 446 -17.84 10.62 31.85
C LYS B 446 -16.95 9.50 32.35
N GLN B 447 -17.54 8.42 32.88
CA GLN B 447 -16.76 7.25 33.22
C GLN B 447 -16.11 6.65 31.97
N ILE B 448 -16.85 6.67 30.86
CA ILE B 448 -16.25 6.30 29.57
C ILE B 448 -15.12 7.27 29.22
N GLU B 449 -15.33 8.57 29.46
CA GLU B 449 -14.32 9.57 29.13
C GLU B 449 -13.04 9.35 29.92
N TYR B 450 -13.15 8.89 31.16
CA TYR B 450 -12.00 8.65 32.01
C TYR B 450 -11.43 7.24 31.85
N ARG B 451 -12.00 6.44 30.96
CA ARG B 451 -11.56 5.06 30.73
C ARG B 451 -11.63 4.26 32.02
N ASN B 452 -12.62 4.57 32.86
CA ASN B 452 -12.94 3.76 34.02
C ASN B 452 -13.95 2.67 33.64
N LEU B 453 -13.59 1.89 32.63
CA LEU B 453 -14.50 0.93 32.05
C LEU B 453 -14.76 -0.23 33.00
N PHE B 454 -15.80 -1.00 32.68
CA PHE B 454 -16.03 -2.25 33.39
C PHE B 454 -14.91 -3.22 33.07
N LYS B 455 -14.54 -4.03 34.06
CA LYS B 455 -13.34 -4.86 33.95
C LYS B 455 -13.67 -6.21 33.34
N TYR B 456 -12.80 -6.67 32.43
CA TYR B 456 -12.90 -7.98 31.83
C TYR B 456 -12.67 -9.07 32.86
N VAL B 457 -13.39 -10.19 32.72
CA VAL B 457 -13.23 -11.32 33.62
C VAL B 457 -12.74 -12.54 32.84
N GLY B 458 -13.51 -12.97 31.85
CA GLY B 458 -13.11 -14.14 31.08
C GLY B 458 -14.09 -14.44 29.98
N GLU B 459 -13.74 -15.44 29.17
CA GLU B 459 -14.60 -15.94 28.10
C GLU B 459 -14.76 -17.45 28.25
N THR B 460 -15.72 -18.00 27.51
CA THR B 460 -15.99 -19.42 27.51
C THR B 460 -16.47 -19.85 26.14
N GLN B 461 -16.60 -21.16 25.94
CA GLN B 461 -17.10 -21.77 24.71
C GLN B 461 -18.11 -22.84 25.07
N PRO B 462 -19.39 -22.67 24.73
CA PRO B 462 -20.35 -23.77 24.93
C PRO B 462 -19.95 -24.98 24.11
N THR B 463 -20.14 -26.17 24.71
CA THR B 463 -19.79 -27.42 24.07
C THR B 463 -20.99 -28.21 23.58
N GLY B 464 -22.14 -28.09 24.23
CA GLY B 464 -23.31 -28.81 23.79
C GLY B 464 -23.82 -28.31 22.45
N GLN B 465 -24.50 -29.20 21.72
CA GLN B 465 -25.06 -28.85 20.43
C GLN B 465 -26.13 -27.77 20.54
N ILE B 466 -26.76 -27.63 21.71
CA ILE B 466 -27.80 -26.64 21.92
C ILE B 466 -27.15 -25.35 22.40
N LYS B 467 -27.39 -24.27 21.66
CA LYS B 467 -26.90 -22.95 22.04
C LYS B 467 -28.01 -22.16 22.75
N ILE B 468 -27.59 -21.24 23.60
CA ILE B 468 -28.53 -20.42 24.38
C ILE B 468 -29.07 -19.32 23.49
N LYS B 469 -30.40 -19.21 23.44
CA LYS B 469 -31.06 -18.24 22.58
C LYS B 469 -31.03 -16.85 23.21
N ARG B 470 -31.42 -15.85 22.41
CA ARG B 470 -31.43 -14.48 22.88
C ARG B 470 -32.46 -14.26 23.99
N GLU B 471 -33.47 -15.13 24.08
CA GLU B 471 -34.46 -15.02 25.15
C GLU B 471 -33.86 -15.25 26.53
N ASP B 472 -32.72 -15.95 26.61
CA ASP B 472 -32.08 -16.25 27.88
C ASP B 472 -30.84 -15.40 28.12
N TYR B 473 -30.66 -14.31 27.37
CA TYR B 473 -29.46 -13.49 27.51
C TYR B 473 -29.41 -12.83 28.89
N GLU B 474 -30.54 -12.30 29.36
CA GLU B 474 -30.56 -11.58 30.63
C GLU B 474 -30.62 -12.50 31.85
N SER B 475 -30.90 -13.79 31.66
CA SER B 475 -30.94 -14.73 32.77
C SER B 475 -29.55 -15.27 33.14
N LEU B 476 -28.55 -15.04 32.30
CA LEU B 476 -27.20 -15.54 32.60
C LEU B 476 -26.58 -14.90 33.84
N PRO B 477 -26.65 -13.59 34.05
CA PRO B 477 -26.07 -13.03 35.29
C PRO B 477 -26.65 -13.62 36.57
N LYS B 478 -27.94 -13.98 36.56
CA LYS B 478 -28.52 -14.61 37.73
C LYS B 478 -27.84 -15.94 38.04
N GLU B 479 -27.57 -16.74 37.02
CA GLU B 479 -26.87 -18.00 37.24
C GLU B 479 -25.41 -17.77 37.58
N VAL B 480 -24.80 -16.71 37.06
CA VAL B 480 -23.41 -16.41 37.37
C VAL B 480 -23.26 -16.06 38.85
N ALA B 481 -24.17 -15.22 39.36
CA ALA B 481 -24.12 -14.84 40.77
C ALA B 481 -24.46 -15.99 41.70
N SER B 482 -25.06 -17.06 41.19
CA SER B 482 -25.46 -18.19 42.02
C SER B 482 -24.35 -19.21 42.21
N ALA B 483 -23.16 -18.97 41.65
CA ALA B 483 -22.06 -19.91 41.80
C ALA B 483 -21.58 -19.96 43.25
N LYS B 484 -21.05 -21.12 43.63
CA LYS B 484 -20.55 -21.36 44.98
C LYS B 484 -19.13 -21.92 44.92
N PRO B 485 -18.15 -21.06 44.62
CA PRO B 485 -16.76 -21.54 44.57
C PRO B 485 -16.28 -21.99 45.93
N LYS B 486 -15.44 -23.03 45.94
CA LYS B 486 -14.88 -23.58 47.16
C LYS B 486 -13.51 -22.95 47.45
N VAL B 487 -13.50 -21.62 47.45
CA VAL B 487 -12.29 -20.83 47.71
C VAL B 487 -12.63 -19.80 48.77
N LEU B 488 -11.59 -19.33 49.47
CA LEU B 488 -11.77 -18.32 50.51
C LEU B 488 -12.07 -16.96 49.91
N LEU B 489 -13.36 -16.61 49.82
CA LEU B 489 -13.80 -15.33 49.28
C LEU B 489 -14.27 -14.45 50.42
N ASP B 490 -13.71 -13.24 50.49
CA ASP B 490 -14.06 -12.29 51.53
C ASP B 490 -15.14 -11.30 51.12
N VAL B 491 -15.61 -11.37 49.88
CA VAL B 491 -16.65 -10.47 49.38
C VAL B 491 -17.63 -11.27 48.52
N LYS B 492 -18.92 -11.01 48.71
CA LYS B 492 -19.98 -11.65 47.94
C LYS B 492 -20.53 -10.67 46.93
N LEU B 493 -20.70 -11.12 45.69
CA LEU B 493 -21.14 -10.27 44.59
C LEU B 493 -22.62 -10.52 44.27
N LYS B 494 -23.19 -9.62 43.48
CA LYS B 494 -24.58 -9.68 43.08
C LYS B 494 -24.66 -9.64 41.56
N ALA B 495 -25.78 -10.16 41.02
CA ALA B 495 -25.97 -10.18 39.58
C ALA B 495 -25.98 -8.77 38.98
N GLU B 496 -26.29 -7.76 39.80
CA GLU B 496 -26.25 -6.39 39.32
C GLU B 496 -24.84 -5.97 38.93
N ASP B 497 -23.83 -6.57 39.57
CA ASP B 497 -22.43 -6.26 39.28
C ASP B 497 -21.85 -7.12 38.17
N PHE B 498 -22.64 -7.98 37.57
CA PHE B 498 -22.18 -8.91 36.53
C PHE B 498 -22.82 -8.55 35.19
N ILE B 499 -22.01 -8.54 34.14
CA ILE B 499 -22.47 -8.31 32.77
C ILE B 499 -22.01 -9.47 31.91
N VAL B 500 -22.93 -10.03 31.14
CA VAL B 500 -22.62 -11.08 30.17
C VAL B 500 -22.78 -10.50 28.78
N ASP B 501 -22.06 -11.09 27.81
CA ASP B 501 -22.10 -10.61 26.43
C ASP B 501 -21.95 -11.84 25.53
N VAL B 502 -23.05 -12.28 24.95
CA VAL B 502 -23.05 -13.44 24.06
C VAL B 502 -22.76 -12.97 22.65
N ILE B 503 -21.81 -13.63 21.99
CA ILE B 503 -21.40 -13.30 20.62
C ILE B 503 -21.55 -14.55 19.76
N ASN B 504 -22.15 -14.38 18.59
CA ASN B 504 -22.34 -15.46 17.64
C ASN B 504 -21.42 -15.24 16.45
N MET B 505 -20.56 -16.21 16.18
CA MET B 505 -19.64 -16.16 15.04
C MET B 505 -20.15 -17.12 13.97
N ASP B 506 -20.35 -16.62 12.76
CA ASP B 506 -20.93 -17.41 11.69
C ASP B 506 -20.34 -16.97 10.36
N TYR B 507 -20.86 -17.55 9.28
CA TYR B 507 -20.43 -17.23 7.93
C TYR B 507 -21.49 -16.47 7.15
N GLY B 508 -22.40 -15.78 7.84
CA GLY B 508 -23.55 -15.16 7.21
C GLY B 508 -24.76 -16.06 7.16
N MET B 509 -24.56 -17.38 7.15
CA MET B 509 -25.63 -18.38 7.28
C MET B 509 -25.26 -19.17 8.52
N GLN B 510 -26.18 -19.23 9.48
CA GLN B 510 -25.84 -19.66 10.83
C GLN B 510 -25.24 -21.07 10.83
N GLU B 511 -26.05 -22.08 10.49
CA GLU B 511 -25.60 -23.46 10.57
C GLU B 511 -25.22 -24.04 9.21
N LYS B 512 -25.41 -23.28 8.13
CA LYS B 512 -25.25 -23.79 6.78
C LYS B 512 -24.01 -23.19 6.13
N ASN B 513 -23.37 -23.98 5.28
CA ASN B 513 -22.20 -23.53 4.54
C ASN B 513 -22.65 -22.56 3.45
N PRO B 514 -22.18 -21.31 3.47
CA PRO B 514 -22.60 -20.37 2.41
C PRO B 514 -22.15 -20.78 1.02
N ILE B 515 -21.06 -21.53 0.90
CA ILE B 515 -20.58 -21.95 -0.41
C ILE B 515 -21.44 -23.10 -0.95
N ASP B 516 -22.17 -23.80 -0.08
CA ASP B 516 -23.08 -24.84 -0.53
C ASP B 516 -24.23 -24.29 -1.36
N HIS B 517 -24.44 -22.97 -1.34
CA HIS B 517 -25.48 -22.30 -2.12
C HIS B 517 -24.87 -21.37 -3.16
N VAL B 518 -23.79 -21.81 -3.79
CA VAL B 518 -23.13 -21.05 -4.85
C VAL B 518 -22.95 -21.97 -6.05
N SER B 519 -23.21 -21.43 -7.24
CA SER B 519 -23.11 -22.19 -8.48
C SER B 519 -21.88 -21.75 -9.25
N PHE B 520 -21.17 -22.72 -9.82
CA PHE B 520 -19.90 -22.49 -10.48
C PHE B 520 -19.96 -22.94 -11.94
N TYR B 521 -19.15 -22.30 -12.77
CA TYR B 521 -19.04 -22.63 -14.19
C TYR B 521 -17.58 -22.89 -14.54
N CYS B 522 -17.37 -23.66 -15.59
CA CYS B 522 -16.03 -24.05 -16.02
C CYS B 522 -15.71 -23.49 -17.40
N LYS B 523 -14.43 -23.58 -17.78
CA LYS B 523 -13.98 -23.04 -19.05
C LYS B 523 -14.55 -23.81 -20.23
N THR B 524 -14.68 -25.14 -20.11
CA THR B 524 -15.20 -25.94 -21.20
C THR B 524 -16.67 -25.63 -21.49
N ALA B 525 -17.47 -25.43 -20.44
CA ALA B 525 -18.89 -25.14 -20.56
C ALA B 525 -19.19 -23.85 -19.82
N PRO B 526 -19.07 -22.69 -20.46
CA PRO B 526 -19.30 -21.41 -19.78
C PRO B 526 -20.75 -21.09 -19.52
N ASN B 527 -21.68 -22.01 -19.75
CA ASN B 527 -23.09 -21.78 -19.51
C ASN B 527 -23.76 -22.84 -18.65
N ARG B 528 -23.07 -23.92 -18.32
CA ARG B 528 -23.60 -24.94 -17.42
C ARG B 528 -23.08 -24.69 -16.01
N ALA B 529 -24.00 -24.68 -15.05
CA ALA B 529 -23.65 -24.43 -13.66
C ALA B 529 -23.61 -25.73 -12.87
N ILE B 530 -22.65 -25.83 -11.95
CA ILE B 530 -22.45 -27.03 -11.15
C ILE B 530 -22.28 -26.65 -9.69
N ARG B 531 -22.44 -27.65 -8.83
CA ARG B 531 -22.26 -27.49 -7.40
C ARG B 531 -20.99 -28.20 -6.96
N ILE B 532 -20.20 -27.53 -6.11
CA ILE B 532 -18.95 -28.07 -5.59
C ILE B 532 -19.12 -28.28 -4.09
N THR B 533 -18.96 -29.52 -3.64
CA THR B 533 -19.07 -29.81 -2.22
C THR B 533 -17.78 -29.44 -1.49
N LYS B 534 -17.84 -29.44 -0.16
CA LYS B 534 -16.68 -29.04 0.63
C LYS B 534 -15.54 -30.04 0.47
N ASN B 535 -15.85 -31.33 0.47
CA ASN B 535 -14.81 -32.35 0.37
C ASN B 535 -14.11 -32.36 -0.98
N GLN B 536 -14.69 -31.72 -1.99
CA GLN B 536 -14.08 -31.64 -3.31
C GLN B 536 -13.12 -30.46 -3.46
N VAL B 537 -13.00 -29.62 -2.43
CA VAL B 537 -12.11 -28.48 -2.46
C VAL B 537 -10.83 -28.74 -1.67
N SER B 538 -10.96 -29.07 -0.40
CA SER B 538 -9.82 -29.34 0.46
C SER B 538 -10.31 -30.04 1.72
N GLN B 539 -9.40 -30.74 2.37
CA GLN B 539 -9.66 -31.35 3.67
C GLN B 539 -9.18 -30.46 4.82
N LEU B 540 -8.71 -29.26 4.51
CA LEU B 540 -8.20 -28.31 5.50
C LEU B 540 -9.16 -27.14 5.66
N LEU B 541 -10.46 -27.42 5.64
CA LEU B 541 -11.51 -26.43 5.76
C LEU B 541 -12.27 -26.65 7.06
N PRO B 542 -12.90 -25.60 7.61
CA PRO B 542 -13.61 -25.76 8.89
C PRO B 542 -14.70 -26.81 8.80
N GLU B 543 -14.80 -27.64 9.83
CA GLU B 543 -15.84 -28.65 9.91
C GLU B 543 -17.16 -28.09 10.45
N LYS B 544 -17.14 -26.90 11.03
CA LYS B 544 -18.34 -26.26 11.53
C LYS B 544 -18.30 -24.78 11.17
N PHE B 545 -19.48 -24.19 10.98
CA PHE B 545 -19.58 -22.80 10.58
C PHE B 545 -20.30 -21.94 11.59
N ALA B 546 -20.68 -22.49 12.74
CA ALA B 546 -21.35 -21.73 13.80
C ALA B 546 -20.65 -22.01 15.12
N GLU B 547 -20.32 -20.95 15.85
CA GLU B 547 -19.78 -21.07 17.19
C GLU B 547 -20.28 -19.92 18.03
N GLN B 548 -20.28 -20.12 19.34
CA GLN B 548 -20.81 -19.14 20.28
C GLN B 548 -19.77 -18.89 21.35
N LEU B 549 -19.59 -17.62 21.74
CA LEU B 549 -18.64 -17.26 22.78
C LEU B 549 -19.27 -16.23 23.70
N ILE B 550 -19.10 -16.44 25.00
CA ILE B 550 -19.75 -15.62 26.02
C ILE B 550 -18.68 -14.91 26.84
N ARG B 551 -18.76 -13.58 26.89
CA ARG B 551 -17.89 -12.79 27.75
C ARG B 551 -18.59 -12.49 29.07
N VAL B 552 -17.79 -12.18 30.08
CA VAL B 552 -18.29 -11.78 31.39
C VAL B 552 -17.46 -10.60 31.88
N TYR B 553 -18.13 -9.58 32.40
CA TYR B 553 -17.47 -8.36 32.85
C TYR B 553 -17.89 -8.06 34.28
N CYS B 554 -17.10 -7.20 34.93
CA CYS B 554 -17.39 -6.75 36.29
C CYS B 554 -17.42 -5.23 36.32
N LYS B 555 -18.36 -4.66 37.07
CA LYS B 555 -18.53 -3.22 37.11
C LYS B 555 -17.66 -2.53 38.15
N LYS B 556 -16.96 -3.29 39.00
CA LYS B 556 -16.14 -2.73 40.06
C LYS B 556 -14.67 -2.68 39.65
N VAL B 557 -13.94 -1.74 40.24
CA VAL B 557 -12.57 -1.47 39.84
C VAL B 557 -11.61 -1.67 41.00
N ASP B 558 -11.94 -2.58 41.91
CA ASP B 558 -11.06 -2.93 43.03
C ASP B 558 -10.60 -4.37 42.86
N ARG B 559 -9.33 -4.63 43.18
CA ARG B 559 -8.73 -5.93 42.88
C ARG B 559 -9.43 -7.07 43.61
N LYS B 560 -9.94 -6.83 44.81
CA LYS B 560 -10.68 -7.86 45.52
C LYS B 560 -11.94 -8.26 44.76
N SER B 561 -12.67 -7.28 44.22
CA SER B 561 -13.83 -7.58 43.41
C SER B 561 -13.45 -8.32 42.15
N LEU B 562 -12.31 -7.96 41.55
CA LEU B 562 -11.83 -8.68 40.37
C LEU B 562 -11.56 -10.15 40.69
N TYR B 563 -10.90 -10.40 41.82
CA TYR B 563 -10.62 -11.78 42.21
C TYR B 563 -11.90 -12.55 42.46
N ALA B 564 -12.87 -11.92 43.16
CA ALA B 564 -14.13 -12.59 43.44
C ALA B 564 -14.89 -12.90 42.15
N ALA B 565 -14.93 -11.95 41.22
CA ALA B 565 -15.63 -12.16 39.96
C ALA B 565 -14.96 -13.26 39.14
N ARG B 566 -13.63 -13.29 39.13
CA ARG B 566 -12.92 -14.34 38.40
C ARG B 566 -13.23 -15.71 38.99
N GLN B 567 -13.24 -15.82 40.32
CA GLN B 567 -13.58 -17.10 40.95
C GLN B 567 -15.01 -17.51 40.61
N TYR B 568 -15.96 -16.57 40.69
CA TYR B 568 -17.34 -16.90 40.36
C TYR B 568 -17.48 -17.35 38.91
N PHE B 569 -16.82 -16.66 37.99
CA PHE B 569 -16.90 -17.01 36.58
C PHE B 569 -16.30 -18.38 36.31
N VAL B 570 -15.14 -18.67 36.90
CA VAL B 570 -14.51 -19.97 36.69
C VAL B 570 -15.38 -21.09 37.25
N GLN B 571 -15.95 -20.87 38.44
CA GLN B 571 -16.83 -21.89 39.02
C GLN B 571 -18.08 -22.10 38.17
N TRP B 572 -18.64 -21.01 37.63
CA TRP B 572 -19.81 -21.13 36.76
C TRP B 572 -19.47 -21.91 35.49
N CYS B 573 -18.31 -21.62 34.90
CA CYS B 573 -17.89 -22.35 33.71
C CYS B 573 -17.70 -23.84 34.01
N ALA B 574 -17.11 -24.16 35.15
CA ALA B 574 -16.91 -25.55 35.52
C ALA B 574 -18.24 -26.23 35.85
N ASP B 575 -19.25 -25.47 36.29
CA ASP B 575 -20.52 -26.05 36.70
C ASP B 575 -21.29 -26.60 35.49
N ARG B 576 -21.36 -25.82 34.42
CA ARG B 576 -22.20 -26.15 33.28
C ARG B 576 -21.45 -26.91 32.19
N ASN B 577 -20.27 -27.44 32.50
CA ASN B 577 -19.46 -28.21 31.55
C ASN B 577 -19.15 -27.39 30.30
N PHE B 578 -18.45 -26.28 30.52
CA PHE B 578 -17.99 -25.42 29.45
C PHE B 578 -16.49 -25.64 29.26
N THR B 579 -15.93 -25.00 28.23
CA THR B 579 -14.51 -25.18 27.95
C THR B 579 -13.65 -24.49 29.00
N LYS B 580 -12.43 -24.99 29.13
CA LYS B 580 -11.47 -24.43 30.07
C LYS B 580 -10.98 -23.08 29.54
N PRO B 581 -11.09 -22.00 30.30
CA PRO B 581 -10.67 -20.69 29.80
C PRO B 581 -9.19 -20.66 29.48
N GLN B 582 -8.81 -19.83 28.51
CA GLN B 582 -7.46 -19.86 27.96
C GLN B 582 -6.39 -19.56 29.01
N ASP B 583 -6.77 -18.96 30.13
CA ASP B 583 -5.86 -18.75 31.26
C ASP B 583 -6.51 -19.16 32.56
N GLY B 584 -7.17 -20.32 32.58
CA GLY B 584 -7.81 -20.78 33.79
C GLY B 584 -6.86 -21.30 34.85
N ASP B 585 -5.61 -21.59 34.48
CA ASP B 585 -4.64 -22.16 35.40
C ASP B 585 -3.80 -21.11 36.12
N VAL B 586 -4.03 -19.82 35.85
CA VAL B 586 -3.26 -18.74 36.45
C VAL B 586 -4.15 -17.81 37.27
N ILE B 587 -5.21 -17.30 36.66
CA ILE B 587 -6.09 -16.37 37.37
C ILE B 587 -6.84 -17.10 38.50
N ALA B 588 -7.20 -18.35 38.27
CA ALA B 588 -7.91 -19.15 39.28
C ALA B 588 -7.40 -20.58 39.23
N PRO B 589 -6.22 -20.83 39.79
CA PRO B 589 -5.64 -22.18 39.73
C PRO B 589 -6.20 -23.15 40.77
N LEU B 590 -7.11 -22.70 41.63
CA LEU B 590 -7.67 -23.56 42.67
C LEU B 590 -8.94 -24.28 42.23
N ILE B 591 -9.47 -23.98 41.04
CA ILE B 591 -10.68 -24.62 40.56
C ILE B 591 -10.41 -25.62 39.43
N THR B 592 -9.44 -25.34 38.56
CA THR B 592 -9.17 -26.25 37.45
C THR B 592 -8.82 -27.68 37.87
N PRO B 593 -8.07 -27.93 38.95
CA PRO B 593 -7.83 -29.35 39.31
C PRO B 593 -9.10 -30.12 39.59
N GLN B 594 -10.18 -29.45 40.03
CA GLN B 594 -11.44 -30.14 40.23
C GLN B 594 -11.99 -30.68 38.91
N LYS B 595 -11.85 -29.91 37.83
CA LYS B 595 -12.32 -30.32 36.51
C LYS B 595 -11.31 -31.31 35.94
N LYS B 596 -11.59 -32.60 36.12
CA LYS B 596 -10.67 -33.63 35.64
C LYS B 596 -10.59 -33.64 34.12
N GLU B 597 -11.72 -33.43 33.44
CA GLU B 597 -11.72 -33.43 31.98
C GLU B 597 -10.90 -32.28 31.42
N TRP B 598 -10.80 -31.17 32.15
CA TRP B 598 -10.02 -30.03 31.67
C TRP B 598 -8.52 -30.30 31.66
N ASN B 599 -8.06 -31.31 32.39
CA ASN B 599 -6.64 -31.62 32.45
C ASN B 599 -6.35 -33.02 31.90
N ASP C 113 35.83 0.74 8.06
CA ASP C 113 34.62 -0.03 7.77
C ASP C 113 33.41 0.58 8.49
N THR C 114 32.76 1.53 7.82
CA THR C 114 31.60 2.22 8.38
C THR C 114 30.33 1.43 8.05
N MET C 115 29.33 1.60 8.91
CA MET C 115 28.05 0.92 8.74
C MET C 115 27.37 1.36 7.44
N LYS C 116 26.79 0.40 6.74
CA LYS C 116 26.15 0.64 5.44
C LYS C 116 24.65 0.40 5.54
N VAL C 117 23.90 1.12 4.69
CA VAL C 117 22.44 1.08 4.70
C VAL C 117 21.96 0.76 3.28
N ILE C 118 20.93 -0.08 3.20
CA ILE C 118 20.32 -0.46 1.93
C ILE C 118 18.83 -0.17 1.99
N ASN C 119 18.28 0.28 0.86
CA ASN C 119 16.86 0.65 0.79
C ASN C 119 16.08 -0.54 0.23
N ASP C 120 15.66 -1.43 1.14
CA ASP C 120 14.83 -2.57 0.78
C ASP C 120 13.39 -2.10 0.57
N PRO C 121 12.67 -2.72 -0.37
CA PRO C 121 11.27 -2.31 -0.60
C PRO C 121 10.30 -2.82 0.44
N ILE C 122 10.63 -3.92 1.11
CA ILE C 122 9.73 -4.51 2.10
C ILE C 122 10.03 -3.97 3.49
N HIS C 123 11.30 -3.87 3.87
CA HIS C 123 11.70 -3.48 5.21
C HIS C 123 12.30 -2.07 5.26
N GLY C 124 12.07 -1.27 4.24
CA GLY C 124 12.61 0.09 4.23
C GLY C 124 14.12 0.07 4.25
N HIS C 125 14.71 0.88 5.14
CA HIS C 125 16.16 0.97 5.25
C HIS C 125 16.68 -0.06 6.24
N ILE C 126 17.75 -0.74 5.86
CA ILE C 126 18.37 -1.79 6.65
C ILE C 126 19.82 -1.41 6.90
N GLU C 127 20.23 -1.42 8.16
CA GLU C 127 21.61 -1.13 8.56
C GLU C 127 22.37 -2.44 8.73
N LEU C 128 23.56 -2.51 8.13
CA LEU C 128 24.35 -3.74 8.10
C LEU C 128 25.68 -3.51 8.80
N HIS C 129 26.01 -4.43 9.72
CA HIS C 129 27.29 -4.38 10.41
C HIS C 129 28.43 -4.61 9.42
N PRO C 130 29.60 -4.01 9.66
CA PRO C 130 30.72 -4.19 8.72
C PRO C 130 31.12 -5.64 8.51
N LEU C 131 30.99 -6.50 9.53
CA LEU C 131 31.23 -7.92 9.33
C LEU C 131 30.24 -8.51 8.33
N LEU C 132 28.97 -8.11 8.44
CA LEU C 132 27.97 -8.55 7.46
C LEU C 132 28.31 -8.05 6.06
N VAL C 133 28.77 -6.79 5.95
CA VAL C 133 29.14 -6.24 4.66
C VAL C 133 30.30 -7.02 4.05
N ARG C 134 31.26 -7.42 4.88
CA ARG C 134 32.36 -8.23 4.39
C ARG C 134 31.88 -9.62 3.96
N ILE C 135 30.92 -10.19 4.70
CA ILE C 135 30.45 -11.53 4.37
C ILE C 135 29.67 -11.52 3.06
N ILE C 136 28.84 -10.50 2.83
CA ILE C 136 28.02 -10.49 1.62
C ILE C 136 28.87 -10.21 0.38
N ASP C 137 29.93 -9.42 0.51
CA ASP C 137 30.70 -8.98 -0.66
C ASP C 137 31.71 -10.05 -1.09
N THR C 138 31.20 -11.26 -1.27
CA THR C 138 31.97 -12.41 -1.71
C THR C 138 31.22 -13.10 -2.85
N PRO C 139 31.93 -13.78 -3.74
CA PRO C 139 31.23 -14.48 -4.83
C PRO C 139 30.23 -15.52 -4.34
N GLN C 140 30.51 -16.18 -3.22
CA GLN C 140 29.61 -17.21 -2.72
C GLN C 140 28.27 -16.64 -2.28
N PHE C 141 28.20 -15.35 -1.97
CA PHE C 141 26.94 -14.70 -1.62
C PHE C 141 26.29 -14.01 -2.81
N GLN C 142 27.09 -13.32 -3.64
CA GLN C 142 26.54 -12.72 -4.85
C GLN C 142 26.07 -13.78 -5.84
N ARG C 143 26.43 -15.04 -5.63
CA ARG C 143 25.87 -16.12 -6.44
C ARG C 143 24.36 -16.19 -6.29
N LEU C 144 23.82 -15.81 -5.12
CA LEU C 144 22.38 -15.78 -4.92
C LEU C 144 21.70 -14.68 -5.70
N ARG C 145 22.45 -13.70 -6.20
CA ARG C 145 21.87 -12.61 -6.97
C ARG C 145 21.30 -13.06 -8.30
N TYR C 146 21.58 -14.29 -8.73
CA TYR C 146 21.17 -14.78 -10.04
C TYR C 146 20.39 -16.09 -9.92
N ILE C 147 19.68 -16.28 -8.81
CA ILE C 147 18.86 -17.45 -8.59
C ILE C 147 17.47 -16.98 -8.20
N LYS C 148 16.48 -17.29 -9.02
CA LYS C 148 15.11 -16.87 -8.75
C LYS C 148 14.55 -17.63 -7.55
N GLN C 149 13.84 -16.90 -6.68
CA GLN C 149 13.23 -17.56 -5.53
C GLN C 149 12.05 -18.42 -5.97
N LEU C 150 11.27 -17.95 -6.93
CA LEU C 150 10.18 -18.72 -7.53
C LEU C 150 10.62 -19.09 -8.93
N GLY C 151 11.02 -20.34 -9.14
CA GLY C 151 11.53 -20.77 -10.42
C GLY C 151 10.48 -20.81 -11.51
N GLY C 152 9.51 -21.71 -11.39
CA GLY C 152 8.43 -21.80 -12.36
C GLY C 152 7.33 -20.80 -12.19
N GLY C 153 7.30 -20.08 -11.06
CA GLY C 153 6.30 -19.06 -10.85
C GLY C 153 6.51 -17.80 -11.65
N TYR C 154 7.74 -17.56 -12.11
CA TYR C 154 8.00 -16.41 -12.96
C TYR C 154 7.33 -16.52 -14.32
N TYR C 155 7.07 -17.74 -14.78
CA TYR C 155 6.41 -17.96 -16.06
C TYR C 155 4.90 -18.04 -15.93
N VAL C 156 4.36 -17.86 -14.72
CA VAL C 156 2.94 -17.72 -14.50
C VAL C 156 2.59 -16.35 -13.93
N PHE C 157 3.36 -15.89 -12.93
CA PHE C 157 3.20 -14.56 -12.38
C PHE C 157 4.30 -13.68 -12.94
N PRO C 158 4.01 -12.75 -13.85
CA PRO C 158 5.09 -11.94 -14.43
C PRO C 158 5.88 -11.12 -13.42
N GLY C 159 5.25 -10.66 -12.33
CA GLY C 159 5.96 -9.84 -11.37
C GLY C 159 6.90 -10.56 -10.45
N ALA C 160 6.80 -11.89 -10.36
CA ALA C 160 7.61 -12.68 -9.43
C ALA C 160 9.02 -12.88 -10.02
N SER C 161 9.77 -11.78 -10.06
CA SER C 161 11.12 -11.77 -10.59
C SER C 161 12.14 -11.41 -9.51
N HIS C 162 11.93 -11.89 -8.29
CA HIS C 162 12.82 -11.61 -7.17
C HIS C 162 13.68 -12.82 -6.86
N ASN C 163 14.94 -12.55 -6.53
CA ASN C 163 15.94 -13.58 -6.29
C ASN C 163 16.04 -13.89 -4.79
N ARG C 164 17.03 -14.70 -4.42
CA ARG C 164 17.25 -15.06 -3.03
C ARG C 164 18.19 -14.10 -2.31
N PHE C 165 18.83 -13.18 -3.03
CA PHE C 165 19.69 -12.19 -2.41
C PHE C 165 18.89 -11.27 -1.47
N GLU C 166 17.79 -10.71 -1.99
CA GLU C 166 16.95 -9.84 -1.18
C GLU C 166 16.34 -10.60 -0.02
N HIS C 167 15.92 -11.84 -0.26
CA HIS C 167 15.32 -12.64 0.79
C HIS C 167 16.32 -12.91 1.91
N SER C 168 17.57 -13.21 1.55
CA SER C 168 18.60 -13.44 2.56
C SER C 168 18.87 -12.17 3.37
N LEU C 169 18.98 -11.03 2.69
CA LEU C 169 19.18 -9.78 3.41
C LEU C 169 18.02 -9.49 4.37
N GLY C 170 16.79 -9.71 3.91
CA GLY C 170 15.64 -9.46 4.76
C GLY C 170 15.56 -10.39 5.95
N VAL C 171 15.89 -11.68 5.75
CA VAL C 171 15.86 -12.62 6.86
C VAL C 171 16.91 -12.25 7.89
N GLY C 172 18.11 -11.84 7.43
CA GLY C 172 19.11 -11.39 8.38
C GLY C 172 18.66 -10.17 9.17
N TYR C 173 18.07 -9.20 8.48
CA TYR C 173 17.58 -8.00 9.16
C TYR C 173 16.51 -8.34 10.18
N LEU C 174 15.57 -9.22 9.82
CA LEU C 174 14.50 -9.57 10.74
C LEU C 174 15.03 -10.34 11.95
N ALA C 175 16.00 -11.23 11.72
CA ALA C 175 16.60 -11.94 12.86
C ALA C 175 17.29 -10.96 13.80
N GLY C 176 18.04 -10.00 13.24
CA GLY C 176 18.65 -8.99 14.08
C GLY C 176 17.64 -8.17 14.87
N CYS C 177 16.55 -7.77 14.21
CA CYS C 177 15.52 -6.99 14.88
C CYS C 177 14.87 -7.78 16.01
N LEU C 178 14.56 -9.06 15.76
CA LEU C 178 13.92 -9.88 16.79
C LEU C 178 14.84 -10.07 17.98
N VAL C 179 16.12 -10.36 17.73
CA VAL C 179 17.03 -10.59 18.85
C VAL C 179 17.27 -9.29 19.62
N HIS C 180 17.35 -8.16 18.92
CA HIS C 180 17.55 -6.88 19.60
C HIS C 180 16.34 -6.54 20.46
N ALA C 181 15.13 -6.78 19.95
CA ALA C 181 13.93 -6.50 20.73
C ALA C 181 13.84 -7.41 21.95
N LEU C 182 14.16 -8.70 21.78
CA LEU C 182 14.13 -9.62 22.91
C LEU C 182 15.15 -9.22 23.97
N GLY C 183 16.33 -8.76 23.54
CA GLY C 183 17.33 -8.30 24.50
C GLY C 183 16.89 -7.05 25.23
N GLU C 184 16.28 -6.11 24.51
CA GLU C 184 15.83 -4.86 25.14
C GLU C 184 14.72 -5.13 26.15
N LYS C 185 13.78 -6.02 25.82
CA LYS C 185 12.66 -6.26 26.73
C LYS C 185 13.11 -6.95 28.01
N GLN C 186 14.05 -7.90 27.91
CA GLN C 186 14.54 -8.65 29.07
C GLN C 186 16.06 -8.52 29.16
N PRO C 187 16.56 -7.50 29.88
CA PRO C 187 18.01 -7.38 30.04
C PRO C 187 18.64 -8.54 30.79
N GLU C 188 17.86 -9.32 31.53
CA GLU C 188 18.42 -10.41 32.32
C GLU C 188 18.83 -11.61 31.47
N LEU C 189 18.51 -11.62 30.18
CA LEU C 189 18.91 -12.74 29.33
C LEU C 189 20.39 -12.68 28.96
N GLN C 190 21.05 -11.54 29.16
CA GLN C 190 22.48 -11.37 28.89
C GLN C 190 22.79 -11.67 27.42
N ILE C 191 22.18 -10.87 26.54
CA ILE C 191 22.40 -10.98 25.10
C ILE C 191 23.45 -9.95 24.72
N SER C 192 24.59 -10.43 24.23
CA SER C 192 25.69 -9.56 23.84
C SER C 192 25.65 -9.29 22.34
N GLU C 193 26.47 -8.33 21.91
CA GLU C 193 26.57 -8.03 20.49
C GLU C 193 27.10 -9.22 19.70
N ARG C 194 27.85 -10.11 20.36
CA ARG C 194 28.34 -11.32 19.70
C ARG C 194 27.17 -12.20 19.26
N ASP C 195 26.19 -12.39 20.14
CA ASP C 195 25.02 -13.19 19.79
C ASP C 195 24.22 -12.53 18.66
N VAL C 196 24.10 -11.20 18.71
CA VAL C 196 23.38 -10.48 17.66
C VAL C 196 24.06 -10.69 16.31
N LEU C 197 25.38 -10.51 16.28
CA LEU C 197 26.11 -10.70 15.02
C LEU C 197 26.01 -12.14 14.53
N CYS C 198 26.07 -13.11 15.45
CA CYS C 198 26.00 -14.50 15.04
C CYS C 198 24.63 -14.85 14.46
N VAL C 199 23.55 -14.40 15.10
CA VAL C 199 22.22 -14.70 14.57
C VAL C 199 21.99 -13.98 13.25
N GLN C 200 22.53 -12.76 13.11
CA GLN C 200 22.43 -12.07 11.83
C GLN C 200 23.15 -12.84 10.74
N ILE C 201 24.37 -13.30 11.02
CA ILE C 201 25.14 -14.05 10.02
C ILE C 201 24.42 -15.34 9.65
N ALA C 202 23.81 -16.00 10.64
CA ALA C 202 23.01 -17.18 10.33
C ALA C 202 21.82 -16.83 9.45
N GLY C 203 21.23 -15.66 9.67
CA GLY C 203 20.12 -15.24 8.83
C GLY C 203 20.50 -14.98 7.39
N LEU C 204 21.60 -14.26 7.18
CA LEU C 204 22.02 -13.95 5.81
C LEU C 204 22.46 -15.21 5.06
N CYS C 205 23.15 -16.12 5.73
CA CYS C 205 23.77 -17.27 5.07
C CYS C 205 22.95 -18.54 5.28
N HIS C 206 21.64 -18.42 5.39
CA HIS C 206 20.79 -19.59 5.55
C HIS C 206 20.37 -20.20 4.22
N ASP C 207 20.52 -19.47 3.12
CA ASP C 207 20.14 -19.97 1.79
C ASP C 207 21.29 -19.85 0.81
N LEU C 208 22.53 -20.03 1.29
CA LEU C 208 23.69 -19.91 0.42
C LEU C 208 23.70 -21.00 -0.64
N GLY C 209 23.33 -22.22 -0.27
CA GLY C 209 23.29 -23.31 -1.22
C GLY C 209 21.92 -23.55 -1.82
N HIS C 210 21.69 -23.01 -3.02
CA HIS C 210 20.50 -23.28 -3.81
C HIS C 210 20.90 -23.58 -5.24
N GLY C 211 20.22 -24.54 -5.84
CA GLY C 211 20.41 -24.83 -7.25
C GLY C 211 19.74 -23.78 -8.11
N PRO C 212 19.88 -23.95 -9.42
CA PRO C 212 19.19 -23.06 -10.35
C PRO C 212 17.69 -23.12 -10.16
N PHE C 213 17.05 -21.95 -10.18
CA PHE C 213 15.61 -21.79 -10.04
C PHE C 213 15.13 -22.16 -8.63
N SER C 214 16.06 -22.64 -7.80
CA SER C 214 16.03 -22.70 -6.34
C SER C 214 15.06 -23.73 -5.78
N HIS C 215 14.19 -24.34 -6.56
CA HIS C 215 13.39 -25.37 -5.90
C HIS C 215 13.37 -26.70 -6.65
N MET C 216 13.34 -26.68 -7.97
CA MET C 216 13.32 -27.93 -8.70
C MET C 216 14.65 -28.67 -8.59
N PHE C 217 15.75 -27.92 -8.42
CA PHE C 217 17.05 -28.55 -8.21
C PHE C 217 17.06 -29.34 -6.91
N ASP C 218 16.48 -28.77 -5.85
CA ASP C 218 16.51 -29.41 -4.54
C ASP C 218 15.50 -30.54 -4.43
N GLY C 219 14.35 -30.42 -5.09
CA GLY C 219 13.27 -31.37 -4.88
C GLY C 219 12.87 -32.20 -6.08
N ARG C 220 13.28 -31.80 -7.28
CA ARG C 220 12.93 -32.55 -8.48
C ARG C 220 14.13 -32.99 -9.31
N PHE C 221 15.14 -32.13 -9.47
CA PHE C 221 16.26 -32.48 -10.33
C PHE C 221 17.18 -33.50 -9.66
N ILE C 222 17.69 -33.18 -8.48
CA ILE C 222 18.61 -34.10 -7.78
C ILE C 222 17.97 -35.45 -7.51
N PRO C 223 16.72 -35.55 -7.03
CA PRO C 223 16.15 -36.89 -6.82
C PRO C 223 16.06 -37.75 -8.07
N LEU C 224 16.08 -37.14 -9.26
CA LEU C 224 16.07 -37.90 -10.51
C LEU C 224 17.45 -38.02 -11.14
N ALA C 225 18.28 -36.97 -11.04
CA ALA C 225 19.63 -37.04 -11.59
C ALA C 225 20.48 -38.07 -10.86
N ARG C 226 20.38 -38.11 -9.54
CA ARG C 226 21.14 -39.07 -8.73
C ARG C 226 20.30 -39.44 -7.51
N PRO C 227 19.40 -40.41 -7.66
CA PRO C 227 18.54 -40.79 -6.52
C PRO C 227 19.28 -41.37 -5.33
N GLU C 228 20.51 -41.86 -5.52
CA GLU C 228 21.24 -42.49 -4.43
C GLU C 228 21.61 -41.48 -3.35
N VAL C 229 22.05 -40.29 -3.74
CA VAL C 229 22.48 -39.29 -2.77
C VAL C 229 21.26 -38.65 -2.13
N LYS C 230 21.36 -38.35 -0.84
CA LYS C 230 20.34 -37.60 -0.12
C LYS C 230 20.88 -36.20 0.14
N TRP C 231 20.37 -35.23 -0.61
CA TRP C 231 20.89 -33.86 -0.56
C TRP C 231 19.75 -32.88 -0.32
N THR C 232 20.03 -31.91 0.56
CA THR C 232 19.09 -30.84 0.85
C THR C 232 19.86 -29.52 0.83
N HIS C 233 19.13 -28.43 0.58
CA HIS C 233 19.79 -27.15 0.37
C HIS C 233 20.45 -26.59 1.62
N GLU C 234 20.04 -27.05 2.81
CA GLU C 234 20.71 -26.60 4.03
C GLU C 234 22.15 -27.11 4.09
N GLN C 235 22.37 -28.37 3.69
CA GLN C 235 23.74 -28.88 3.64
C GLN C 235 24.60 -28.08 2.66
N GLY C 236 24.04 -27.77 1.49
CA GLY C 236 24.77 -26.96 0.54
C GLY C 236 25.08 -25.58 1.07
N SER C 237 24.13 -24.99 1.83
CA SER C 237 24.39 -23.70 2.45
C SER C 237 25.51 -23.78 3.47
N VAL C 238 25.55 -24.86 4.24
CA VAL C 238 26.61 -25.04 5.22
C VAL C 238 27.97 -25.13 4.53
N MET C 239 28.05 -25.94 3.47
CA MET C 239 29.32 -26.10 2.77
C MET C 239 29.73 -24.80 2.07
N MET C 240 28.78 -24.07 1.50
CA MET C 240 29.11 -22.77 0.91
C MET C 240 29.56 -21.78 1.97
N PHE C 241 28.99 -21.84 3.17
CA PHE C 241 29.47 -20.98 4.25
C PHE C 241 30.91 -21.31 4.62
N GLU C 242 31.22 -22.60 4.73
CA GLU C 242 32.60 -23.01 4.99
C GLU C 242 33.54 -22.50 3.90
N HIS C 243 33.14 -22.69 2.64
CA HIS C 243 33.98 -22.25 1.52
C HIS C 243 34.15 -20.74 1.52
N LEU C 244 33.08 -20.00 1.80
CA LEU C 244 33.17 -18.53 1.88
C LEU C 244 34.17 -18.12 2.95
N ILE C 245 34.03 -18.68 4.16
CA ILE C 245 34.90 -18.31 5.26
C ILE C 245 36.35 -18.61 4.93
N ASN C 246 36.61 -19.81 4.39
CA ASN C 246 37.99 -20.22 4.14
C ASN C 246 38.60 -19.43 2.99
N SER C 247 37.84 -19.20 1.91
CA SER C 247 38.40 -18.57 0.73
C SER C 247 38.62 -17.08 0.94
N ASN C 248 37.67 -16.41 1.59
CA ASN C 248 37.74 -14.95 1.70
C ASN C 248 38.52 -14.48 2.91
N GLY C 249 38.97 -15.38 3.78
CA GLY C 249 39.72 -14.99 4.96
C GLY C 249 38.90 -14.17 5.93
N ILE C 250 37.73 -14.70 6.31
CA ILE C 250 36.82 -13.97 7.18
C ILE C 250 37.20 -14.09 8.65
N LYS C 251 37.85 -15.19 9.06
CA LYS C 251 38.15 -15.40 10.48
C LYS C 251 38.93 -14.26 11.12
N PRO C 252 39.96 -13.67 10.50
CA PRO C 252 40.59 -12.49 11.12
C PRO C 252 39.61 -11.35 11.37
N VAL C 253 38.68 -11.12 10.43
CA VAL C 253 37.71 -10.05 10.62
C VAL C 253 36.72 -10.40 11.72
N MET C 254 36.35 -11.68 11.82
CA MET C 254 35.47 -12.12 12.90
C MET C 254 36.14 -11.92 14.25
N GLU C 255 37.43 -12.23 14.34
CA GLU C 255 38.16 -12.01 15.59
C GLU C 255 38.35 -10.51 15.88
N GLN C 256 38.41 -9.70 14.83
CA GLN C 256 38.54 -8.25 15.03
C GLN C 256 37.31 -7.67 15.70
N TYR C 257 36.12 -8.22 15.45
CA TYR C 257 34.88 -7.68 15.99
C TYR C 257 34.37 -8.47 17.20
N GLY C 258 35.28 -9.13 17.92
CA GLY C 258 34.91 -9.77 19.17
C GLY C 258 34.28 -11.14 19.05
N LEU C 259 34.29 -11.75 17.87
CA LEU C 259 33.72 -13.08 17.69
C LEU C 259 34.79 -14.14 17.85
N ILE C 260 34.42 -15.26 18.49
CA ILE C 260 35.32 -16.40 18.68
C ILE C 260 35.01 -17.41 17.58
N PRO C 261 35.78 -17.43 16.48
CA PRO C 261 35.36 -18.23 15.31
C PRO C 261 35.20 -19.71 15.60
N GLU C 262 36.03 -20.29 16.46
CA GLU C 262 36.02 -21.75 16.66
C GLU C 262 34.66 -22.22 17.14
N GLU C 263 34.01 -21.44 18.00
CA GLU C 263 32.66 -21.80 18.47
C GLU C 263 31.56 -21.00 17.79
N ASP C 264 31.83 -19.79 17.33
CA ASP C 264 30.81 -19.01 16.63
C ASP C 264 30.43 -19.66 15.30
N ILE C 265 31.42 -20.21 14.58
CA ILE C 265 31.12 -20.88 13.33
C ILE C 265 30.27 -22.12 13.58
N CYS C 266 30.59 -22.87 14.64
CA CYS C 266 29.77 -24.02 15.00
C CYS C 266 28.35 -23.58 15.37
N PHE C 267 28.23 -22.46 16.08
CA PHE C 267 26.91 -21.93 16.44
C PHE C 267 26.11 -21.57 15.19
N ILE C 268 26.75 -20.93 14.21
CA ILE C 268 26.07 -20.56 12.98
C ILE C 268 25.64 -21.80 12.21
N LYS C 269 26.52 -22.80 12.12
CA LYS C 269 26.16 -24.04 11.44
C LYS C 269 25.00 -24.74 12.15
N GLU C 270 25.01 -24.75 13.48
CA GLU C 270 23.90 -25.35 14.22
C GLU C 270 22.61 -24.58 13.99
N GLN C 271 22.68 -23.27 13.86
CA GLN C 271 21.50 -22.48 13.52
C GLN C 271 20.97 -22.88 12.15
N ILE C 272 21.87 -23.03 11.17
CA ILE C 272 21.43 -23.30 9.80
C ILE C 272 20.86 -24.71 9.66
N VAL C 273 21.54 -25.71 10.23
CA VAL C 273 21.19 -27.09 9.98
C VAL C 273 20.79 -27.86 11.24
N GLY C 274 21.22 -27.44 12.42
CA GLY C 274 20.91 -28.18 13.63
C GLY C 274 22.11 -28.90 14.20
N PRO C 275 21.87 -30.00 14.92
CA PRO C 275 22.99 -30.78 15.47
C PRO C 275 23.95 -31.26 14.40
N LEU C 276 25.22 -30.87 14.50
CA LEU C 276 26.18 -31.15 13.45
C LEU C 276 26.71 -32.57 13.52
N GLU C 277 27.34 -32.93 14.63
CA GLU C 277 28.07 -34.20 14.71
C GLU C 277 27.12 -35.39 14.59
N SER C 278 25.96 -35.32 15.23
CA SER C 278 25.02 -36.44 15.26
C SER C 278 23.70 -35.94 15.82
N PRO C 279 22.60 -36.64 15.55
CA PRO C 279 21.34 -36.35 16.25
C PRO C 279 21.52 -36.53 17.75
N VAL C 280 20.82 -35.69 18.52
CA VAL C 280 21.05 -35.60 19.95
C VAL C 280 20.74 -36.94 20.62
N GLU C 281 19.46 -37.32 20.63
CA GLU C 281 18.95 -38.66 20.95
C GLU C 281 19.39 -39.13 22.34
N ASP C 282 20.16 -38.30 23.05
CA ASP C 282 20.78 -38.62 24.33
C ASP C 282 21.57 -37.40 24.77
N SER C 283 22.12 -37.48 25.98
CA SER C 283 23.11 -36.58 26.56
C SER C 283 22.54 -35.23 26.97
N LEU C 284 21.26 -34.94 26.69
CA LEU C 284 20.58 -33.75 27.21
C LEU C 284 21.32 -32.47 26.81
N TRP C 285 21.22 -32.15 25.51
CA TRP C 285 21.87 -30.98 24.91
C TRP C 285 23.40 -31.11 24.96
N PRO C 286 23.97 -32.02 24.16
CA PRO C 286 25.44 -32.07 24.05
C PRO C 286 25.99 -31.06 23.06
N TYR C 287 25.19 -30.05 22.71
CA TYR C 287 25.55 -29.05 21.70
C TYR C 287 26.88 -28.38 22.00
N LYS C 288 27.47 -27.76 20.98
CA LYS C 288 28.80 -27.15 21.11
C LYS C 288 28.82 -25.72 20.59
N GLY C 289 27.67 -25.11 20.35
CA GLY C 289 27.63 -23.75 19.87
C GLY C 289 27.31 -22.72 20.93
N ARG C 290 26.32 -23.02 21.76
CA ARG C 290 25.89 -22.11 22.81
C ARG C 290 25.46 -22.93 24.02
N PRO C 291 25.55 -22.36 25.23
CA PRO C 291 25.17 -23.13 26.42
C PRO C 291 23.67 -23.34 26.53
N GLU C 292 23.23 -24.05 27.57
CA GLU C 292 21.82 -24.35 27.75
C GLU C 292 21.00 -23.09 27.98
N ASN C 293 21.56 -22.12 28.71
CA ASN C 293 20.82 -20.91 29.05
C ASN C 293 20.54 -20.02 27.84
N LYS C 294 21.16 -20.29 26.70
CA LYS C 294 20.90 -19.56 25.46
C LYS C 294 20.09 -20.39 24.47
N SER C 295 19.22 -21.27 24.97
CA SER C 295 18.46 -22.17 24.10
C SER C 295 17.46 -21.42 23.22
N PHE C 296 17.17 -20.16 23.53
CA PHE C 296 16.21 -19.39 22.74
C PHE C 296 16.81 -18.82 21.47
N LEU C 297 18.12 -18.97 21.26
CA LEU C 297 18.76 -18.45 20.07
C LEU C 297 18.72 -19.41 18.89
N TYR C 298 18.30 -20.66 19.10
CA TYR C 298 18.16 -21.64 18.04
C TYR C 298 16.80 -21.58 17.36
N GLU C 299 16.06 -20.49 17.55
CA GLU C 299 14.71 -20.37 17.01
C GLU C 299 14.48 -19.08 16.24
N ILE C 300 15.48 -18.19 16.16
CA ILE C 300 15.24 -16.88 15.54
C ILE C 300 15.30 -16.97 14.02
N VAL C 301 16.24 -17.72 13.46
CA VAL C 301 16.42 -17.80 12.01
C VAL C 301 15.68 -18.97 11.40
N SER C 302 15.81 -20.16 12.00
CA SER C 302 15.12 -21.34 11.48
C SER C 302 14.62 -22.15 12.69
N ASN C 303 13.36 -21.94 13.04
CA ASN C 303 12.76 -22.63 14.18
C ASN C 303 12.35 -24.03 13.75
N LYS C 304 13.00 -25.03 14.34
CA LYS C 304 12.72 -26.43 14.01
C LYS C 304 11.77 -27.09 14.99
N ARG C 305 11.22 -26.34 15.94
CA ARG C 305 10.31 -26.90 16.93
C ARG C 305 8.85 -26.64 16.56
N ASN C 306 8.53 -25.44 16.09
CA ASN C 306 7.18 -25.11 15.68
C ASN C 306 7.10 -24.39 14.33
N GLY C 307 8.22 -23.98 13.77
CA GLY C 307 8.24 -23.39 12.45
C GLY C 307 8.09 -21.89 12.39
N ILE C 308 7.88 -21.23 13.52
CA ILE C 308 7.72 -19.78 13.55
C ILE C 308 9.09 -19.13 13.57
N ASP C 309 9.47 -18.48 12.47
CA ASP C 309 10.80 -17.91 12.34
C ASP C 309 10.75 -16.77 11.33
N VAL C 310 11.81 -15.95 11.34
CA VAL C 310 11.83 -14.76 10.50
C VAL C 310 11.90 -15.09 9.02
N ASP C 311 12.39 -16.28 8.67
CA ASP C 311 12.42 -16.69 7.26
C ASP C 311 11.01 -16.76 6.70
N LYS C 312 10.08 -17.35 7.44
CA LYS C 312 8.70 -17.46 7.00
C LYS C 312 8.09 -16.07 6.80
N TRP C 313 8.31 -15.17 7.76
CA TRP C 313 7.75 -13.84 7.67
C TRP C 313 8.30 -13.11 6.45
N ASP C 314 9.60 -13.21 6.22
CA ASP C 314 10.21 -12.49 5.12
C ASP C 314 9.70 -12.99 3.78
N TYR C 315 9.64 -14.32 3.59
CA TYR C 315 9.19 -14.71 2.26
C TYR C 315 7.69 -14.52 2.10
N PHE C 316 6.92 -14.60 3.20
CA PHE C 316 5.52 -14.18 3.15
C PHE C 316 5.39 -12.79 2.57
N ALA C 317 6.03 -11.81 3.23
CA ALA C 317 5.89 -10.42 2.82
C ALA C 317 6.40 -10.21 1.39
N ARG C 318 7.56 -10.77 1.07
CA ARG C 318 8.16 -10.52 -0.24
C ARG C 318 7.36 -11.15 -1.36
N ASP C 319 6.95 -12.41 -1.18
CA ASP C 319 6.17 -13.10 -2.21
C ASP C 319 4.81 -12.43 -2.40
N CYS C 320 4.15 -12.02 -1.31
CA CYS C 320 2.90 -11.30 -1.48
C CYS C 320 3.11 -9.98 -2.21
N HIS C 321 4.18 -9.26 -1.87
CA HIS C 321 4.43 -7.97 -2.50
C HIS C 321 4.76 -8.10 -3.97
N HIS C 322 5.38 -9.21 -4.38
CA HIS C 322 5.81 -9.34 -5.76
C HIS C 322 4.79 -10.05 -6.65
N LEU C 323 4.17 -11.12 -6.16
CA LEU C 323 3.18 -11.84 -6.95
C LEU C 323 2.00 -10.95 -7.31
N GLY C 324 1.49 -10.20 -6.34
CA GLY C 324 0.31 -9.39 -6.55
C GLY C 324 -0.81 -9.77 -5.60
N ILE C 325 -0.51 -10.63 -4.64
CA ILE C 325 -1.47 -11.05 -3.63
C ILE C 325 -1.26 -10.19 -2.39
N GLN C 326 -2.27 -10.16 -1.53
CA GLN C 326 -2.20 -9.39 -0.29
C GLN C 326 -1.92 -10.30 0.89
N ASN C 327 -1.08 -9.82 1.79
CA ASN C 327 -0.61 -10.60 2.93
C ASN C 327 -1.57 -10.44 4.11
N ASN C 328 -1.73 -11.51 4.87
CA ASN C 328 -2.63 -11.54 6.03
C ASN C 328 -1.85 -11.86 7.30
N PHE C 329 -0.70 -11.21 7.50
CA PHE C 329 0.09 -11.42 8.69
C PHE C 329 0.85 -10.15 9.04
N ASP C 330 1.05 -9.93 10.34
CA ASP C 330 1.78 -8.79 10.85
C ASP C 330 2.86 -9.30 11.81
N TYR C 331 4.11 -9.28 11.36
CA TYR C 331 5.19 -9.80 12.19
C TYR C 331 5.58 -8.82 13.29
N LYS C 332 5.37 -7.53 13.09
CA LYS C 332 5.72 -6.55 14.11
C LYS C 332 4.88 -6.75 15.38
N ARG C 333 3.60 -7.07 15.22
CA ARG C 333 2.77 -7.35 16.38
C ARG C 333 3.26 -8.58 17.14
N PHE C 334 3.70 -9.61 16.41
CA PHE C 334 4.26 -10.78 17.07
C PHE C 334 5.55 -10.44 17.80
N ILE C 335 6.38 -9.58 17.21
CA ILE C 335 7.62 -9.17 17.84
C ILE C 335 7.33 -8.43 19.14
N LYS C 336 6.36 -7.52 19.12
CA LYS C 336 6.00 -6.77 20.32
C LYS C 336 5.31 -7.64 21.37
N PHE C 337 4.84 -8.83 21.00
CA PHE C 337 4.10 -9.71 21.90
C PHE C 337 4.81 -11.05 22.05
N ALA C 338 6.13 -11.03 22.15
CA ALA C 338 6.93 -12.24 22.32
C ALA C 338 7.91 -12.05 23.46
N ARG C 339 8.01 -13.05 24.33
CA ARG C 339 8.92 -13.00 25.47
C ARG C 339 9.58 -14.36 25.65
N VAL C 340 10.78 -14.34 26.20
CA VAL C 340 11.54 -15.55 26.50
C VAL C 340 11.13 -16.03 27.89
N CYS C 341 10.65 -17.27 27.98
CA CYS C 341 10.20 -17.84 29.23
C CYS C 341 10.74 -19.25 29.37
N GLU C 342 11.08 -19.63 30.60
CA GLU C 342 11.58 -20.97 30.87
C GLU C 342 10.49 -22.00 30.60
N VAL C 343 10.80 -22.99 29.77
CA VAL C 343 9.87 -24.04 29.40
C VAL C 343 10.59 -25.38 29.53
N ASP C 344 10.17 -26.19 30.51
CA ASP C 344 10.70 -27.53 30.73
C ASP C 344 12.23 -27.46 30.88
N ASN C 345 12.69 -26.45 31.61
CA ASN C 345 14.08 -26.23 31.98
C ASN C 345 14.96 -25.75 30.82
N GLU C 346 14.37 -25.15 29.78
CA GLU C 346 15.14 -24.40 28.80
C GLU C 346 14.36 -23.16 28.39
N LEU C 347 15.09 -22.12 27.98
CA LEU C 347 14.51 -20.85 27.62
C LEU C 347 14.03 -20.90 26.18
N ARG C 348 12.71 -20.84 25.99
CA ARG C 348 12.10 -20.83 24.67
C ARG C 348 11.37 -19.51 24.47
N ILE C 349 11.29 -19.08 23.20
CA ILE C 349 10.54 -17.87 22.87
C ILE C 349 9.06 -18.17 22.94
N CYS C 350 8.34 -17.38 23.72
CA CYS C 350 6.90 -17.57 23.93
C CYS C 350 6.15 -16.35 23.43
N ALA C 351 4.94 -16.59 22.95
CA ALA C 351 4.08 -15.53 22.43
C ALA C 351 2.96 -15.22 23.41
N ARG C 352 2.36 -14.05 23.23
CA ARG C 352 1.23 -13.65 24.07
C ARG C 352 0.05 -14.58 23.83
N ASP C 353 -0.72 -14.84 24.90
CA ASP C 353 -1.79 -15.83 24.83
C ASP C 353 -2.91 -15.41 23.90
N LYS C 354 -3.03 -14.13 23.59
CA LYS C 354 -4.06 -13.62 22.69
C LYS C 354 -3.64 -13.68 21.22
N GLU C 355 -2.44 -14.19 20.94
CA GLU C 355 -1.91 -14.23 19.57
C GLU C 355 -2.10 -15.59 18.91
N VAL C 356 -2.81 -16.52 19.55
CA VAL C 356 -2.99 -17.85 18.97
C VAL C 356 -3.81 -17.76 17.68
N GLY C 357 -4.80 -16.87 17.66
CA GLY C 357 -5.57 -16.66 16.44
C GLY C 357 -4.71 -16.12 15.31
N ASN C 358 -3.82 -15.16 15.62
CA ASN C 358 -2.93 -14.63 14.60
C ASN C 358 -1.94 -15.67 14.11
N LEU C 359 -1.50 -16.58 15.00
CA LEU C 359 -0.59 -17.64 14.56
C LEU C 359 -1.32 -18.62 13.63
N TYR C 360 -2.54 -19.00 13.98
CA TYR C 360 -3.34 -19.83 13.07
C TYR C 360 -3.56 -19.10 11.74
N ASP C 361 -3.75 -17.79 11.79
CA ASP C 361 -3.88 -17.01 10.56
C ASP C 361 -2.60 -17.03 9.74
N MET C 362 -1.45 -17.01 10.40
CA MET C 362 -0.17 -17.11 9.69
C MET C 362 -0.05 -18.43 8.95
N PHE C 363 -0.43 -19.52 9.62
CA PHE C 363 -0.36 -20.81 8.94
C PHE C 363 -1.39 -20.92 7.83
N HIS C 364 -2.56 -20.31 8.01
CA HIS C 364 -3.55 -20.26 6.94
C HIS C 364 -3.03 -19.45 5.75
N THR C 365 -2.31 -18.36 6.02
CA THR C 365 -1.70 -17.58 4.95
C THR C 365 -0.66 -18.40 4.19
N ARG C 366 0.13 -19.18 4.91
CA ARG C 366 1.09 -20.06 4.25
C ARG C 366 0.37 -21.06 3.35
N ASN C 367 -0.71 -21.66 3.86
CA ASN C 367 -1.47 -22.61 3.06
C ASN C 367 -2.05 -21.95 1.82
N SER C 368 -2.58 -20.74 1.95
CA SER C 368 -3.18 -20.05 0.80
C SER C 368 -2.12 -19.69 -0.22
N LEU C 369 -0.94 -19.24 0.22
CA LEU C 369 0.13 -18.93 -0.71
C LEU C 369 0.58 -20.17 -1.46
N HIS C 370 0.72 -21.29 -0.77
CA HIS C 370 1.05 -22.54 -1.45
C HIS C 370 -0.02 -22.93 -2.45
N ARG C 371 -1.29 -22.81 -2.06
CA ARG C 371 -2.39 -23.20 -2.93
C ARG C 371 -2.46 -22.34 -4.19
N ARG C 372 -2.25 -21.04 -4.05
CA ARG C 372 -2.47 -20.12 -5.16
C ARG C 372 -1.24 -19.89 -6.02
N ALA C 373 -0.04 -19.90 -5.46
CA ALA C 373 1.12 -19.52 -6.25
C ALA C 373 2.21 -20.57 -6.32
N TYR C 374 2.54 -21.21 -5.20
CA TYR C 374 3.65 -22.16 -5.18
C TYR C 374 3.28 -23.51 -5.75
N GLN C 375 2.00 -23.84 -5.82
CA GLN C 375 1.56 -25.10 -6.40
C GLN C 375 0.70 -24.88 -7.63
N HIS C 376 0.96 -23.81 -8.37
CA HIS C 376 0.20 -23.52 -9.58
C HIS C 376 0.39 -24.62 -10.61
N LYS C 377 -0.64 -24.84 -11.40
CA LYS C 377 -0.62 -25.87 -12.43
C LYS C 377 0.47 -25.60 -13.47
N VAL C 378 0.43 -24.42 -14.08
CA VAL C 378 1.37 -24.10 -15.15
C VAL C 378 2.78 -23.98 -14.60
N GLY C 379 2.94 -23.39 -13.42
CA GLY C 379 4.26 -23.30 -12.82
C GLY C 379 4.87 -24.67 -12.55
N ASN C 380 4.06 -25.59 -12.02
CA ASN C 380 4.56 -26.93 -11.75
C ASN C 380 4.94 -27.66 -13.03
N ILE C 381 4.11 -27.54 -14.07
CA ILE C 381 4.45 -28.25 -15.31
C ILE C 381 5.69 -27.63 -15.97
N ILE C 382 5.85 -26.31 -15.87
CA ILE C 382 7.03 -25.68 -16.44
C ILE C 382 8.29 -26.08 -15.68
N ASP C 383 8.19 -26.16 -14.35
CA ASP C 383 9.33 -26.66 -13.58
C ASP C 383 9.67 -28.09 -13.95
N THR C 384 8.65 -28.94 -14.14
CA THR C 384 8.89 -30.32 -14.56
C THR C 384 9.61 -30.37 -15.90
N MET C 385 9.19 -29.53 -16.85
CA MET C 385 9.79 -29.59 -18.18
C MET C 385 11.21 -29.02 -18.18
N ILE C 386 11.47 -27.99 -17.38
CA ILE C 386 12.85 -27.51 -17.26
C ILE C 386 13.72 -28.56 -16.59
N THR C 387 13.17 -29.29 -15.63
CA THR C 387 13.92 -30.39 -15.01
C THR C 387 14.24 -31.47 -16.05
N ASP C 388 13.28 -31.78 -16.92
CA ASP C 388 13.54 -32.76 -17.98
C ASP C 388 14.63 -32.27 -18.93
N ALA C 389 14.60 -30.98 -19.27
CA ALA C 389 15.64 -30.42 -20.12
C ALA C 389 17.02 -30.52 -19.45
N PHE C 390 17.07 -30.23 -18.15
CA PHE C 390 18.33 -30.35 -17.42
C PHE C 390 18.81 -31.80 -17.40
N LEU C 391 17.88 -32.74 -17.20
CA LEU C 391 18.25 -34.16 -17.19
C LEU C 391 18.81 -34.59 -18.54
N LYS C 392 18.24 -34.08 -19.63
CA LYS C 392 18.73 -34.44 -20.95
C LYS C 392 20.05 -33.76 -21.27
N ALA C 393 20.29 -32.56 -20.73
CA ALA C 393 21.51 -31.83 -20.99
C ALA C 393 22.62 -32.08 -19.96
N ASP C 394 22.36 -32.94 -18.97
CA ASP C 394 23.34 -33.19 -17.92
C ASP C 394 24.67 -33.67 -18.47
N ASP C 395 24.63 -34.64 -19.40
CA ASP C 395 25.86 -35.31 -19.83
C ASP C 395 26.77 -34.44 -20.67
N TYR C 396 26.32 -33.27 -21.12
CA TYR C 396 27.10 -32.45 -22.04
C TYR C 396 27.40 -31.06 -21.49
N ILE C 397 27.13 -30.81 -20.21
CA ILE C 397 27.47 -29.55 -19.55
C ILE C 397 28.59 -29.82 -18.56
N GLU C 398 29.68 -29.08 -18.70
CA GLU C 398 30.85 -29.23 -17.83
C GLU C 398 31.11 -27.93 -17.11
N ILE C 399 31.25 -28.00 -15.78
CA ILE C 399 31.58 -26.84 -14.96
C ILE C 399 32.96 -27.06 -14.36
N THR C 400 33.83 -26.07 -14.51
CA THR C 400 35.20 -26.17 -14.04
C THR C 400 35.22 -26.12 -12.51
N GLY C 401 35.60 -27.23 -11.89
CA GLY C 401 35.62 -27.32 -10.44
C GLY C 401 36.86 -26.74 -9.81
N ALA C 402 37.42 -27.43 -8.81
CA ALA C 402 38.61 -26.98 -8.11
C ALA C 402 39.85 -27.64 -8.70
N GLY C 403 40.87 -26.84 -8.97
CA GLY C 403 42.09 -27.35 -9.55
C GLY C 403 41.94 -27.86 -10.97
N GLY C 404 41.10 -27.21 -11.76
CA GLY C 404 40.92 -27.58 -13.15
C GLY C 404 39.99 -28.76 -13.40
N LYS C 405 39.40 -29.33 -12.36
CA LYS C 405 38.49 -30.45 -12.54
C LYS C 405 37.23 -30.01 -13.26
N LYS C 406 36.59 -30.96 -13.95
CA LYS C 406 35.38 -30.70 -14.71
C LYS C 406 34.22 -31.45 -14.06
N TYR C 407 33.12 -30.74 -13.82
CA TYR C 407 31.97 -31.29 -13.12
C TYR C 407 30.71 -31.09 -13.96
N ARG C 408 29.81 -32.07 -13.86
CA ARG C 408 28.51 -31.98 -14.51
C ARG C 408 27.57 -31.12 -13.67
N ILE C 409 26.35 -30.92 -14.17
CA ILE C 409 25.35 -30.21 -13.39
C ILE C 409 24.98 -30.99 -12.14
N SER C 410 24.75 -32.30 -12.28
CA SER C 410 24.33 -33.12 -11.16
C SER C 410 25.48 -33.40 -10.19
N THR C 411 26.71 -33.42 -10.67
CA THR C 411 27.86 -33.71 -9.83
C THR C 411 28.55 -32.47 -9.29
N ALA C 412 28.00 -31.29 -9.55
CA ALA C 412 28.59 -30.05 -9.04
C ALA C 412 28.22 -29.78 -7.60
N ILE C 413 27.41 -30.63 -6.97
CA ILE C 413 27.02 -30.44 -5.58
C ILE C 413 28.03 -31.15 -4.69
N ASP C 414 29.13 -31.60 -5.28
CA ASP C 414 30.22 -32.22 -4.54
C ASP C 414 31.48 -31.35 -4.50
N ASP C 415 31.45 -30.17 -5.10
CA ASP C 415 32.60 -29.28 -5.12
C ASP C 415 32.07 -27.85 -5.23
N MET C 416 32.22 -27.07 -4.16
CA MET C 416 31.59 -25.75 -4.12
C MET C 416 32.29 -24.73 -5.01
N GLU C 417 33.54 -25.00 -5.43
CA GLU C 417 34.16 -24.15 -6.44
C GLU C 417 33.38 -24.23 -7.75
N ALA C 418 32.91 -25.42 -8.12
CA ALA C 418 32.04 -25.55 -9.29
C ALA C 418 30.62 -25.10 -8.97
N TYR C 419 30.12 -25.40 -7.77
CA TYR C 419 28.75 -25.07 -7.43
C TYR C 419 28.54 -23.56 -7.34
N THR C 420 29.61 -22.79 -7.14
CA THR C 420 29.49 -21.35 -7.13
C THR C 420 29.03 -20.80 -8.48
N LYS C 421 29.29 -21.53 -9.56
CA LYS C 421 28.93 -21.10 -10.91
C LYS C 421 27.71 -21.81 -11.45
N LEU C 422 27.03 -22.63 -10.64
CA LEU C 422 25.83 -23.34 -11.06
C LEU C 422 24.62 -22.55 -10.60
N THR C 423 24.21 -21.58 -11.42
CA THR C 423 23.08 -20.71 -11.16
C THR C 423 22.04 -20.90 -12.26
N ASP C 424 21.05 -20.00 -12.29
CA ASP C 424 20.04 -19.99 -13.35
C ASP C 424 20.65 -19.82 -14.74
N ASN C 425 21.96 -19.62 -14.84
CA ASN C 425 22.61 -19.39 -16.13
C ASN C 425 22.52 -20.61 -17.05
N ILE C 426 22.48 -21.82 -16.50
CA ILE C 426 22.50 -23.01 -17.35
C ILE C 426 21.25 -23.10 -18.22
N PHE C 427 20.15 -22.47 -17.77
CA PHE C 427 18.95 -22.41 -18.61
C PHE C 427 19.25 -21.72 -19.93
N LEU C 428 19.85 -20.54 -19.89
CA LEU C 428 20.21 -19.83 -21.12
C LEU C 428 21.42 -20.45 -21.80
N GLU C 429 22.25 -21.21 -21.06
CA GLU C 429 23.29 -22.00 -21.69
C GLU C 429 22.69 -23.02 -22.65
N ILE C 430 21.73 -23.81 -22.15
CA ILE C 430 21.07 -24.81 -22.98
C ILE C 430 20.27 -24.16 -24.09
N LEU C 431 19.54 -23.08 -23.76
CA LEU C 431 18.66 -22.46 -24.74
C LEU C 431 19.43 -21.89 -25.93
N TYR C 432 20.57 -21.28 -25.67
CA TYR C 432 21.36 -20.62 -26.71
C TYR C 432 22.45 -21.51 -27.29
N SER C 433 22.53 -22.77 -26.88
CA SER C 433 23.61 -23.64 -27.31
C SER C 433 23.44 -24.04 -28.77
N THR C 434 24.55 -24.02 -29.52
CA THR C 434 24.58 -24.52 -30.89
C THR C 434 25.16 -25.94 -30.96
N ASP C 435 25.48 -26.54 -29.84
CA ASP C 435 26.05 -27.89 -29.84
C ASP C 435 24.97 -28.89 -30.22
N PRO C 436 25.18 -29.71 -31.24
CA PRO C 436 24.17 -30.72 -31.61
C PRO C 436 23.91 -31.75 -30.52
N LYS C 437 24.81 -31.90 -29.55
CA LYS C 437 24.58 -32.85 -28.47
C LYS C 437 23.41 -32.41 -27.58
N LEU C 438 23.28 -31.10 -27.34
CA LEU C 438 22.23 -30.54 -26.50
C LEU C 438 20.92 -30.31 -27.23
N LYS C 439 20.71 -30.98 -28.36
CA LYS C 439 19.59 -30.66 -29.24
C LYS C 439 18.25 -30.93 -28.58
N ASP C 440 18.12 -32.07 -27.90
CA ASP C 440 16.83 -32.42 -27.29
C ASP C 440 16.46 -31.46 -26.18
N ALA C 441 17.43 -31.12 -25.32
CA ALA C 441 17.17 -30.17 -24.25
C ALA C 441 16.86 -28.79 -24.81
N ARG C 442 17.57 -28.39 -25.88
CA ARG C 442 17.27 -27.11 -26.51
C ARG C 442 15.86 -27.09 -27.08
N GLU C 443 15.44 -28.22 -27.67
CA GLU C 443 14.08 -28.30 -28.21
C GLU C 443 13.04 -28.19 -27.09
N ILE C 444 13.29 -28.83 -25.95
CA ILE C 444 12.37 -28.74 -24.82
C ILE C 444 12.28 -27.29 -24.34
N LEU C 445 13.43 -26.63 -24.20
CA LEU C 445 13.43 -25.24 -23.75
C LEU C 445 12.73 -24.33 -24.76
N LYS C 446 12.87 -24.60 -26.06
CA LYS C 446 12.18 -23.80 -27.05
C LYS C 446 10.68 -24.06 -27.04
N GLN C 447 10.28 -25.30 -26.74
CA GLN C 447 8.86 -25.59 -26.54
C GLN C 447 8.31 -24.79 -25.36
N ILE C 448 9.11 -24.64 -24.32
CA ILE C 448 8.73 -23.72 -23.24
C ILE C 448 8.64 -22.29 -23.76
N GLU C 449 9.59 -21.89 -24.60
CA GLU C 449 9.60 -20.53 -25.14
C GLU C 449 8.35 -20.24 -25.95
N TYR C 450 7.83 -21.25 -26.65
CA TYR C 450 6.64 -21.10 -27.48
C TYR C 450 5.35 -21.37 -26.71
N ARG C 451 5.45 -21.66 -25.42
CA ARG C 451 4.29 -21.95 -24.57
C ARG C 451 3.50 -23.13 -25.14
N ASN C 452 4.22 -24.07 -25.76
CA ASN C 452 3.64 -25.34 -26.17
C ASN C 452 3.73 -26.35 -25.03
N LEU C 453 3.16 -25.97 -23.89
CA LEU C 453 3.32 -26.73 -22.67
C LEU C 453 2.55 -28.05 -22.72
N PHE C 454 2.87 -28.93 -21.79
CA PHE C 454 2.06 -30.13 -21.62
C PHE C 454 0.69 -29.74 -21.11
N LYS C 455 -0.33 -30.48 -21.55
CA LYS C 455 -1.71 -30.08 -21.31
C LYS C 455 -2.24 -30.68 -20.01
N TYR C 456 -2.99 -29.87 -19.27
CA TYR C 456 -3.62 -30.29 -18.02
C TYR C 456 -4.72 -31.32 -18.29
N VAL C 457 -4.89 -32.24 -17.34
CA VAL C 457 -5.95 -33.24 -17.45
C VAL C 457 -6.90 -33.10 -16.27
N GLY C 458 -6.40 -33.26 -15.05
CA GLY C 458 -7.25 -33.17 -13.88
C GLY C 458 -6.46 -33.32 -12.60
N GLU C 459 -7.18 -33.17 -11.49
CA GLU C 459 -6.63 -33.35 -10.14
C GLU C 459 -7.51 -34.32 -9.36
N THR C 460 -7.00 -34.78 -8.23
CA THR C 460 -7.73 -35.70 -7.38
C THR C 460 -7.34 -35.45 -5.93
N GLN C 461 -8.01 -36.15 -5.01
CA GLN C 461 -7.78 -36.08 -3.58
C GLN C 461 -7.84 -37.50 -3.01
N PRO C 462 -6.73 -38.08 -2.57
CA PRO C 462 -6.80 -39.37 -1.87
C PRO C 462 -7.67 -39.27 -0.64
N THR C 463 -8.49 -40.29 -0.41
CA THR C 463 -9.41 -40.31 0.72
C THR C 463 -9.01 -41.29 1.81
N GLY C 464 -8.26 -42.33 1.48
CA GLY C 464 -7.79 -43.25 2.50
C GLY C 464 -6.77 -42.61 3.42
N GLN C 465 -6.71 -43.14 4.65
CA GLN C 465 -5.76 -42.62 5.63
C GLN C 465 -4.31 -42.82 5.20
N ILE C 466 -4.06 -43.78 4.32
CA ILE C 466 -2.70 -44.07 3.85
C ILE C 466 -2.43 -43.24 2.61
N LYS C 467 -1.36 -42.44 2.65
CA LYS C 467 -0.94 -41.65 1.50
C LYS C 467 0.21 -42.35 0.78
N ILE C 468 0.31 -42.06 -0.51
CA ILE C 468 1.33 -42.69 -1.36
C ILE C 468 2.66 -41.98 -1.13
N LYS C 469 3.70 -42.77 -0.83
CA LYS C 469 5.01 -42.22 -0.52
C LYS C 469 5.75 -41.83 -1.79
N ARG C 470 6.86 -41.12 -1.62
CA ARG C 470 7.66 -40.68 -2.77
C ARG C 470 8.28 -41.85 -3.52
N GLU C 471 8.41 -43.01 -2.87
CA GLU C 471 8.94 -44.19 -3.55
C GLU C 471 8.03 -44.68 -4.67
N ASP C 472 6.74 -44.35 -4.61
CA ASP C 472 5.78 -44.78 -5.62
C ASP C 472 5.39 -43.66 -6.58
N TYR C 473 6.15 -42.57 -6.62
CA TYR C 473 5.79 -41.44 -7.47
C TYR C 473 5.86 -41.82 -8.95
N GLU C 474 6.91 -42.56 -9.35
CA GLU C 474 7.08 -42.90 -10.76
C GLU C 474 6.24 -44.09 -11.21
N SER C 475 5.64 -44.83 -10.28
CA SER C 475 4.79 -45.95 -10.64
C SER C 475 3.36 -45.53 -10.96
N LEU C 476 2.98 -44.30 -10.65
CA LEU C 476 1.62 -43.85 -10.94
C LEU C 476 1.29 -43.80 -12.43
N PRO C 477 2.15 -43.28 -13.31
CA PRO C 477 1.80 -43.29 -14.75
C PRO C 477 1.53 -44.69 -15.30
N LYS C 478 2.22 -45.71 -14.79
CA LYS C 478 1.94 -47.07 -15.23
C LYS C 478 0.51 -47.48 -14.91
N GLU C 479 0.04 -47.15 -13.71
CA GLU C 479 -1.34 -47.46 -13.35
C GLU C 479 -2.32 -46.59 -14.11
N VAL C 480 -1.93 -45.34 -14.42
CA VAL C 480 -2.82 -44.46 -15.17
C VAL C 480 -3.04 -45.00 -16.58
N ALA C 481 -1.96 -45.45 -17.23
CA ALA C 481 -2.09 -45.99 -18.58
C ALA C 481 -2.82 -47.32 -18.61
N SER C 482 -2.97 -47.98 -17.47
CA SER C 482 -3.63 -49.28 -17.40
C SER C 482 -5.15 -49.18 -17.26
N ALA C 483 -5.69 -47.98 -17.24
CA ALA C 483 -7.13 -47.81 -17.10
C ALA C 483 -7.86 -48.33 -18.34
N LYS C 484 -9.09 -48.80 -18.13
CA LYS C 484 -9.92 -49.36 -19.19
C LYS C 484 -11.29 -48.70 -19.15
N PRO C 485 -11.39 -47.45 -19.64
CA PRO C 485 -12.69 -46.78 -19.64
C PRO C 485 -13.66 -47.45 -20.61
N LYS C 486 -14.94 -47.44 -20.23
CA LYS C 486 -15.99 -48.03 -21.07
C LYS C 486 -16.62 -46.96 -21.96
N VAL C 487 -15.75 -46.26 -22.71
CA VAL C 487 -16.17 -45.21 -23.63
C VAL C 487 -15.50 -45.47 -24.97
N LEU C 488 -16.09 -44.93 -26.02
CA LEU C 488 -15.56 -45.10 -27.38
C LEU C 488 -14.30 -44.27 -27.57
N LEU C 489 -13.14 -44.88 -27.39
CA LEU C 489 -11.85 -44.22 -27.55
C LEU C 489 -11.21 -44.69 -28.84
N ASP C 490 -10.83 -43.74 -29.70
CA ASP C 490 -10.21 -44.04 -30.99
C ASP C 490 -8.69 -44.02 -30.94
N VAL C 491 -8.09 -43.67 -29.80
CA VAL C 491 -6.65 -43.62 -29.65
C VAL C 491 -6.27 -44.18 -28.29
N LYS C 492 -5.21 -45.00 -28.28
CA LYS C 492 -4.70 -45.60 -27.05
C LYS C 492 -3.42 -44.89 -26.64
N LEU C 493 -3.29 -44.58 -25.36
CA LEU C 493 -2.16 -43.83 -24.84
C LEU C 493 -1.19 -44.74 -24.10
N LYS C 494 -0.01 -44.20 -23.81
CA LYS C 494 1.05 -44.91 -23.14
C LYS C 494 1.51 -44.10 -21.93
N ALA C 495 2.10 -44.79 -20.96
CA ALA C 495 2.58 -44.13 -19.75
C ALA C 495 3.64 -43.09 -20.07
N GLU C 496 4.33 -43.21 -21.21
CA GLU C 496 5.31 -42.21 -21.61
C GLU C 496 4.65 -40.86 -21.86
N ASP C 497 3.39 -40.85 -22.27
CA ASP C 497 2.66 -39.62 -22.54
C ASP C 497 1.95 -39.07 -21.32
N PHE C 498 2.09 -39.71 -20.16
CA PHE C 498 1.41 -39.30 -18.94
C PHE C 498 2.42 -38.80 -17.92
N ILE C 499 2.08 -37.68 -17.27
CA ILE C 499 2.89 -37.10 -16.20
C ILE C 499 2.01 -36.92 -14.98
N VAL C 500 2.50 -37.39 -13.84
CA VAL C 500 1.82 -37.20 -12.57
C VAL C 500 2.64 -36.23 -11.73
N ASP C 501 1.97 -35.54 -10.81
CA ASP C 501 2.63 -34.56 -9.96
C ASP C 501 1.95 -34.58 -8.60
N VAL C 502 2.59 -35.21 -7.62
CA VAL C 502 2.05 -35.33 -6.28
C VAL C 502 2.48 -34.10 -5.47
N ILE C 503 1.52 -33.47 -4.81
CA ILE C 503 1.76 -32.27 -4.01
C ILE C 503 1.26 -32.54 -2.59
N ASN C 504 2.08 -32.20 -1.60
CA ASN C 504 1.73 -32.35 -0.20
C ASN C 504 1.51 -30.97 0.40
N MET C 505 0.31 -30.76 0.95
CA MET C 505 -0.04 -29.50 1.62
C MET C 505 -0.05 -29.75 3.12
N ASP C 506 0.72 -28.94 3.85
CA ASP C 506 0.88 -29.14 5.29
C ASP C 506 1.07 -27.79 5.96
N TYR C 507 1.29 -27.83 7.27
CA TYR C 507 1.52 -26.64 8.08
C TYR C 507 2.97 -26.51 8.54
N GLY C 508 3.91 -27.12 7.81
CA GLY C 508 5.28 -27.22 8.25
C GLY C 508 5.58 -28.44 9.08
N MET C 509 4.59 -28.98 9.76
CA MET C 509 4.66 -30.26 10.47
C MET C 509 3.59 -31.13 9.82
N GLN C 510 3.98 -32.29 9.31
CA GLN C 510 3.13 -33.05 8.39
C GLN C 510 1.78 -33.37 9.03
N GLU C 511 1.78 -34.23 10.05
CA GLU C 511 0.54 -34.70 10.65
C GLU C 511 0.21 -33.99 11.96
N LYS C 512 1.10 -33.14 12.45
CA LYS C 512 0.98 -32.54 13.77
C LYS C 512 0.64 -31.06 13.66
N ASN C 513 -0.14 -30.58 14.62
CA ASN C 513 -0.50 -29.18 14.68
C ASN C 513 0.70 -28.37 15.12
N PRO C 514 1.19 -27.43 14.30
CA PRO C 514 2.35 -26.62 14.73
C PRO C 514 2.09 -25.78 15.96
N ILE C 515 0.85 -25.38 16.21
CA ILE C 515 0.54 -24.58 17.38
C ILE C 515 0.53 -25.42 18.65
N ASP C 516 0.40 -26.74 18.52
CA ASP C 516 0.47 -27.62 19.67
C ASP C 516 1.86 -27.63 20.30
N HIS C 517 2.87 -27.10 19.61
CA HIS C 517 4.23 -27.00 20.11
C HIS C 517 4.65 -25.55 20.27
N VAL C 518 3.74 -24.71 20.76
CA VAL C 518 4.01 -23.31 21.03
C VAL C 518 3.57 -23.00 22.45
N SER C 519 4.39 -22.24 23.17
CA SER C 519 4.13 -21.88 24.55
C SER C 519 3.71 -20.42 24.62
N PHE C 520 2.71 -20.14 25.46
CA PHE C 520 2.11 -18.83 25.56
C PHE C 520 2.21 -18.29 26.98
N TYR C 521 2.23 -16.96 27.09
CA TYR C 521 2.28 -16.29 28.38
C TYR C 521 1.14 -15.27 28.45
N CYS C 522 0.75 -14.95 29.68
CA CYS C 522 -0.37 -14.03 29.91
C CYS C 522 0.10 -12.78 30.62
N LYS C 523 -0.79 -11.79 30.67
CA LYS C 523 -0.46 -10.51 31.29
C LYS C 523 -0.29 -10.63 32.79
N THR C 524 -1.09 -11.46 33.45
CA THR C 524 -0.98 -11.61 34.89
C THR C 524 0.35 -12.25 35.30
N ALA C 525 0.80 -13.25 34.55
CA ALA C 525 2.05 -13.96 34.83
C ALA C 525 2.92 -13.91 33.58
N PRO C 526 3.74 -12.86 33.43
CA PRO C 526 4.59 -12.73 32.23
C PRO C 526 5.78 -13.66 32.18
N ASN C 527 5.89 -14.61 33.12
CA ASN C 527 7.01 -15.55 33.12
C ASN C 527 6.59 -17.01 33.19
N ARG C 528 5.30 -17.31 33.34
CA ARG C 528 4.81 -18.67 33.33
C ARG C 528 4.26 -18.99 31.95
N ALA C 529 4.70 -20.12 31.38
CA ALA C 529 4.29 -20.53 30.05
C ALA C 529 3.21 -21.60 30.14
N ILE C 530 2.24 -21.54 29.23
CA ILE C 530 1.12 -22.46 29.21
C ILE C 530 0.89 -22.97 27.79
N ARG C 531 0.15 -24.06 27.69
CA ARG C 531 -0.21 -24.66 26.41
C ARG C 531 -1.70 -24.44 26.14
N ILE C 532 -2.03 -24.04 24.92
CA ILE C 532 -3.40 -23.80 24.50
C ILE C 532 -3.76 -24.85 23.46
N THR C 533 -4.80 -25.63 23.75
CA THR C 533 -5.26 -26.63 22.81
C THR C 533 -6.11 -26.00 21.71
N LYS C 534 -6.39 -26.78 20.67
CA LYS C 534 -7.15 -26.26 19.54
C LYS C 534 -8.58 -25.94 19.95
N ASN C 535 -9.21 -26.81 20.74
CA ASN C 535 -10.59 -26.60 21.13
C ASN C 535 -10.77 -25.40 22.05
N GLN C 536 -9.70 -24.88 22.64
CA GLN C 536 -9.77 -23.71 23.50
C GLN C 536 -9.65 -22.41 22.73
N VAL C 537 -9.44 -22.45 21.42
CA VAL C 537 -9.32 -21.27 20.60
C VAL C 537 -10.60 -21.00 19.82
N SER C 538 -11.03 -21.97 19.01
CA SER C 538 -12.23 -21.83 18.20
C SER C 538 -12.63 -23.21 17.70
N GLN C 539 -13.91 -23.33 17.36
CA GLN C 539 -14.43 -24.54 16.72
C GLN C 539 -14.46 -24.40 15.19
N LEU C 540 -13.94 -23.30 14.66
CA LEU C 540 -13.92 -23.03 13.23
C LEU C 540 -12.51 -23.14 12.67
N LEU C 541 -11.75 -24.12 13.16
CA LEU C 541 -10.37 -24.36 12.76
C LEU C 541 -10.28 -25.70 12.04
N PRO C 542 -9.28 -25.86 11.17
CA PRO C 542 -9.17 -27.12 10.40
C PRO C 542 -9.06 -28.33 11.32
N GLU C 543 -9.78 -29.39 10.96
CA GLU C 543 -9.70 -30.64 11.71
C GLU C 543 -8.52 -31.51 11.29
N LYS C 544 -7.89 -31.20 10.16
CA LYS C 544 -6.74 -31.93 9.68
C LYS C 544 -5.71 -30.94 9.15
N PHE C 545 -4.43 -31.30 9.26
CA PHE C 545 -3.35 -30.43 8.83
C PHE C 545 -2.51 -31.02 7.71
N ALA C 546 -2.87 -32.19 7.19
CA ALA C 546 -2.16 -32.82 6.09
C ALA C 546 -3.15 -33.23 5.03
N GLU C 547 -2.87 -32.87 3.78
CA GLU C 547 -3.67 -33.32 2.64
C GLU C 547 -2.74 -33.52 1.46
N GLN C 548 -3.19 -34.35 0.52
CA GLN C 548 -2.39 -34.71 -0.64
C GLN C 548 -3.23 -34.50 -1.90
N LEU C 549 -2.62 -33.94 -2.93
CA LEU C 549 -3.31 -33.70 -4.19
C LEU C 549 -2.41 -34.09 -5.35
N ILE C 550 -2.97 -34.80 -6.32
CA ILE C 550 -2.22 -35.38 -7.43
C ILE C 550 -2.72 -34.76 -8.73
N ARG C 551 -1.81 -34.16 -9.49
CA ARG C 551 -2.12 -33.66 -10.81
C ARG C 551 -1.74 -34.69 -11.87
N VAL C 552 -2.35 -34.56 -13.05
CA VAL C 552 -2.05 -35.40 -14.20
C VAL C 552 -2.00 -34.52 -15.44
N TYR C 553 -0.97 -34.73 -16.27
CA TYR C 553 -0.77 -33.92 -17.46
C TYR C 553 -0.61 -34.83 -18.67
N CYS C 554 -0.77 -34.24 -19.86
CA CYS C 554 -0.60 -34.94 -21.12
C CYS C 554 0.41 -34.18 -21.97
N LYS C 555 1.29 -34.92 -22.65
CA LYS C 555 2.37 -34.31 -23.42
C LYS C 555 1.95 -33.93 -24.83
N LYS C 556 0.79 -34.36 -25.31
CA LYS C 556 0.35 -34.08 -26.66
C LYS C 556 -0.65 -32.93 -26.67
N VAL C 557 -0.73 -32.25 -27.82
CA VAL C 557 -1.48 -31.00 -27.93
C VAL C 557 -2.58 -31.12 -28.98
N ASP C 558 -3.12 -32.32 -29.17
CA ASP C 558 -4.24 -32.54 -30.07
C ASP C 558 -5.46 -32.90 -29.25
N ARG C 559 -6.63 -32.39 -29.67
CA ARG C 559 -7.84 -32.50 -28.86
C ARG C 559 -8.25 -33.95 -28.64
N LYS C 560 -8.01 -34.82 -29.61
CA LYS C 560 -8.31 -36.24 -29.42
C LYS C 560 -7.48 -36.84 -28.30
N SER C 561 -6.20 -36.50 -28.24
CA SER C 561 -5.35 -36.96 -27.14
C SER C 561 -5.83 -36.40 -25.81
N LEU C 562 -6.27 -35.14 -25.80
CA LEU C 562 -6.82 -34.55 -24.57
C LEU C 562 -8.03 -35.32 -24.10
N TYR C 563 -8.95 -35.65 -25.02
CA TYR C 563 -10.14 -36.40 -24.64
C TYR C 563 -9.77 -37.78 -24.11
N ALA C 564 -8.85 -38.46 -24.78
CA ALA C 564 -8.43 -39.79 -24.33
C ALA C 564 -7.79 -39.73 -22.96
N ALA C 565 -6.91 -38.75 -22.73
CA ALA C 565 -6.25 -38.62 -21.44
C ALA C 565 -7.26 -38.31 -20.34
N ARG C 566 -8.22 -37.44 -20.62
CA ARG C 566 -9.24 -37.12 -19.62
C ARG C 566 -10.06 -38.36 -19.27
N GLN C 567 -10.44 -39.16 -20.27
CA GLN C 567 -11.19 -40.38 -19.99
C GLN C 567 -10.36 -41.35 -19.15
N TYR C 568 -9.09 -41.53 -19.50
CA TYR C 568 -8.23 -42.44 -18.74
C TYR C 568 -8.08 -41.97 -17.30
N PHE C 569 -7.88 -40.66 -17.10
CA PHE C 569 -7.70 -40.13 -15.75
C PHE C 569 -8.97 -40.29 -14.93
N VAL C 570 -10.13 -40.00 -15.51
CA VAL C 570 -11.38 -40.14 -14.77
C VAL C 570 -11.62 -41.60 -14.40
N GLN C 571 -11.35 -42.51 -15.33
CA GLN C 571 -11.53 -43.93 -15.02
C GLN C 571 -10.56 -44.38 -13.93
N TRP C 572 -9.32 -43.89 -13.96
CA TRP C 572 -8.36 -44.23 -12.92
C TRP C 572 -8.81 -43.71 -11.56
N CYS C 573 -9.31 -42.48 -11.52
CA CYS C 573 -9.81 -41.94 -10.26
C CYS C 573 -10.98 -42.74 -9.73
N ALA C 574 -11.89 -43.15 -10.62
CA ALA C 574 -13.02 -43.96 -10.19
C ALA C 574 -12.59 -45.35 -9.76
N ASP C 575 -11.48 -45.85 -10.29
CA ASP C 575 -11.04 -47.21 -9.99
C ASP C 575 -10.54 -47.33 -8.55
N ARG C 576 -9.70 -46.39 -8.11
CA ARG C 576 -9.04 -46.48 -6.82
C ARG C 576 -9.83 -45.79 -5.70
N ASN C 577 -11.09 -45.45 -5.95
CA ASN C 577 -11.96 -44.80 -4.97
C ASN C 577 -11.33 -43.49 -4.48
N PHE C 578 -11.05 -42.62 -5.45
CA PHE C 578 -10.56 -41.28 -5.18
C PHE C 578 -11.73 -40.30 -5.21
N THR C 579 -11.43 -39.02 -4.97
CA THR C 579 -12.50 -38.04 -4.93
C THR C 579 -13.03 -37.76 -6.34
N LYS C 580 -14.23 -37.20 -6.38
CA LYS C 580 -14.82 -36.78 -7.64
C LYS C 580 -14.14 -35.50 -8.11
N PRO C 581 -13.60 -35.45 -9.32
CA PRO C 581 -12.97 -34.21 -9.80
C PRO C 581 -13.98 -33.07 -9.83
N GLN C 582 -13.47 -31.85 -9.64
CA GLN C 582 -14.34 -30.69 -9.50
C GLN C 582 -15.18 -30.43 -10.75
N ASP C 583 -14.77 -30.98 -11.89
CA ASP C 583 -15.54 -30.88 -13.13
C ASP C 583 -15.65 -32.24 -13.80
N GLY C 584 -15.95 -33.27 -13.03
CA GLY C 584 -16.09 -34.59 -13.61
C GLY C 584 -17.36 -34.81 -14.41
N ASP C 585 -18.36 -33.95 -14.23
CA ASP C 585 -19.65 -34.10 -14.91
C ASP C 585 -19.72 -33.39 -16.25
N VAL C 586 -18.64 -32.72 -16.68
CA VAL C 586 -18.61 -31.99 -17.94
C VAL C 586 -17.56 -32.55 -18.90
N ILE C 587 -16.31 -32.63 -18.44
CA ILE C 587 -15.24 -33.12 -19.31
C ILE C 587 -15.45 -34.60 -19.63
N ALA C 588 -15.95 -35.37 -18.68
CA ALA C 588 -16.20 -36.80 -18.88
C ALA C 588 -17.48 -37.19 -18.17
N PRO C 589 -18.63 -36.84 -18.75
CA PRO C 589 -19.91 -37.13 -18.09
C PRO C 589 -20.39 -38.57 -18.26
N LEU C 590 -19.65 -39.42 -18.97
CA LEU C 590 -20.05 -40.80 -19.18
C LEU C 590 -19.51 -41.77 -18.14
N ILE C 591 -18.66 -41.30 -17.23
CA ILE C 591 -18.09 -42.15 -16.20
C ILE C 591 -18.66 -41.86 -14.81
N THR C 592 -18.96 -40.61 -14.50
CA THR C 592 -19.49 -40.28 -13.18
C THR C 592 -20.78 -41.02 -12.80
N PRO C 593 -21.74 -41.26 -13.70
CA PRO C 593 -22.92 -42.04 -13.28
C PRO C 593 -22.59 -43.42 -12.77
N GLN C 594 -21.48 -44.02 -13.24
CA GLN C 594 -21.06 -45.32 -12.71
C GLN C 594 -20.70 -45.22 -11.23
N LYS C 595 -20.05 -44.14 -10.82
CA LYS C 595 -19.67 -43.92 -9.42
C LYS C 595 -20.90 -43.45 -8.67
N LYS C 596 -21.59 -44.40 -8.03
CA LYS C 596 -22.81 -44.07 -7.29
C LYS C 596 -22.51 -43.18 -6.10
N GLU C 597 -21.40 -43.43 -5.41
CA GLU C 597 -21.06 -42.63 -4.23
C GLU C 597 -20.78 -41.18 -4.60
N TRP C 598 -20.29 -40.92 -5.83
CA TRP C 598 -19.99 -39.56 -6.24
C TRP C 598 -21.24 -38.72 -6.46
N ASN C 599 -22.41 -39.35 -6.60
CA ASN C 599 -23.64 -38.63 -6.82
C ASN C 599 -24.64 -38.86 -5.69
N ASP D 113 -8.85 -20.15 -29.40
CA ASP D 113 -8.04 -19.10 -28.80
C ASP D 113 -8.89 -18.23 -27.88
N THR D 114 -8.99 -18.63 -26.62
CA THR D 114 -9.78 -17.91 -25.63
C THR D 114 -8.94 -16.82 -24.98
N MET D 115 -9.61 -15.78 -24.50
CA MET D 115 -8.94 -14.66 -23.86
C MET D 115 -8.23 -15.13 -22.58
N LYS D 116 -7.02 -14.60 -22.36
CA LYS D 116 -6.20 -15.00 -21.23
C LYS D 116 -6.00 -13.82 -20.28
N VAL D 117 -5.81 -14.13 -19.00
CA VAL D 117 -5.70 -13.13 -17.95
C VAL D 117 -4.40 -13.38 -17.17
N ILE D 118 -3.71 -12.31 -16.81
CA ILE D 118 -2.47 -12.37 -16.05
C ILE D 118 -2.62 -11.50 -14.82
N ASN D 119 -2.05 -11.95 -13.70
CA ASN D 119 -2.15 -11.23 -12.43
C ASN D 119 -0.89 -10.39 -12.25
N ASP D 120 -0.92 -9.19 -12.81
CA ASP D 120 0.15 -8.23 -12.65
C ASP D 120 0.09 -7.60 -11.26
N PRO D 121 1.25 -7.29 -10.65
CA PRO D 121 1.22 -6.70 -9.30
C PRO D 121 0.86 -5.22 -9.29
N ILE D 122 1.10 -4.52 -10.39
CA ILE D 122 0.82 -3.09 -10.46
C ILE D 122 -0.58 -2.82 -10.96
N HIS D 123 -1.02 -3.54 -12.00
CA HIS D 123 -2.30 -3.30 -12.64
C HIS D 123 -3.31 -4.39 -12.37
N GLY D 124 -3.09 -5.21 -11.35
CA GLY D 124 -4.04 -6.27 -11.03
C GLY D 124 -4.14 -7.27 -12.15
N HIS D 125 -5.36 -7.60 -12.53
CA HIS D 125 -5.61 -8.56 -13.60
C HIS D 125 -5.68 -7.86 -14.94
N ILE D 126 -5.02 -8.43 -15.93
CA ILE D 126 -4.94 -7.87 -17.28
C ILE D 126 -5.48 -8.91 -18.25
N GLU D 127 -6.42 -8.51 -19.09
CA GLU D 127 -7.00 -9.38 -20.11
C GLU D 127 -6.30 -9.12 -21.43
N LEU D 128 -5.89 -10.20 -22.10
CA LEU D 128 -5.10 -10.11 -23.33
C LEU D 128 -5.86 -10.75 -24.48
N HIS D 129 -5.94 -10.01 -25.59
CA HIS D 129 -6.57 -10.53 -26.80
C HIS D 129 -5.76 -11.70 -27.36
N PRO D 130 -6.42 -12.67 -28.00
CA PRO D 130 -5.68 -13.83 -28.53
C PRO D 130 -4.58 -13.45 -29.51
N LEU D 131 -4.74 -12.38 -30.29
CA LEU D 131 -3.66 -11.92 -31.14
C LEU D 131 -2.46 -11.47 -30.30
N LEU D 132 -2.72 -10.78 -29.20
CA LEU D 132 -1.64 -10.40 -28.29
C LEU D 132 -0.96 -11.63 -27.70
N VAL D 133 -1.76 -12.64 -27.32
CA VAL D 133 -1.20 -13.86 -26.76
C VAL D 133 -0.30 -14.56 -27.78
N ARG D 134 -0.72 -14.56 -29.05
CA ARG D 134 0.12 -15.14 -30.09
C ARG D 134 1.40 -14.33 -30.29
N ILE D 135 1.30 -13.00 -30.19
CA ILE D 135 2.48 -12.16 -30.41
C ILE D 135 3.49 -12.34 -29.29
N ILE D 136 3.03 -12.43 -28.04
CA ILE D 136 3.97 -12.54 -26.92
C ILE D 136 4.64 -13.91 -26.89
N ASP D 137 3.95 -14.96 -27.31
CA ASP D 137 4.46 -16.32 -27.16
C ASP D 137 5.43 -16.67 -28.29
N THR D 138 6.41 -15.79 -28.48
CA THR D 138 7.46 -15.95 -29.48
C THR D 138 8.81 -15.70 -28.82
N PRO D 139 9.87 -16.30 -29.33
CA PRO D 139 11.20 -16.04 -28.74
C PRO D 139 11.60 -14.58 -28.75
N GLN D 140 11.20 -13.82 -29.77
CA GLN D 140 11.58 -12.42 -29.86
C GLN D 140 10.97 -11.58 -28.76
N PHE D 141 9.86 -12.04 -28.16
CA PHE D 141 9.26 -11.34 -27.02
C PHE D 141 9.72 -11.90 -25.68
N GLN D 142 9.81 -13.23 -25.55
CA GLN D 142 10.35 -13.81 -24.33
C GLN D 142 11.81 -13.48 -24.13
N ARG D 143 12.49 -12.96 -25.16
CA ARG D 143 13.84 -12.46 -24.98
C ARG D 143 13.88 -11.32 -23.96
N LEU D 144 12.80 -10.54 -23.85
CA LEU D 144 12.73 -9.48 -22.86
C LEU D 144 12.60 -10.00 -21.44
N ARG D 145 12.28 -11.28 -21.27
CA ARG D 145 12.14 -11.86 -19.94
C ARG D 145 13.47 -11.96 -19.20
N TYR D 146 14.59 -11.74 -19.89
CA TYR D 146 15.92 -11.90 -19.30
C TYR D 146 16.75 -10.64 -19.46
N ILE D 147 16.11 -9.48 -19.50
CA ILE D 147 16.79 -8.20 -19.62
C ILE D 147 16.28 -7.30 -18.51
N LYS D 148 17.17 -6.91 -17.59
CA LYS D 148 16.77 -6.07 -16.47
C LYS D 148 16.43 -4.67 -16.96
N GLN D 149 15.35 -4.10 -16.41
CA GLN D 149 14.98 -2.74 -16.79
C GLN D 149 15.96 -1.74 -16.19
N LEU D 150 16.41 -1.96 -14.97
CA LEU D 150 17.44 -1.15 -14.33
C LEU D 150 18.70 -2.00 -14.26
N GLY D 151 19.66 -1.74 -15.14
CA GLY D 151 20.86 -2.53 -15.20
C GLY D 151 21.76 -2.39 -13.99
N GLY D 152 22.34 -1.21 -13.81
CA GLY D 152 23.19 -0.96 -12.65
C GLY D 152 22.47 -0.64 -11.38
N GLY D 153 21.15 -0.40 -11.45
CA GLY D 153 20.38 -0.13 -10.26
C GLY D 153 20.11 -1.35 -9.41
N TYR D 154 20.21 -2.55 -10.00
CA TYR D 154 20.05 -3.77 -9.23
C TYR D 154 21.17 -3.98 -8.22
N TYR D 155 22.34 -3.42 -8.49
CA TYR D 155 23.48 -3.55 -7.59
C TYR D 155 23.54 -2.42 -6.57
N VAL D 156 22.56 -1.51 -6.58
CA VAL D 156 22.40 -0.51 -5.54
C VAL D 156 21.08 -0.68 -4.80
N PHE D 157 19.99 -0.91 -5.54
CA PHE D 157 18.70 -1.20 -4.94
C PHE D 157 18.44 -2.68 -5.06
N PRO D 158 18.52 -3.46 -3.97
CA PRO D 158 18.32 -4.91 -4.10
C PRO D 158 16.98 -5.32 -4.66
N GLY D 159 15.91 -4.56 -4.41
CA GLY D 159 14.60 -4.95 -4.89
C GLY D 159 14.35 -4.71 -6.36
N ALA D 160 15.18 -3.92 -7.03
CA ALA D 160 14.97 -3.56 -8.42
C ALA D 160 15.44 -4.71 -9.33
N SER D 161 14.69 -5.81 -9.28
CA SER D 161 14.97 -7.01 -10.05
C SER D 161 13.87 -7.30 -11.07
N HIS D 162 13.30 -6.26 -11.67
CA HIS D 162 12.22 -6.41 -12.64
C HIS D 162 12.76 -6.20 -14.05
N ASN D 163 12.24 -7.01 -14.98
CA ASN D 163 12.69 -7.02 -16.37
C ASN D 163 11.79 -6.13 -17.22
N ARG D 164 11.99 -6.17 -18.54
CA ARG D 164 11.19 -5.40 -19.47
C ARG D 164 9.95 -6.15 -19.95
N PHE D 165 9.82 -7.43 -19.63
CA PHE D 165 8.64 -8.20 -20.00
C PHE D 165 7.39 -7.64 -19.32
N GLU D 166 7.47 -7.46 -18.00
CA GLU D 166 6.34 -6.92 -17.24
C GLU D 166 6.03 -5.50 -17.69
N HIS D 167 7.07 -4.71 -17.92
CA HIS D 167 6.88 -3.33 -18.35
C HIS D 167 6.16 -3.27 -19.70
N SER D 168 6.55 -4.15 -20.63
CA SER D 168 5.88 -4.17 -21.93
C SER D 168 4.42 -4.58 -21.80
N LEU D 169 4.14 -5.61 -20.99
CA LEU D 169 2.76 -6.01 -20.77
C LEU D 169 1.94 -4.87 -20.16
N GLY D 170 2.51 -4.17 -19.18
CA GLY D 170 1.79 -3.08 -18.55
C GLY D 170 1.55 -1.91 -19.48
N VAL D 171 2.54 -1.58 -20.32
CA VAL D 171 2.35 -0.48 -21.26
C VAL D 171 1.27 -0.83 -22.27
N GLY D 172 1.25 -2.08 -22.75
CA GLY D 172 0.18 -2.49 -23.64
C GLY D 172 -1.19 -2.40 -22.99
N TYR D 173 -1.29 -2.87 -21.74
CA TYR D 173 -2.56 -2.81 -21.04
C TYR D 173 -3.02 -1.36 -20.85
N LEU D 174 -2.10 -0.48 -20.48
CA LEU D 174 -2.48 0.92 -20.25
C LEU D 174 -2.88 1.60 -21.56
N ALA D 175 -2.19 1.29 -22.65
CA ALA D 175 -2.59 1.85 -23.94
C ALA D 175 -3.98 1.39 -24.32
N GLY D 176 -4.27 0.10 -24.14
CA GLY D 176 -5.61 -0.40 -24.40
C GLY D 176 -6.67 0.28 -23.54
N CYS D 177 -6.37 0.45 -22.26
CA CYS D 177 -7.33 1.10 -21.36
C CYS D 177 -7.59 2.54 -21.77
N LEU D 178 -6.52 3.28 -22.11
CA LEU D 178 -6.69 4.67 -22.50
C LEU D 178 -7.51 4.79 -23.79
N VAL D 179 -7.22 3.95 -24.78
CA VAL D 179 -7.95 4.05 -26.04
C VAL D 179 -9.40 3.63 -25.85
N HIS D 180 -9.65 2.61 -25.01
CA HIS D 180 -11.02 2.19 -24.77
C HIS D 180 -11.81 3.27 -24.05
N ALA D 181 -11.19 3.94 -23.07
CA ALA D 181 -11.87 5.02 -22.36
C ALA D 181 -12.16 6.19 -23.29
N LEU D 182 -11.18 6.56 -24.13
CA LEU D 182 -11.40 7.65 -25.07
C LEU D 182 -12.52 7.32 -26.05
N GLY D 183 -12.59 6.07 -26.51
CA GLY D 183 -13.67 5.67 -27.39
C GLY D 183 -15.02 5.70 -26.71
N GLU D 184 -15.08 5.24 -25.46
CA GLU D 184 -16.35 5.24 -24.73
C GLU D 184 -16.84 6.66 -24.48
N LYS D 185 -15.94 7.57 -24.11
CA LYS D 185 -16.37 8.93 -23.79
C LYS D 185 -16.88 9.67 -25.02
N GLN D 186 -16.24 9.47 -26.18
CA GLN D 186 -16.62 10.15 -27.42
C GLN D 186 -16.88 9.10 -28.50
N PRO D 187 -18.13 8.63 -28.64
CA PRO D 187 -18.43 7.67 -29.71
C PRO D 187 -18.24 8.25 -31.10
N GLU D 188 -18.22 9.57 -31.25
CA GLU D 188 -18.10 10.18 -32.57
C GLU D 188 -16.70 10.08 -33.16
N LEU D 189 -15.72 9.61 -32.40
CA LEU D 189 -14.37 9.45 -32.92
C LEU D 189 -14.23 8.25 -33.83
N GLN D 190 -15.19 7.32 -33.80
CA GLN D 190 -15.19 6.13 -34.65
C GLN D 190 -13.94 5.29 -34.42
N ILE D 191 -13.78 4.82 -33.19
CA ILE D 191 -12.66 3.97 -32.81
C ILE D 191 -13.14 2.53 -32.88
N SER D 192 -12.53 1.75 -33.77
CA SER D 192 -12.90 0.35 -33.96
C SER D 192 -11.98 -0.56 -33.16
N GLU D 193 -12.35 -1.83 -33.08
CA GLU D 193 -11.51 -2.81 -32.41
C GLU D 193 -10.17 -2.97 -33.10
N ARG D 194 -10.10 -2.66 -34.40
CA ARG D 194 -8.84 -2.71 -35.13
C ARG D 194 -7.85 -1.71 -34.56
N ASP D 195 -8.31 -0.48 -34.29
CA ASP D 195 -7.43 0.53 -33.71
C ASP D 195 -6.98 0.13 -32.30
N VAL D 196 -7.90 -0.46 -31.52
CA VAL D 196 -7.56 -0.90 -30.17
C VAL D 196 -6.47 -1.96 -30.22
N LEU D 197 -6.65 -2.97 -31.10
CA LEU D 197 -5.65 -4.02 -31.20
C LEU D 197 -4.32 -3.47 -31.69
N CYS D 198 -4.35 -2.52 -32.63
CA CYS D 198 -3.11 -1.96 -33.15
C CYS D 198 -2.35 -1.18 -32.08
N VAL D 199 -3.06 -0.34 -31.31
CA VAL D 199 -2.37 0.42 -30.27
C VAL D 199 -1.87 -0.50 -29.17
N GLN D 200 -2.62 -1.56 -28.86
CA GLN D 200 -2.13 -2.53 -27.89
C GLN D 200 -0.86 -3.20 -28.37
N ILE D 201 -0.83 -3.63 -29.64
CA ILE D 201 0.36 -4.29 -30.18
C ILE D 201 1.54 -3.34 -30.18
N ALA D 202 1.30 -2.06 -30.50
CA ALA D 202 2.37 -1.08 -30.41
C ALA D 202 2.86 -0.93 -28.98
N GLY D 203 1.96 -1.02 -28.00
CA GLY D 203 2.37 -0.93 -26.62
C GLY D 203 3.23 -2.09 -26.16
N LEU D 204 2.82 -3.33 -26.50
CA LEU D 204 3.60 -4.49 -26.08
C LEU D 204 4.97 -4.53 -26.76
N CYS D 205 5.05 -4.17 -28.03
CA CYS D 205 6.26 -4.33 -28.82
C CYS D 205 7.02 -3.02 -28.99
N HIS D 206 6.94 -2.14 -28.00
CA HIS D 206 7.67 -0.88 -28.06
C HIS D 206 9.08 -0.98 -27.53
N ASP D 207 9.40 -2.04 -26.79
CA ASP D 207 10.74 -2.24 -26.21
C ASP D 207 11.30 -3.60 -26.59
N LEU D 208 10.98 -4.08 -27.80
CA LEU D 208 11.46 -5.39 -28.24
C LEU D 208 12.98 -5.39 -28.37
N GLY D 209 13.56 -4.32 -28.91
CA GLY D 209 14.99 -4.23 -29.06
C GLY D 209 15.69 -3.51 -27.93
N HIS D 210 16.22 -4.27 -26.97
CA HIS D 210 17.07 -3.75 -25.91
C HIS D 210 18.30 -4.62 -25.77
N GLY D 211 19.44 -3.98 -25.53
CA GLY D 211 20.65 -4.71 -25.24
C GLY D 211 20.63 -5.26 -23.82
N PRO D 212 21.70 -5.97 -23.48
CA PRO D 212 21.84 -6.46 -22.10
C PRO D 212 21.83 -5.31 -21.11
N PHE D 213 21.11 -5.50 -20.00
CA PHE D 213 20.99 -4.54 -18.92
C PHE D 213 20.24 -3.28 -19.35
N SER D 214 19.88 -3.22 -20.63
CA SER D 214 18.85 -2.39 -21.25
C SER D 214 19.19 -0.91 -21.32
N HIS D 215 20.23 -0.42 -20.68
CA HIS D 215 20.49 0.99 -20.90
C HIS D 215 21.93 1.30 -21.28
N MET D 216 22.90 0.60 -20.70
CA MET D 216 24.28 0.88 -21.05
C MET D 216 24.61 0.42 -22.47
N PHE D 217 23.91 -0.61 -22.95
CA PHE D 217 24.09 -1.04 -24.33
C PHE D 217 23.64 0.05 -25.30
N ASP D 218 22.53 0.70 -25.01
CA ASP D 218 21.99 1.71 -25.91
C ASP D 218 22.73 3.03 -25.82
N GLY D 219 23.22 3.39 -24.63
CA GLY D 219 23.77 4.72 -24.43
C GLY D 219 25.24 4.78 -24.07
N ARG D 220 25.83 3.66 -23.66
CA ARG D 220 27.25 3.65 -23.30
C ARG D 220 28.07 2.63 -24.07
N PHE D 221 27.55 1.42 -24.30
CA PHE D 221 28.34 0.39 -24.95
C PHE D 221 28.47 0.66 -26.45
N ILE D 222 27.35 0.77 -27.15
CA ILE D 222 27.39 1.01 -28.60
C ILE D 222 28.13 2.28 -28.97
N PRO D 223 27.95 3.42 -28.30
CA PRO D 223 28.72 4.61 -28.67
C PRO D 223 30.22 4.45 -28.54
N LEU D 224 30.70 3.49 -27.74
CA LEU D 224 32.12 3.22 -27.61
C LEU D 224 32.57 2.03 -28.44
N ALA D 225 31.74 0.98 -28.54
CA ALA D 225 32.11 -0.18 -29.33
C ALA D 225 32.20 0.17 -30.81
N ARG D 226 31.26 0.96 -31.31
CA ARG D 226 31.25 1.38 -32.72
C ARG D 226 30.66 2.78 -32.80
N PRO D 227 31.48 3.80 -32.60
CA PRO D 227 30.95 5.18 -32.63
C PRO D 227 30.42 5.62 -33.98
N GLU D 228 30.80 4.94 -35.07
CA GLU D 228 30.37 5.35 -36.40
C GLU D 228 28.87 5.16 -36.58
N VAL D 229 28.33 4.04 -36.11
CA VAL D 229 26.92 3.75 -36.31
C VAL D 229 26.09 4.58 -35.33
N LYS D 230 24.93 5.04 -35.78
CA LYS D 230 23.97 5.73 -34.93
C LYS D 230 22.80 4.77 -34.69
N TRP D 231 22.73 4.22 -33.49
CA TRP D 231 21.75 3.19 -33.17
C TRP D 231 20.99 3.57 -31.91
N THR D 232 19.67 3.35 -31.96
CA THR D 232 18.79 3.58 -30.82
C THR D 232 17.88 2.37 -30.68
N HIS D 233 17.37 2.17 -29.46
CA HIS D 233 16.63 0.94 -29.18
C HIS D 233 15.29 0.88 -29.89
N GLU D 234 14.74 2.02 -30.32
CA GLU D 234 13.50 1.99 -31.09
C GLU D 234 13.70 1.32 -32.45
N GLN D 235 14.83 1.61 -33.11
CA GLN D 235 15.11 0.93 -34.37
C GLN D 235 15.23 -0.57 -34.17
N GLY D 236 15.94 -0.98 -33.11
CA GLY D 236 16.04 -2.41 -32.83
C GLY D 236 14.69 -3.04 -32.54
N SER D 237 13.82 -2.31 -31.85
CA SER D 237 12.47 -2.82 -31.60
C SER D 237 11.70 -2.99 -32.90
N VAL D 238 11.85 -2.05 -33.83
CA VAL D 238 11.17 -2.14 -35.12
C VAL D 238 11.66 -3.38 -35.88
N MET D 239 12.98 -3.57 -35.92
CA MET D 239 13.52 -4.72 -36.66
C MET D 239 13.14 -6.04 -35.98
N MET D 240 13.14 -6.08 -34.65
CA MET D 240 12.67 -7.28 -33.96
C MET D 240 11.19 -7.54 -34.21
N PHE D 241 10.38 -6.48 -34.32
CA PHE D 241 8.97 -6.68 -34.66
C PHE D 241 8.83 -7.28 -36.05
N GLU D 242 9.59 -6.76 -37.02
CA GLU D 242 9.58 -7.34 -38.36
C GLU D 242 9.99 -8.81 -38.33
N HIS D 243 11.07 -9.12 -37.61
CA HIS D 243 11.55 -10.50 -37.52
C HIS D 243 10.52 -11.40 -36.86
N LEU D 244 9.88 -10.91 -35.79
CA LEU D 244 8.83 -11.69 -35.11
C LEU D 244 7.70 -12.01 -36.07
N ILE D 245 7.20 -10.98 -36.77
CA ILE D 245 6.07 -11.17 -37.67
C ILE D 245 6.42 -12.16 -38.77
N ASN D 246 7.61 -12.00 -39.37
CA ASN D 246 7.98 -12.85 -40.50
C ASN D 246 8.25 -14.28 -40.05
N SER D 247 8.95 -14.46 -38.93
CA SER D 247 9.36 -15.79 -38.51
C SER D 247 8.19 -16.59 -37.96
N ASN D 248 7.31 -15.96 -37.19
CA ASN D 248 6.26 -16.70 -36.51
C ASN D 248 4.99 -16.82 -37.34
N GLY D 249 4.92 -16.20 -38.51
CA GLY D 249 3.74 -16.29 -39.33
C GLY D 249 2.53 -15.63 -38.70
N ILE D 250 2.69 -14.39 -38.28
CA ILE D 250 1.61 -13.68 -37.58
C ILE D 250 0.58 -13.09 -38.54
N LYS D 251 0.98 -12.75 -39.77
CA LYS D 251 0.05 -12.08 -40.69
C LYS D 251 -1.24 -12.86 -40.94
N PRO D 252 -1.25 -14.19 -41.13
CA PRO D 252 -2.54 -14.88 -41.22
C PRO D 252 -3.42 -14.69 -40.00
N VAL D 253 -2.82 -14.68 -38.80
CA VAL D 253 -3.61 -14.48 -37.59
C VAL D 253 -4.13 -13.05 -37.51
N MET D 254 -3.31 -12.08 -37.95
CA MET D 254 -3.76 -10.69 -37.99
C MET D 254 -4.93 -10.53 -38.94
N GLU D 255 -4.88 -11.19 -40.10
CA GLU D 255 -6.01 -11.14 -41.03
C GLU D 255 -7.23 -11.87 -40.49
N GLN D 256 -7.01 -12.91 -39.67
CA GLN D 256 -8.13 -13.62 -39.08
C GLN D 256 -8.94 -12.76 -38.14
N TYR D 257 -8.31 -11.79 -37.46
CA TYR D 257 -8.98 -10.95 -36.48
C TYR D 257 -9.31 -9.56 -37.03
N GLY D 258 -9.46 -9.44 -38.35
CA GLY D 258 -9.92 -8.21 -38.94
C GLY D 258 -8.88 -7.14 -39.15
N LEU D 259 -7.59 -7.46 -38.98
CA LEU D 259 -6.53 -6.48 -39.20
C LEU D 259 -6.01 -6.56 -40.62
N ILE D 260 -5.71 -5.40 -41.20
CA ILE D 260 -5.14 -5.31 -42.55
C ILE D 260 -3.64 -5.16 -42.41
N PRO D 261 -2.86 -6.25 -42.53
CA PRO D 261 -1.43 -6.18 -42.16
C PRO D 261 -0.63 -5.16 -42.94
N GLU D 262 -0.93 -4.95 -44.22
CA GLU D 262 -0.09 -4.09 -45.05
C GLU D 262 -0.05 -2.67 -44.51
N GLU D 263 -1.16 -2.18 -43.97
CA GLU D 263 -1.19 -0.86 -43.37
C GLU D 263 -1.15 -0.88 -41.85
N ASP D 264 -1.64 -1.94 -41.21
CA ASP D 264 -1.57 -2.02 -39.76
C ASP D 264 -0.13 -2.14 -39.27
N ILE D 265 0.69 -2.89 -39.98
CA ILE D 265 2.10 -3.02 -39.61
C ILE D 265 2.80 -1.67 -39.75
N CYS D 266 2.50 -0.93 -40.82
CA CYS D 266 3.06 0.40 -40.97
C CYS D 266 2.59 1.32 -39.85
N PHE D 267 1.32 1.20 -39.45
CA PHE D 267 0.80 2.00 -38.34
C PHE D 267 1.52 1.69 -37.05
N ILE D 268 1.77 0.41 -36.78
CA ILE D 268 2.48 0.02 -35.56
C ILE D 268 3.91 0.54 -35.58
N LYS D 269 4.58 0.42 -36.73
CA LYS D 269 5.94 0.94 -36.84
C LYS D 269 5.98 2.45 -36.65
N GLU D 270 4.99 3.17 -37.21
CA GLU D 270 4.92 4.61 -37.02
C GLU D 270 4.66 4.97 -35.56
N GLN D 271 3.87 4.15 -34.86
CA GLN D 271 3.67 4.37 -33.44
C GLN D 271 4.99 4.20 -32.68
N ILE D 272 5.75 3.16 -33.02
CA ILE D 272 6.97 2.86 -32.27
C ILE D 272 8.06 3.90 -32.54
N VAL D 273 8.27 4.26 -33.81
CA VAL D 273 9.40 5.08 -34.18
C VAL D 273 9.02 6.42 -34.82
N GLY D 274 7.83 6.54 -35.41
CA GLY D 274 7.45 7.77 -36.06
C GLY D 274 7.44 7.64 -37.58
N PRO D 275 7.66 8.75 -38.28
CA PRO D 275 7.71 8.70 -39.75
C PRO D 275 8.76 7.73 -40.27
N LEU D 276 8.33 6.73 -41.04
CA LEU D 276 9.23 5.67 -41.46
C LEU D 276 10.10 6.10 -42.64
N GLU D 277 9.47 6.44 -43.76
CA GLU D 277 10.23 6.65 -45.00
C GLU D 277 11.17 7.84 -44.88
N SER D 278 10.73 8.92 -44.25
CA SER D 278 11.52 10.15 -44.17
C SER D 278 10.85 11.08 -43.16
N PRO D 279 11.61 12.03 -42.61
CA PRO D 279 10.98 13.09 -41.82
C PRO D 279 9.97 13.87 -42.67
N VAL D 280 8.89 14.30 -42.02
CA VAL D 280 7.76 14.88 -42.74
C VAL D 280 8.18 16.12 -43.50
N GLU D 281 8.52 17.19 -42.77
CA GLU D 281 9.21 18.39 -43.23
C GLU D 281 8.47 19.08 -44.38
N ASP D 282 7.35 18.51 -44.81
CA ASP D 282 6.57 18.94 -45.96
C ASP D 282 5.37 18.00 -46.09
N SER D 283 4.50 18.32 -47.04
CA SER D 283 3.40 17.50 -47.54
C SER D 283 2.22 17.42 -46.56
N LEU D 284 2.33 17.96 -45.35
CA LEU D 284 1.19 18.08 -44.43
C LEU D 284 0.57 16.70 -44.13
N TRP D 285 1.33 15.92 -43.35
CA TRP D 285 0.94 14.56 -42.96
C TRP D 285 0.90 13.63 -44.17
N PRO D 286 2.05 13.28 -44.74
CA PRO D 286 2.08 12.28 -45.81
C PRO D 286 2.09 10.85 -45.26
N TYR D 287 1.73 10.68 -43.99
CA TYR D 287 1.78 9.39 -43.31
C TYR D 287 1.01 8.31 -44.06
N LYS D 288 1.31 7.04 -43.75
CA LYS D 288 0.71 5.92 -44.46
C LYS D 288 0.14 4.88 -43.50
N GLY D 289 -0.02 5.22 -42.23
CA GLY D 289 -0.57 4.28 -41.28
C GLY D 289 -2.02 4.53 -40.94
N ARG D 290 -2.37 5.79 -40.70
CA ARG D 290 -3.73 6.16 -40.34
C ARG D 290 -4.04 7.52 -40.96
N PRO D 291 -5.32 7.81 -41.23
CA PRO D 291 -5.66 9.09 -41.85
C PRO D 291 -5.49 10.27 -40.89
N GLU D 292 -5.77 11.48 -41.40
CA GLU D 292 -5.60 12.68 -40.58
C GLU D 292 -6.57 12.70 -39.41
N ASN D 293 -7.79 12.21 -39.61
CA ASN D 293 -8.80 12.26 -38.56
C ASN D 293 -8.49 11.35 -37.37
N LYS D 294 -7.50 10.46 -37.51
CA LYS D 294 -7.06 9.61 -36.41
C LYS D 294 -5.72 10.05 -35.84
N SER D 295 -5.44 11.35 -35.87
CA SER D 295 -4.15 11.86 -35.42
C SER D 295 -3.94 11.69 -33.93
N PHE D 296 -4.98 11.40 -33.17
CA PHE D 296 -4.85 11.22 -31.72
C PHE D 296 -4.34 9.85 -31.34
N LEU D 297 -4.17 8.93 -32.29
CA LEU D 297 -3.68 7.59 -31.99
C LEU D 297 -2.17 7.50 -31.99
N TYR D 298 -1.46 8.54 -32.43
CA TYR D 298 0.00 8.56 -32.41
C TYR D 298 0.55 9.10 -31.09
N GLU D 299 -0.28 9.13 -30.04
CA GLU D 299 0.14 9.68 -28.76
C GLU D 299 -0.15 8.76 -27.58
N ILE D 300 -0.75 7.59 -27.81
CA ILE D 300 -1.16 6.75 -26.69
C ILE D 300 0.01 5.94 -26.13
N VAL D 301 0.88 5.40 -27.00
CA VAL D 301 1.98 4.56 -26.57
C VAL D 301 3.27 5.34 -26.39
N SER D 302 3.62 6.19 -27.37
CA SER D 302 4.84 6.98 -27.27
C SER D 302 4.53 8.37 -27.83
N ASN D 303 4.21 9.31 -26.94
CA ASN D 303 3.87 10.66 -27.33
C ASN D 303 5.15 11.44 -27.60
N LYS D 304 5.35 11.83 -28.85
CA LYS D 304 6.55 12.57 -29.25
C LYS D 304 6.33 14.06 -29.31
N ARG D 305 5.15 14.55 -28.91
CA ARG D 305 4.87 15.98 -28.94
C ARG D 305 5.07 16.63 -27.57
N ASN D 306 4.63 15.97 -26.50
CA ASN D 306 4.79 16.49 -25.15
C ASN D 306 5.32 15.46 -24.16
N GLY D 307 5.38 14.19 -24.53
CA GLY D 307 5.96 13.17 -23.68
C GLY D 307 5.01 12.46 -22.75
N ILE D 308 3.74 12.86 -22.71
CA ILE D 308 2.77 12.24 -21.83
C ILE D 308 2.22 11.00 -22.52
N ASP D 309 2.57 9.82 -21.99
CA ASP D 309 2.19 8.56 -22.62
C ASP D 309 2.17 7.47 -21.56
N VAL D 310 1.55 6.34 -21.91
CA VAL D 310 1.36 5.27 -20.94
C VAL D 310 2.68 4.60 -20.55
N ASP D 311 3.70 4.70 -21.40
CA ASP D 311 5.01 4.15 -21.06
C ASP D 311 5.56 4.83 -19.81
N LYS D 312 5.48 6.16 -19.75
CA LYS D 312 5.97 6.90 -18.61
C LYS D 312 5.23 6.49 -17.34
N TRP D 313 3.90 6.39 -17.42
CA TRP D 313 3.11 6.03 -16.26
C TRP D 313 3.48 4.63 -15.77
N ASP D 314 3.63 3.69 -16.70
CA ASP D 314 3.92 2.32 -16.30
C ASP D 314 5.28 2.21 -15.63
N TYR D 315 6.32 2.84 -16.21
CA TYR D 315 7.60 2.63 -15.54
C TYR D 315 7.68 3.47 -14.26
N PHE D 316 6.97 4.60 -14.19
CA PHE D 316 6.83 5.30 -12.92
C PHE D 316 6.33 4.36 -11.84
N ALA D 317 5.14 3.77 -12.07
CA ALA D 317 4.52 2.93 -11.05
C ALA D 317 5.39 1.72 -10.72
N ARG D 318 5.93 1.06 -11.75
CA ARG D 318 6.69 -0.17 -11.51
C ARG D 318 8.00 0.11 -10.79
N ASP D 319 8.74 1.13 -11.23
CA ASP D 319 10.01 1.46 -10.59
C ASP D 319 9.79 1.93 -9.16
N CYS D 320 8.76 2.73 -8.90
CA CYS D 320 8.48 3.11 -7.52
C CYS D 320 8.12 1.90 -6.68
N HIS D 321 7.31 0.99 -7.22
CA HIS D 321 6.89 -0.18 -6.47
C HIS D 321 8.05 -1.11 -6.17
N HIS D 322 9.06 -1.18 -7.04
CA HIS D 322 10.13 -2.13 -6.85
C HIS D 322 11.34 -1.56 -6.11
N LEU D 323 11.73 -0.32 -6.42
CA LEU D 323 12.87 0.29 -5.75
C LEU D 323 12.61 0.43 -4.25
N GLY D 324 11.43 0.90 -3.88
CA GLY D 324 11.11 1.17 -2.49
C GLY D 324 10.74 2.62 -2.26
N ILE D 325 10.59 3.37 -3.33
CA ILE D 325 10.20 4.77 -3.27
C ILE D 325 8.69 4.85 -3.49
N GLN D 326 8.10 5.95 -3.08
CA GLN D 326 6.66 6.17 -3.24
C GLN D 326 6.39 7.08 -4.42
N ASN D 327 5.34 6.75 -5.16
CA ASN D 327 4.99 7.45 -6.40
C ASN D 327 4.08 8.63 -6.09
N ASN D 328 4.24 9.70 -6.86
CA ASN D 328 3.47 10.92 -6.70
C ASN D 328 2.70 11.25 -7.97
N PHE D 329 2.04 10.25 -8.55
CA PHE D 329 1.24 10.46 -9.75
C PHE D 329 0.08 9.48 -9.77
N ASP D 330 -1.03 9.92 -10.35
CA ASP D 330 -2.23 9.11 -10.50
C ASP D 330 -2.66 9.16 -11.95
N TYR D 331 -2.43 8.07 -12.69
CA TYR D 331 -2.76 8.05 -14.11
C TYR D 331 -4.27 7.87 -14.35
N LYS D 332 -4.97 7.24 -13.41
CA LYS D 332 -6.40 7.04 -13.57
C LYS D 332 -7.15 8.37 -13.60
N ARG D 333 -6.73 9.32 -12.75
CA ARG D 333 -7.34 10.64 -12.76
C ARG D 333 -7.11 11.35 -14.10
N PHE D 334 -5.91 11.20 -14.66
CA PHE D 334 -5.65 11.78 -15.97
C PHE D 334 -6.51 11.12 -17.05
N ILE D 335 -6.69 9.80 -16.95
CA ILE D 335 -7.53 9.10 -17.92
C ILE D 335 -8.96 9.60 -17.85
N LYS D 336 -9.49 9.77 -16.65
CA LYS D 336 -10.85 10.26 -16.48
C LYS D 336 -11.00 11.73 -16.87
N PHE D 337 -9.90 12.46 -17.00
CA PHE D 337 -9.92 13.89 -17.30
C PHE D 337 -9.18 14.19 -18.59
N ALA D 338 -9.37 13.35 -19.61
CA ALA D 338 -8.72 13.53 -20.90
C ALA D 338 -9.76 13.38 -22.00
N ARG D 339 -9.73 14.29 -22.97
CA ARG D 339 -10.67 14.26 -24.08
C ARG D 339 -9.94 14.62 -25.37
N VAL D 340 -10.44 14.09 -26.47
CA VAL D 340 -9.90 14.37 -27.80
C VAL D 340 -10.57 15.63 -28.33
N CYS D 341 -9.77 16.63 -28.68
CA CYS D 341 -10.29 17.90 -29.17
C CYS D 341 -9.47 18.34 -30.37
N GLU D 342 -10.15 18.96 -31.33
CA GLU D 342 -9.49 19.46 -32.52
C GLU D 342 -8.52 20.58 -32.15
N VAL D 343 -7.27 20.44 -32.57
CA VAL D 343 -6.22 21.42 -32.28
C VAL D 343 -5.48 21.69 -33.58
N ASP D 344 -5.62 22.92 -34.11
CA ASP D 344 -4.92 23.37 -35.30
C ASP D 344 -5.18 22.39 -36.46
N ASN D 345 -6.44 21.94 -36.56
CA ASN D 345 -6.94 21.09 -37.63
C ASN D 345 -6.47 19.63 -37.54
N GLU D 346 -6.06 19.17 -36.35
CA GLU D 346 -5.89 17.74 -36.11
C GLU D 346 -6.37 17.41 -34.71
N LEU D 347 -6.82 16.17 -34.53
CA LEU D 347 -7.37 15.70 -33.27
C LEU D 347 -6.23 15.29 -32.35
N ARG D 348 -6.05 16.04 -31.26
CA ARG D 348 -5.04 15.74 -30.25
C ARG D 348 -5.73 15.45 -28.93
N ILE D 349 -5.07 14.61 -28.12
CA ILE D 349 -5.59 14.30 -26.78
C ILE D 349 -5.34 15.50 -25.88
N CYS D 350 -6.40 15.98 -25.25
CA CYS D 350 -6.33 17.15 -24.38
C CYS D 350 -6.74 16.77 -22.97
N ALA D 351 -6.14 17.45 -22.00
CA ALA D 351 -6.40 17.20 -20.59
C ALA D 351 -7.26 18.32 -20.01
N ARG D 352 -7.88 18.02 -18.87
CA ARG D 352 -8.69 19.01 -18.18
C ARG D 352 -7.80 20.16 -17.69
N ASP D 353 -8.37 21.38 -17.72
CA ASP D 353 -7.59 22.57 -17.42
C ASP D 353 -7.10 22.61 -15.98
N LYS D 354 -7.73 21.85 -15.08
CA LYS D 354 -7.33 21.82 -13.67
C LYS D 354 -6.24 20.79 -13.41
N GLU D 355 -5.77 20.09 -14.44
CA GLU D 355 -4.77 19.04 -14.29
C GLU D 355 -3.35 19.51 -14.60
N VAL D 356 -3.15 20.81 -14.84
CA VAL D 356 -1.82 21.31 -15.17
C VAL D 356 -0.88 21.13 -13.98
N GLY D 357 -1.39 21.32 -12.76
CA GLY D 357 -0.58 21.08 -11.58
C GLY D 357 -0.17 19.63 -11.45
N ASN D 358 -1.10 18.70 -11.73
CA ASN D 358 -0.76 17.29 -11.68
C ASN D 358 0.23 16.90 -12.76
N LEU D 359 0.16 17.54 -13.94
CA LEU D 359 1.14 17.25 -14.99
C LEU D 359 2.53 17.75 -14.59
N TYR D 360 2.61 18.95 -14.03
CA TYR D 360 3.89 19.43 -13.50
C TYR D 360 4.39 18.50 -12.40
N ASP D 361 3.49 17.97 -11.59
CA ASP D 361 3.88 17.01 -10.56
C ASP D 361 4.42 15.72 -11.18
N MET D 362 3.84 15.29 -12.30
CA MET D 362 4.34 14.11 -12.99
C MET D 362 5.76 14.32 -13.47
N PHE D 363 6.03 15.49 -14.05
CA PHE D 363 7.39 15.75 -14.51
C PHE D 363 8.36 15.90 -13.34
N HIS D 364 7.89 16.47 -12.23
CA HIS D 364 8.72 16.54 -11.02
C HIS D 364 9.02 15.14 -10.49
N THR D 365 8.04 14.24 -10.55
CA THR D 365 8.26 12.86 -10.14
C THR D 365 9.30 12.18 -11.02
N ARG D 366 9.23 12.43 -12.33
CA ARG D 366 10.26 11.90 -13.23
C ARG D 366 11.64 12.42 -12.85
N ASN D 367 11.74 13.72 -12.58
CA ASN D 367 13.02 14.30 -12.19
C ASN D 367 13.53 13.69 -10.90
N SER D 368 12.65 13.50 -9.92
CA SER D 368 13.08 12.93 -8.64
C SER D 368 13.52 11.49 -8.80
N LEU D 369 12.81 10.70 -9.61
CA LEU D 369 13.22 9.32 -9.85
C LEU D 369 14.58 9.26 -10.53
N HIS D 370 14.81 10.12 -11.52
CA HIS D 370 16.13 10.17 -12.14
C HIS D 370 17.20 10.56 -11.14
N ARG D 371 16.92 11.56 -10.30
CA ARG D 371 17.90 12.04 -9.34
C ARG D 371 18.25 10.98 -8.31
N ARG D 372 17.26 10.24 -7.83
CA ARG D 372 17.48 9.32 -6.72
C ARG D 372 17.88 7.92 -7.14
N ALA D 373 17.39 7.42 -8.27
CA ALA D 373 17.64 6.02 -8.59
C ALA D 373 18.32 5.80 -9.93
N TYR D 374 17.91 6.49 -10.98
CA TYR D 374 18.45 6.25 -12.31
C TYR D 374 19.81 6.89 -12.51
N GLN D 375 20.16 7.89 -11.71
CA GLN D 375 21.47 8.53 -11.82
C GLN D 375 22.29 8.34 -10.56
N HIS D 376 22.10 7.22 -9.87
CA HIS D 376 22.84 6.94 -8.65
C HIS D 376 24.33 6.83 -8.95
N LYS D 377 25.14 7.22 -7.97
CA LYS D 377 26.58 7.19 -8.11
C LYS D 377 27.09 5.77 -8.34
N VAL D 378 26.76 4.86 -7.42
CA VAL D 378 27.27 3.50 -7.50
C VAL D 378 26.69 2.78 -8.71
N GLY D 379 25.41 2.99 -9.00
CA GLY D 379 24.83 2.38 -10.18
C GLY D 379 25.50 2.82 -11.47
N ASN D 380 25.77 4.12 -11.59
CA ASN D 380 26.44 4.62 -12.79
C ASN D 380 27.86 4.06 -12.91
N ILE D 381 28.60 4.00 -11.81
CA ILE D 381 29.97 3.49 -11.92
C ILE D 381 29.96 1.99 -12.23
N ILE D 382 28.98 1.25 -11.69
CA ILE D 382 28.90 -0.17 -11.98
C ILE D 382 28.53 -0.41 -13.44
N ASP D 383 27.61 0.40 -13.97
CA ASP D 383 27.29 0.31 -15.40
C ASP D 383 28.51 0.63 -16.25
N THR D 384 29.29 1.64 -15.87
CA THR D 384 30.50 1.97 -16.61
C THR D 384 31.48 0.81 -16.61
N MET D 385 31.66 0.15 -15.45
CA MET D 385 32.63 -0.93 -15.38
C MET D 385 32.15 -2.18 -16.12
N ILE D 386 30.85 -2.46 -16.10
CA ILE D 386 30.35 -3.57 -16.91
C ILE D 386 30.50 -3.26 -18.39
N THR D 387 30.31 -2.00 -18.78
CA THR D 387 30.55 -1.60 -20.16
C THR D 387 32.02 -1.81 -20.54
N ASP D 388 32.93 -1.47 -19.64
CA ASP D 388 34.36 -1.70 -19.91
C ASP D 388 34.66 -3.19 -20.06
N ALA D 389 34.05 -4.02 -19.21
CA ALA D 389 34.23 -5.46 -19.33
C ALA D 389 33.71 -5.97 -20.67
N PHE D 390 32.54 -5.47 -21.10
CA PHE D 390 32.01 -5.86 -22.40
C PHE D 390 32.93 -5.43 -23.54
N LEU D 391 33.48 -4.21 -23.43
CA LEU D 391 34.40 -3.72 -24.46
C LEU D 391 35.65 -4.58 -24.54
N LYS D 392 36.15 -5.05 -23.39
CA LYS D 392 37.34 -5.89 -23.40
C LYS D 392 37.02 -7.30 -23.88
N ALA D 393 35.80 -7.79 -23.64
CA ALA D 393 35.43 -9.13 -24.05
C ALA D 393 34.76 -9.20 -25.42
N ASP D 394 34.62 -8.05 -26.10
CA ASP D 394 33.94 -8.02 -27.39
C ASP D 394 34.59 -8.96 -28.41
N ASP D 395 35.92 -8.93 -28.51
CA ASP D 395 36.61 -9.63 -29.59
C ASP D 395 36.59 -11.14 -29.45
N TYR D 396 36.17 -11.68 -28.31
CA TYR D 396 36.24 -13.12 -28.07
C TYR D 396 34.88 -13.75 -27.78
N ILE D 397 33.79 -13.02 -27.97
CA ILE D 397 32.44 -13.54 -27.83
C ILE D 397 31.82 -13.63 -29.22
N GLU D 398 31.34 -14.82 -29.58
CA GLU D 398 30.72 -15.06 -30.88
C GLU D 398 29.29 -15.53 -30.68
N ILE D 399 28.36 -14.88 -31.36
CA ILE D 399 26.94 -15.25 -31.33
C ILE D 399 26.56 -15.75 -32.71
N THR D 400 25.94 -16.93 -32.77
CA THR D 400 25.58 -17.55 -34.05
C THR D 400 24.42 -16.77 -34.67
N GLY D 401 24.68 -16.13 -35.80
CA GLY D 401 23.68 -15.33 -36.47
C GLY D 401 22.74 -16.13 -37.33
N ALA D 402 22.42 -15.61 -38.52
CA ALA D 402 21.51 -16.28 -39.45
C ALA D 402 22.30 -17.07 -40.47
N GLY D 403 21.89 -18.32 -40.69
CA GLY D 403 22.59 -19.19 -41.62
C GLY D 403 23.99 -19.57 -41.19
N GLY D 404 24.20 -19.77 -39.89
CA GLY D 404 25.48 -20.19 -39.37
C GLY D 404 26.52 -19.10 -39.22
N LYS D 405 26.18 -17.85 -39.51
CA LYS D 405 27.13 -16.76 -39.36
C LYS D 405 27.45 -16.52 -37.89
N LYS D 406 28.63 -15.98 -37.65
CA LYS D 406 29.12 -15.69 -36.30
C LYS D 406 29.21 -14.18 -36.10
N TYR D 407 28.62 -13.69 -35.02
CA TYR D 407 28.54 -12.26 -34.75
C TYR D 407 29.11 -11.95 -33.39
N ARG D 408 29.76 -10.80 -33.27
CA ARG D 408 30.26 -10.32 -31.99
C ARG D 408 29.13 -9.68 -31.19
N ILE D 409 29.45 -9.23 -29.98
CA ILE D 409 28.46 -8.51 -29.18
C ILE D 409 28.10 -7.19 -29.84
N SER D 410 29.10 -6.45 -30.32
CA SER D 410 28.84 -5.14 -30.90
C SER D 410 28.24 -5.23 -32.29
N THR D 411 28.51 -6.31 -33.02
CA THR D 411 28.02 -6.48 -34.38
C THR D 411 26.74 -7.30 -34.45
N ALA D 412 26.17 -7.68 -33.31
CA ALA D 412 24.94 -8.45 -33.30
C ALA D 412 23.70 -7.58 -33.48
N ILE D 413 23.86 -6.26 -33.59
CA ILE D 413 22.75 -5.35 -33.79
C ILE D 413 22.49 -5.20 -35.28
N ASP D 414 23.17 -6.01 -36.09
CA ASP D 414 22.96 -6.04 -37.53
C ASP D 414 22.27 -7.31 -38.01
N ASP D 415 21.92 -8.22 -37.10
CA ASP D 415 21.25 -9.46 -37.48
C ASP D 415 20.42 -9.91 -36.29
N MET D 416 19.09 -9.85 -36.43
CA MET D 416 18.21 -10.08 -35.28
C MET D 416 18.15 -11.56 -34.89
N GLU D 417 18.55 -12.47 -35.77
CA GLU D 417 18.68 -13.86 -35.36
C GLU D 417 19.75 -14.00 -34.28
N ALA D 418 20.86 -13.26 -34.42
CA ALA D 418 21.86 -13.23 -33.36
C ALA D 418 21.43 -12.34 -32.20
N TYR D 419 20.78 -11.22 -32.49
CA TYR D 419 20.39 -10.29 -31.44
C TYR D 419 19.33 -10.87 -30.53
N THR D 420 18.59 -11.88 -30.99
CA THR D 420 17.62 -12.54 -30.14
C THR D 420 18.28 -13.23 -28.95
N LYS D 421 19.55 -13.61 -29.08
CA LYS D 421 20.28 -14.31 -28.02
C LYS D 421 21.24 -13.40 -27.27
N LEU D 422 21.23 -12.11 -27.54
CA LEU D 422 22.10 -11.15 -26.86
C LEU D 422 21.31 -10.50 -25.74
N THR D 423 21.29 -11.16 -24.58
CA THR D 423 20.60 -10.71 -23.39
C THR D 423 21.60 -10.51 -22.26
N ASP D 424 21.09 -10.32 -21.05
CA ASP D 424 21.94 -10.21 -19.86
C ASP D 424 22.81 -11.44 -19.63
N ASN D 425 22.66 -12.47 -20.46
CA ASN D 425 23.41 -13.72 -20.28
C ASN D 425 24.91 -13.52 -20.47
N ILE D 426 25.33 -12.57 -21.31
CA ILE D 426 26.75 -12.42 -21.61
C ILE D 426 27.54 -11.99 -20.37
N PHE D 427 26.86 -11.35 -19.41
CA PHE D 427 27.51 -11.02 -18.15
C PHE D 427 28.01 -12.28 -17.45
N LEU D 428 27.14 -13.27 -17.29
CA LEU D 428 27.55 -14.53 -16.67
C LEU D 428 28.39 -15.37 -17.61
N GLU D 429 28.30 -15.16 -18.92
CA GLU D 429 29.22 -15.78 -19.85
C GLU D 429 30.66 -15.36 -19.55
N ILE D 430 30.88 -14.04 -19.47
CA ILE D 430 32.20 -13.52 -19.17
C ILE D 430 32.65 -13.91 -17.76
N LEU D 431 31.73 -13.80 -16.79
CA LEU D 431 32.10 -14.05 -15.40
C LEU D 431 32.54 -15.49 -15.18
N TYR D 432 31.86 -16.44 -15.81
CA TYR D 432 32.13 -17.86 -15.60
C TYR D 432 33.08 -18.44 -16.64
N SER D 433 33.62 -17.62 -17.54
CA SER D 433 34.45 -18.13 -18.62
C SER D 433 35.81 -18.59 -18.10
N THR D 434 36.27 -19.74 -18.59
CA THR D 434 37.62 -20.23 -18.32
C THR D 434 38.58 -19.92 -19.46
N ASP D 435 38.14 -19.23 -20.49
CA ASP D 435 39.00 -18.92 -21.62
C ASP D 435 40.03 -17.87 -21.20
N PRO D 436 41.32 -18.13 -21.37
CA PRO D 436 42.33 -17.13 -21.00
C PRO D 436 42.24 -15.84 -21.81
N LYS D 437 41.57 -15.86 -22.96
CA LYS D 437 41.41 -14.63 -23.73
C LYS D 437 40.55 -13.60 -23.02
N LEU D 438 39.50 -14.07 -22.32
CA LEU D 438 38.57 -13.20 -21.61
C LEU D 438 39.05 -12.84 -20.21
N LYS D 439 40.35 -12.95 -19.94
CA LYS D 439 40.85 -12.83 -18.58
C LYS D 439 40.64 -11.44 -18.01
N ASP D 440 40.91 -10.40 -18.80
CA ASP D 440 40.79 -9.03 -18.29
C ASP D 440 39.34 -8.69 -17.97
N ALA D 441 38.42 -9.06 -18.86
CA ALA D 441 37.01 -8.80 -18.60
C ALA D 441 36.51 -9.61 -17.41
N ARG D 442 36.98 -10.86 -17.27
CA ARG D 442 36.61 -11.65 -16.11
C ARG D 442 37.12 -11.02 -14.83
N GLU D 443 38.34 -10.47 -14.86
CA GLU D 443 38.87 -9.80 -13.68
C GLU D 443 38.05 -8.57 -13.32
N ILE D 444 37.62 -7.80 -14.33
CA ILE D 444 36.79 -6.63 -14.06
C ILE D 444 35.47 -7.06 -13.43
N LEU D 445 34.84 -8.10 -13.99
CA LEU D 445 33.58 -8.58 -13.44
C LEU D 445 33.76 -9.11 -12.02
N LYS D 446 34.89 -9.75 -11.73
CA LYS D 446 35.13 -10.24 -10.38
C LYS D 446 35.40 -9.09 -9.41
N GLN D 447 36.04 -8.02 -9.89
CA GLN D 447 36.18 -6.81 -9.09
C GLN D 447 34.81 -6.23 -8.74
N ILE D 448 33.88 -6.29 -9.69
CA ILE D 448 32.49 -5.94 -9.38
C ILE D 448 31.92 -6.89 -8.32
N GLU D 449 32.21 -8.19 -8.47
CA GLU D 449 31.69 -9.18 -7.53
C GLU D 449 32.19 -8.92 -6.11
N TYR D 450 33.42 -8.42 -5.97
CA TYR D 450 34.00 -8.14 -4.67
C TYR D 450 33.70 -6.73 -4.19
N ARG D 451 32.94 -5.96 -4.95
CA ARG D 451 32.58 -4.58 -4.60
C ARG D 451 33.85 -3.74 -4.40
N ASN D 452 34.89 -4.07 -5.18
CA ASN D 452 36.09 -3.24 -5.26
C ASN D 452 35.92 -2.17 -6.33
N LEU D 453 34.85 -1.38 -6.19
CA LEU D 453 34.45 -0.45 -7.21
C LEU D 453 35.43 0.72 -7.31
N PHE D 454 35.31 1.46 -8.42
CA PHE D 454 36.05 2.71 -8.53
C PHE D 454 35.50 3.71 -7.52
N LYS D 455 36.39 4.53 -6.98
CA LYS D 455 36.04 5.39 -5.85
C LYS D 455 35.51 6.74 -6.32
N TYR D 456 34.48 7.21 -5.65
CA TYR D 456 33.88 8.51 -5.92
C TYR D 456 34.83 9.64 -5.54
N VAL D 457 34.77 10.74 -6.29
CA VAL D 457 35.59 11.91 -6.00
C VAL D 457 34.70 13.11 -5.71
N GLY D 458 33.87 13.49 -6.68
CA GLY D 458 33.00 14.64 -6.49
C GLY D 458 32.10 14.87 -7.68
N GLU D 459 31.22 15.87 -7.53
CA GLU D 459 30.32 16.31 -8.59
C GLU D 459 30.45 17.81 -8.78
N THR D 460 29.89 18.30 -9.88
CA THR D 460 29.91 19.73 -10.18
C THR D 460 28.65 20.10 -10.95
N GLN D 461 28.50 21.41 -11.19
CA GLN D 461 27.38 21.98 -11.94
C GLN D 461 27.93 23.05 -12.87
N PRO D 462 27.91 22.84 -14.18
CA PRO D 462 28.27 23.94 -15.10
C PRO D 462 27.34 25.13 -14.92
N THR D 463 27.92 26.33 -14.95
CA THR D 463 27.17 27.55 -14.75
C THR D 463 26.99 28.37 -16.02
N GLY D 464 27.87 28.22 -17.00
CA GLY D 464 27.70 28.92 -18.25
C GLY D 464 26.52 28.40 -19.05
N GLN D 465 25.97 29.27 -19.89
CA GLN D 465 24.84 28.89 -20.72
C GLN D 465 25.19 27.80 -21.72
N ILE D 466 26.48 27.65 -22.05
CA ILE D 466 26.92 26.65 -23.00
C ILE D 466 27.26 25.37 -22.26
N LYS D 467 26.63 24.27 -22.64
CA LYS D 467 26.91 22.97 -22.06
C LYS D 467 27.84 22.17 -22.97
N ILE D 468 28.60 21.28 -22.36
CA ILE D 468 29.57 20.46 -23.09
C ILE D 468 28.84 19.32 -23.79
N LYS D 469 29.08 19.19 -25.09
CA LYS D 469 28.39 18.19 -25.89
C LYS D 469 29.02 16.82 -25.71
N ARG D 470 28.34 15.79 -26.23
CA ARG D 470 28.83 14.42 -26.10
C ARG D 470 30.14 14.21 -26.87
N GLU D 471 30.43 15.07 -27.85
CA GLU D 471 31.69 14.96 -28.58
C GLU D 471 32.91 15.23 -27.70
N ASP D 472 32.73 15.96 -26.60
CA ASP D 472 33.82 16.30 -25.70
C ASP D 472 33.81 15.47 -24.43
N TYR D 473 33.06 14.37 -24.40
CA TYR D 473 32.96 13.57 -23.18
C TYR D 473 34.29 12.93 -22.82
N GLU D 474 35.01 12.40 -23.81
CA GLU D 474 36.26 11.71 -23.54
C GLU D 474 37.44 12.65 -23.36
N SER D 475 37.31 13.93 -23.70
CA SER D 475 38.38 14.89 -23.51
C SER D 475 38.44 15.46 -22.11
N LEU D 476 37.40 15.25 -21.30
CA LEU D 476 37.40 15.78 -19.93
C LEU D 476 38.49 15.18 -19.05
N PRO D 477 38.74 13.86 -19.03
CA PRO D 477 39.83 13.34 -18.18
C PRO D 477 41.19 13.95 -18.49
N LYS D 478 41.45 14.29 -19.76
CA LYS D 478 42.71 14.94 -20.10
C LYS D 478 42.85 16.29 -19.39
N GLU D 479 41.77 17.07 -19.37
CA GLU D 479 41.80 18.36 -18.67
C GLU D 479 41.84 18.15 -17.16
N VAL D 480 41.21 17.09 -16.65
CA VAL D 480 41.23 16.82 -15.22
C VAL D 480 42.64 16.50 -14.75
N ALA D 481 43.35 15.67 -15.51
CA ALA D 481 44.72 15.31 -15.16
C ALA D 481 45.69 16.49 -15.30
N SER D 482 45.30 17.54 -16.02
CA SER D 482 46.17 18.68 -16.25
C SER D 482 46.10 19.72 -15.14
N ALA D 483 45.30 19.48 -14.10
CA ALA D 483 45.19 20.44 -13.01
C ALA D 483 46.50 20.54 -12.23
N LYS D 484 46.74 21.71 -11.66
CA LYS D 484 47.96 21.99 -10.90
C LYS D 484 47.59 22.59 -9.55
N PRO D 485 47.10 21.76 -8.62
CA PRO D 485 46.74 22.28 -7.30
C PRO D 485 47.97 22.77 -6.53
N LYS D 486 47.77 23.81 -5.74
CA LYS D 486 48.85 24.37 -4.92
C LYS D 486 48.84 23.78 -3.52
N VAL D 487 48.86 22.44 -3.48
CA VAL D 487 48.86 21.68 -2.24
C VAL D 487 49.99 20.65 -2.32
N LEU D 488 50.45 20.21 -1.15
CA LEU D 488 51.52 19.23 -1.07
C LEU D 488 51.02 17.85 -1.48
N LEU D 489 51.22 17.48 -2.75
CA LEU D 489 50.81 16.19 -3.27
C LEU D 489 52.04 15.31 -3.46
N ASP D 490 52.01 14.12 -2.87
CA ASP D 490 53.12 13.18 -2.95
C ASP D 490 52.96 12.17 -4.09
N VAL D 491 51.84 12.19 -4.81
CA VAL D 491 51.61 11.27 -5.92
C VAL D 491 50.96 12.03 -7.06
N LYS D 492 51.42 11.75 -8.28
CA LYS D 492 50.89 12.37 -9.49
C LYS D 492 50.03 11.35 -10.23
N LEU D 493 48.86 11.80 -10.69
CA LEU D 493 47.89 10.93 -11.34
C LEU D 493 47.90 11.14 -12.85
N LYS D 494 47.24 10.22 -13.55
CA LYS D 494 47.16 10.23 -15.00
C LYS D 494 45.69 10.15 -15.41
N ALA D 495 45.40 10.63 -16.62
CA ALA D 495 44.03 10.60 -17.12
C ALA D 495 43.49 9.18 -17.22
N GLU D 496 44.38 8.18 -17.32
CA GLU D 496 43.93 6.79 -17.34
C GLU D 496 43.24 6.40 -16.04
N ASP D 497 43.63 7.02 -14.93
CA ASP D 497 43.06 6.72 -13.63
C ASP D 497 41.84 7.57 -13.31
N PHE D 498 41.40 8.42 -14.23
CA PHE D 498 40.27 9.32 -14.03
C PHE D 498 39.11 8.92 -14.93
N ILE D 499 37.90 8.91 -14.36
CA ILE D 499 36.68 8.64 -15.09
C ILE D 499 35.71 9.79 -14.86
N VAL D 500 35.16 10.32 -15.95
CA VAL D 500 34.12 11.34 -15.87
C VAL D 500 32.81 10.73 -16.31
N ASP D 501 31.70 11.32 -15.83
CA ASP D 501 30.37 10.81 -16.15
C ASP D 501 29.43 12.01 -16.23
N VAL D 502 29.09 12.42 -17.44
CA VAL D 502 28.21 13.56 -17.66
C VAL D 502 26.77 13.06 -17.67
N ILE D 503 25.91 13.73 -16.89
CA ILE D 503 24.51 13.37 -16.77
C ILE D 503 23.67 14.60 -17.13
N ASN D 504 22.66 14.40 -17.97
CA ASN D 504 21.75 15.46 -18.38
C ASN D 504 20.39 15.21 -17.73
N MET D 505 19.92 16.20 -16.96
CA MET D 505 18.61 16.14 -16.32
C MET D 505 17.67 17.07 -17.06
N ASP D 506 16.54 16.53 -17.50
CA ASP D 506 15.60 17.29 -18.33
C ASP D 506 14.18 16.82 -18.02
N TYR D 507 13.23 17.38 -18.76
CA TYR D 507 11.81 17.04 -18.63
C TYR D 507 11.30 16.25 -19.81
N GLY D 508 12.17 15.54 -20.55
CA GLY D 508 11.83 14.91 -21.78
C GLY D 508 12.02 15.78 -23.00
N MET D 509 11.94 17.09 -22.84
CA MET D 509 12.28 18.08 -23.87
C MET D 509 13.41 18.90 -23.27
N GLN D 510 14.54 18.96 -23.96
CA GLN D 510 15.78 19.44 -23.35
C GLN D 510 15.62 20.86 -22.80
N GLU D 511 15.44 21.84 -23.67
CA GLU D 511 15.40 23.23 -23.26
C GLU D 511 13.98 23.78 -23.19
N LYS D 512 12.98 23.00 -23.59
CA LYS D 512 11.61 23.48 -23.73
C LYS D 512 10.73 22.89 -22.65
N ASN D 513 9.75 23.67 -22.22
CA ASN D 513 8.78 23.22 -21.23
C ASN D 513 7.83 22.22 -21.87
N PRO D 514 7.77 20.98 -21.39
CA PRO D 514 6.84 20.01 -22.00
C PRO D 514 5.38 20.40 -21.87
N ILE D 515 5.01 21.16 -20.85
CA ILE D 515 3.63 21.58 -20.68
C ILE D 515 3.27 22.69 -21.65
N ASP D 516 4.26 23.39 -22.19
CA ASP D 516 3.99 24.41 -23.21
C ASP D 516 3.44 23.82 -24.49
N HIS D 517 3.53 22.50 -24.67
CA HIS D 517 3.00 21.79 -25.83
C HIS D 517 1.88 20.85 -25.44
N VAL D 518 1.01 21.29 -24.52
CA VAL D 518 -0.15 20.52 -24.09
C VAL D 518 -1.37 21.42 -24.20
N SER D 519 -2.47 20.85 -24.69
CA SER D 519 -3.72 21.58 -24.88
C SER D 519 -4.72 21.14 -23.82
N PHE D 520 -5.45 22.12 -23.28
CA PHE D 520 -6.36 21.89 -22.18
C PHE D 520 -7.79 22.31 -22.56
N TYR D 521 -8.76 21.67 -21.93
CA TYR D 521 -10.17 21.96 -22.14
C TYR D 521 -10.83 22.24 -20.79
N CYS D 522 -11.92 23.00 -20.83
CA CYS D 522 -12.63 23.40 -19.62
C CYS D 522 -14.04 22.81 -19.59
N LYS D 523 -14.68 22.91 -18.43
CA LYS D 523 -16.01 22.36 -18.25
C LYS D 523 -17.05 23.09 -19.07
N THR D 524 -16.93 24.42 -19.20
CA THR D 524 -17.90 25.19 -19.96
C THR D 524 -17.86 24.84 -21.44
N ALA D 525 -16.66 24.66 -22.00
CA ALA D 525 -16.48 24.33 -23.41
C ALA D 525 -15.65 23.06 -23.51
N PRO D 526 -16.29 21.88 -23.50
CA PRO D 526 -15.56 20.62 -23.56
C PRO D 526 -14.98 20.27 -24.92
N ASN D 527 -15.03 21.18 -25.89
CA ASN D 527 -14.48 20.92 -27.21
C ASN D 527 -13.52 21.99 -27.71
N ARG D 528 -13.36 23.09 -26.99
CA ARG D 528 -12.39 24.12 -27.33
C ARG D 528 -11.12 23.92 -26.52
N ALA D 529 -9.98 23.91 -27.20
CA ALA D 529 -8.69 23.70 -26.56
C ALA D 529 -7.96 25.01 -26.38
N ILE D 530 -7.27 25.15 -25.25
CA ILE D 530 -6.55 26.38 -24.91
C ILE D 530 -5.16 26.03 -24.42
N ARG D 531 -4.29 27.04 -24.41
CA ARG D 531 -2.93 26.92 -23.93
C ARG D 531 -2.79 27.66 -22.61
N ILE D 532 -2.13 27.03 -21.64
CA ILE D 532 -1.89 27.60 -20.33
C ILE D 532 -0.39 27.83 -20.18
N THR D 533 -0.01 29.08 -19.94
CA THR D 533 1.39 29.41 -19.75
C THR D 533 1.83 29.08 -18.33
N LYS D 534 3.15 29.11 -18.10
CA LYS D 534 3.68 28.76 -16.80
C LYS D 534 3.26 29.76 -15.74
N ASN D 535 3.31 31.06 -16.07
CA ASN D 535 2.97 32.08 -15.10
C ASN D 535 1.49 32.07 -14.71
N GLN D 536 0.64 31.40 -15.47
CA GLN D 536 -0.77 31.30 -15.16
C GLN D 536 -1.09 30.13 -14.24
N VAL D 537 -0.11 29.32 -13.87
CA VAL D 537 -0.31 28.19 -12.98
C VAL D 537 0.18 28.50 -11.57
N SER D 538 1.45 28.86 -11.44
CA SER D 538 2.04 29.16 -10.14
C SER D 538 3.35 29.88 -10.37
N GLN D 539 3.78 30.62 -9.35
CA GLN D 539 5.09 31.25 -9.34
C GLN D 539 6.13 30.40 -8.61
N LEU D 540 5.75 29.19 -8.19
CA LEU D 540 6.62 28.28 -7.46
C LEU D 540 7.02 27.09 -8.33
N LEU D 541 7.26 27.34 -9.61
CA LEU D 541 7.63 26.34 -10.59
C LEU D 541 9.06 26.57 -11.07
N PRO D 542 9.75 25.53 -11.53
CA PRO D 542 11.14 25.70 -11.96
C PRO D 542 11.26 26.73 -13.07
N GLU D 543 12.29 27.58 -12.95
CA GLU D 543 12.57 28.57 -13.98
C GLU D 543 13.39 28.01 -15.14
N LYS D 544 13.97 26.83 -14.97
CA LYS D 544 14.73 26.17 -16.02
C LYS D 544 14.40 24.69 -16.02
N PHE D 545 14.47 24.08 -17.20
CA PHE D 545 14.13 22.67 -17.36
C PHE D 545 15.30 21.82 -17.82
N ALA D 546 16.49 22.39 -17.97
CA ALA D 546 17.68 21.65 -18.37
C ALA D 546 18.81 21.97 -17.41
N GLU D 547 19.47 20.93 -16.91
CA GLU D 547 20.66 21.09 -16.09
C GLU D 547 21.61 19.94 -16.38
N GLN D 548 22.89 20.17 -16.10
CA GLN D 548 23.93 19.21 -16.40
C GLN D 548 24.78 19.01 -15.15
N LEU D 549 25.12 17.75 -14.87
CA LEU D 549 25.94 17.43 -13.71
C LEU D 549 27.00 16.40 -14.10
N ILE D 550 28.23 16.64 -13.66
CA ILE D 550 29.38 15.84 -14.06
C ILE D 550 29.96 15.16 -12.82
N ARG D 551 30.06 13.83 -12.86
CA ARG D 551 30.71 13.08 -11.81
C ARG D 551 32.16 12.80 -12.20
N VAL D 552 32.99 12.51 -11.19
CA VAL D 552 34.38 12.14 -11.38
C VAL D 552 34.70 10.99 -10.44
N TYR D 553 35.38 9.98 -10.95
CA TYR D 553 35.71 8.78 -10.18
C TYR D 553 37.20 8.50 -10.28
N CYS D 554 37.69 7.68 -9.35
CA CYS D 554 39.08 7.25 -9.32
C CYS D 554 39.14 5.73 -9.31
N LYS D 555 40.07 5.16 -10.08
CA LYS D 555 40.16 3.71 -10.22
C LYS D 555 40.97 3.04 -9.12
N LYS D 556 41.69 3.80 -8.30
CA LYS D 556 42.53 3.23 -7.26
C LYS D 556 41.84 3.30 -5.91
N VAL D 557 42.23 2.39 -5.01
CA VAL D 557 41.52 2.19 -3.75
C VAL D 557 42.45 2.43 -2.56
N ASP D 558 43.43 3.32 -2.72
CA ASP D 558 44.32 3.71 -1.64
C ASP D 558 44.04 5.15 -1.26
N ARG D 559 44.08 5.45 0.04
CA ARG D 559 43.64 6.75 0.54
C ARG D 559 44.47 7.89 -0.01
N LYS D 560 45.77 7.65 -0.26
CA LYS D 560 46.60 8.70 -0.85
C LYS D 560 46.12 9.05 -2.25
N SER D 561 45.76 8.04 -3.05
CA SER D 561 45.20 8.29 -4.38
C SER D 561 43.88 9.04 -4.28
N LEU D 562 43.06 8.68 -3.29
CA LEU D 562 41.79 9.39 -3.09
C LEU D 562 42.03 10.86 -2.80
N TYR D 563 42.99 11.16 -1.91
CA TYR D 563 43.30 12.54 -1.59
C TYR D 563 43.81 13.30 -2.81
N ALA D 564 44.70 12.67 -3.58
CA ALA D 564 45.23 13.31 -4.77
C ALA D 564 44.13 13.58 -5.80
N ALA D 565 43.25 12.61 -6.02
CA ALA D 565 42.17 12.78 -6.97
C ALA D 565 41.21 13.88 -6.52
N ARG D 566 40.89 13.93 -5.23
CA ARG D 566 40.02 14.98 -4.72
C ARG D 566 40.65 16.35 -4.93
N GLN D 567 41.95 16.49 -4.65
CA GLN D 567 42.61 17.77 -4.87
C GLN D 567 42.58 18.17 -6.34
N TYR D 568 42.88 17.22 -7.23
CA TYR D 568 42.86 17.52 -8.66
C TYR D 568 41.47 17.94 -9.12
N PHE D 569 40.45 17.23 -8.66
CA PHE D 569 39.08 17.55 -9.07
C PHE D 569 38.66 18.93 -8.56
N VAL D 570 38.98 19.25 -7.31
CA VAL D 570 38.61 20.55 -6.77
C VAL D 570 39.32 21.67 -7.52
N GLN D 571 40.61 21.46 -7.81
CA GLN D 571 41.34 22.48 -8.57
C GLN D 571 40.77 22.64 -9.97
N TRP D 572 40.39 21.54 -10.62
CA TRP D 572 39.78 21.62 -11.94
C TRP D 572 38.47 22.38 -11.90
N CYS D 573 37.64 22.10 -10.89
CA CYS D 573 36.37 22.82 -10.75
C CYS D 573 36.60 24.31 -10.54
N ALA D 574 37.59 24.65 -9.71
CA ALA D 574 37.89 26.07 -9.49
C ALA D 574 38.49 26.72 -10.72
N ASP D 575 39.14 25.94 -11.59
CA ASP D 575 39.81 26.51 -12.77
C ASP D 575 38.79 27.00 -13.80
N ARG D 576 37.78 26.19 -14.10
CA ARG D 576 36.83 26.48 -15.17
C ARG D 576 35.60 27.23 -14.69
N ASN D 577 35.64 27.79 -13.47
CA ASN D 577 34.53 28.55 -12.90
C ASN D 577 33.26 27.71 -12.86
N PHE D 578 33.37 26.57 -12.20
CA PHE D 578 32.24 25.68 -11.97
C PHE D 578 31.68 25.93 -10.58
N THR D 579 30.63 25.21 -10.22
CA THR D 579 30.01 25.43 -8.92
C THR D 579 30.89 24.91 -7.79
N LYS D 580 30.62 25.40 -6.59
CA LYS D 580 31.32 24.90 -5.41
C LYS D 580 30.75 23.54 -5.05
N PRO D 581 31.59 22.50 -4.91
CA PRO D 581 31.07 21.18 -4.51
C PRO D 581 30.39 21.25 -3.15
N GLN D 582 29.39 20.40 -2.96
CA GLN D 582 28.57 20.45 -1.76
C GLN D 582 29.38 20.21 -0.49
N ASP D 583 30.56 19.62 -0.60
CA ASP D 583 31.46 19.43 0.54
C ASP D 583 32.87 19.83 0.18
N GLY D 584 33.02 20.99 -0.48
CA GLY D 584 34.34 21.47 -0.82
C GLY D 584 35.16 22.01 0.33
N ASP D 585 34.52 22.31 1.45
CA ASP D 585 35.21 22.90 2.60
C ASP D 585 35.73 21.87 3.58
N VAL D 586 35.52 20.57 3.32
CA VAL D 586 35.95 19.51 4.22
C VAL D 586 36.97 18.59 3.55
N ILE D 587 36.60 18.02 2.38
CA ILE D 587 37.51 17.09 1.70
C ILE D 587 38.75 17.83 1.20
N ALA D 588 38.59 19.08 0.77
CA ALA D 588 39.72 19.88 0.27
C ALA D 588 39.54 21.31 0.72
N PRO D 589 39.81 21.60 2.00
CA PRO D 589 39.61 22.96 2.51
C PRO D 589 40.73 23.94 2.16
N LEU D 590 41.77 23.50 1.47
CA LEU D 590 42.88 24.37 1.12
C LEU D 590 42.72 25.06 -0.23
N ILE D 591 41.68 24.73 -0.99
CA ILE D 591 41.46 25.34 -2.28
C ILE D 591 40.28 26.31 -2.29
N THR D 592 39.22 26.03 -1.54
CA THR D 592 38.06 26.91 -1.52
C THR D 592 38.38 28.36 -1.12
N PRO D 593 39.26 28.65 -0.15
CA PRO D 593 39.55 30.07 0.13
C PRO D 593 40.08 30.84 -1.07
N GLN D 594 40.74 30.16 -2.01
CA GLN D 594 41.20 30.83 -3.23
C GLN D 594 40.01 31.32 -4.05
N LYS D 595 38.95 30.54 -4.13
CA LYS D 595 37.75 30.90 -4.88
C LYS D 595 36.95 31.90 -4.04
N LYS D 596 37.17 33.19 -4.29
CA LYS D 596 36.48 34.22 -3.53
C LYS D 596 34.98 34.19 -3.77
N GLU D 597 34.57 33.94 -5.01
CA GLU D 597 33.14 33.93 -5.32
C GLU D 597 32.42 32.78 -4.61
N TRP D 598 33.12 31.69 -4.33
CA TRP D 598 32.50 30.56 -3.65
C TRP D 598 32.18 30.86 -2.19
N ASN D 599 32.79 31.88 -1.61
CA ASN D 599 32.54 32.22 -0.22
C ASN D 599 31.93 33.61 -0.09
N1 T8T E . -5.21 25.95 5.51
C2 T8T E . -4.22 25.40 6.28
N2 T8T E . -3.10 26.12 6.43
N3 T8T E . -4.31 24.21 6.88
C4 T8T E . -5.50 23.61 6.63
C5 T8T E . -6.56 24.08 5.88
C6 T8T E . -6.43 25.35 5.26
O6 T8T E . -7.27 25.93 4.56
N7 T8T E . -7.59 23.16 5.89
C8 T8T E . -7.16 22.18 6.63
N9 T8T E . -5.88 22.39 7.12
PA T8T E . -1.61 22.85 11.61
PB T8T E . 1.12 23.81 11.67
PG T8T E . 2.58 24.04 9.16
C1' T8T E . -5.11 21.50 8.02
S1A T8T E . -1.88 21.85 13.19
O1B T8T E . 1.58 22.40 11.79
O1G T8T E . 2.84 22.58 9.15
C2' T8T E . -4.35 20.40 7.30
O2A T8T E . -2.88 23.63 11.16
O2B T8T E . 1.69 24.79 12.70
O2G T8T E . 2.03 24.57 7.84
C3' T8T E . -3.16 20.15 8.22
O3' T8T E . -3.40 19.01 9.03
O3A T8T E . -0.47 23.93 11.72
O3B T8T E . 1.45 24.41 10.23
O3G T8T E . 3.79 24.88 9.57
C4' T8T E . -3.08 21.40 9.09
O4' T8T E . -4.13 22.29 8.65
C5' T8T E . -1.76 22.13 9.05
O5' T8T E . -1.14 22.03 10.34
N1 T8T F . -22.25 15.83 -2.96
C2 T8T F . -21.65 16.52 -3.99
N2 T8T F . -22.45 17.20 -4.81
N3 T8T F . -20.33 16.52 -4.19
C4 T8T F . -19.66 15.78 -3.29
C5 T8T F . -20.18 15.07 -2.22
C6 T8T F . -21.58 15.07 -2.02
O6 T8T F . -22.21 14.50 -1.13
N7 T8T F . -19.16 14.45 -1.53
C8 T8T F . -18.06 14.79 -2.17
N9 T8T F . -18.31 15.59 -3.25
PA T8T F . -19.77 20.38 -6.21
PB T8T F . -18.94 22.86 -7.47
PG T8T F . -20.51 22.59 -9.90
C1' T8T F . -17.32 16.12 -4.21
S1A T8T F . -21.63 20.35 -5.80
O1B T8T F . -17.51 23.14 -7.72
O1G T8T F . -19.77 22.55 -11.18
C2' T8T F . -17.66 15.88 -5.67
O2A T8T F . -19.46 19.72 -7.59
O2B T8T F . -19.80 24.08 -7.17
O2G T8T F . -21.73 21.67 -9.87
C3' T8T F . -17.72 17.27 -6.31
O3' T8T F . -17.06 17.28 -7.57
O3A T8T F . -19.15 21.82 -6.28
O3B T8T F . -19.61 22.09 -8.70
O3G T8T F . -20.96 24.00 -9.51
C4' T8T F . -16.98 18.14 -5.31
O4' T8T F . -17.25 17.53 -4.03
C5' T8T F . -17.40 19.58 -5.28
O5' T8T F . -18.84 19.64 -5.16
N1 T8T G . -4.62 -7.32 15.28
C2 T8T G . -4.19 -6.02 15.17
N2 T8T G . -3.44 -5.72 14.11
N3 T8T G . -4.49 -5.07 16.06
C4 T8T G . -5.25 -5.53 17.08
C5 T8T G . -5.72 -6.81 17.26
C6 T8T G . -5.39 -7.81 16.31
O6 T8T G . -5.72 -9.00 16.34
N7 T8T G . -6.47 -6.88 18.43
C8 T8T G . -6.44 -5.66 18.91
N9 T8T G . -5.70 -4.79 18.13
PA T8T G . -4.80 -5.25 22.56
PB T8T G . -5.87 -4.72 25.25
PG T8T G . -4.71 -6.67 27.06
C1' T8T G . -5.43 -3.36 18.38
S1A T8T G . -3.14 -6.17 22.52
O1B T8T G . -7.32 -4.75 25.02
O1G T8T G . -3.37 -7.27 26.86
C2' T8T G . -6.49 -2.64 19.19
O2A T8T G . -6.01 -6.23 22.42
O2B T8T G . -5.38 -3.71 26.29
O2G T8T G . -4.69 -5.44 27.97
C3' T8T G . -5.68 -1.55 19.87
O3' T8T G . -5.47 -0.45 18.98
O3A T8T G . -5.05 -4.45 23.91
O3B T8T G . -5.32 -6.15 25.68
O3G T8T G . -5.75 -7.66 27.60
C4' T8T G . -4.36 -2.25 20.14
O4' T8T G . -4.23 -3.27 19.11
C5' T8T G . -4.26 -2.90 21.50
O5' T8T G . -5.00 -4.14 21.48
N1 T8T H . -6.96 5.17 26.06
C2 T8T H . -6.71 3.86 26.41
N2 T8T H . -6.51 3.62 27.70
N3 T8T H . -6.64 2.87 25.53
C4 T8T H . -6.86 3.28 24.26
C5 T8T H . -7.14 4.55 23.82
C6 T8T H . -7.21 5.62 24.78
O6 T8T H . -7.43 6.81 24.56
N7 T8T H . -7.30 4.57 22.45
C8 T8T H . -7.12 3.32 22.09
N9 T8T H . -6.85 2.49 23.15
PA T8T H . -7.78 -0.57 27.99
PB T8T H . -8.57 -3.08 29.22
PG T8T H . -6.49 -3.18 31.26
C1' T8T H . -6.57 1.04 23.09
S1A T8T H . -7.94 0.91 29.19
O1B T8T H . -8.67 -4.32 28.42
O1G T8T H . -5.56 -4.34 31.22
C2' T8T H . -5.30 0.63 23.82
O2A T8T H . -6.34 -1.17 27.99
O2B T8T H . -9.56 -2.98 30.38
O2G T8T H . -5.81 -1.87 31.66
C3' T8T H . -5.76 -0.39 24.87
O3' T8T H . -4.88 -1.51 24.91
O3A T8T H . -8.74 -1.77 28.34
O3B T8T H . -7.11 -2.89 29.82
O3G T8T H . -7.70 -3.40 32.17
C4' T8T H . -7.13 -0.81 24.37
O4' T8T H . -7.64 0.37 23.72
C5' T8T H . -8.08 -1.26 25.44
O5' T8T H . -8.13 -0.26 26.48
N1 T8T I . -21.14 -6.98 15.33
C2 T8T I . -21.41 -6.96 13.99
N2 T8T I . -22.08 -8.01 13.48
N3 T8T I . -21.04 -5.97 13.18
C4 T8T I . -20.38 -5.00 13.83
C5 T8T I . -20.07 -4.93 15.18
C6 T8T I . -20.47 -6.00 16.02
O6 T8T I . -20.28 -6.09 17.23
N7 T8T I . -19.39 -3.75 15.45
C8 T8T I . -19.31 -3.14 14.30
N9 T8T I . -19.89 -3.84 13.27
PA T8T I . -23.80 -4.57 8.49
PB T8T I . -24.67 -6.87 6.96
PG T8T I . -23.07 -9.30 7.05
C1' T8T I . -20.01 -3.43 11.86
S1A T8T I . -24.28 -3.02 7.50
O1B T8T I . -23.85 -6.39 5.83
O1G T8T I . -22.10 -8.72 6.09
C2' T8T I . -18.79 -3.76 11.01
O2A T8T I . -23.91 -4.36 10.03
O2B T8T I . -26.12 -7.20 6.64
O2G T8T I . -22.42 -9.91 8.29
C3' T8T I . -19.38 -3.93 9.61
O3' T8T I . -19.20 -2.74 8.84
O3A T8T I . -24.68 -5.84 8.17
O3B T8T I . -24.04 -8.16 7.63
O3G T8T I . -24.02 -10.32 6.43
C4' T8T I . -20.87 -4.17 9.85
O4' T8T I . -21.07 -4.15 11.28
C5' T8T I . -21.42 -5.46 9.29
O5' T8T I . -22.35 -5.13 8.23
N1 T8T J . -6.07 14.99 -6.83
C2 T8T J . -6.89 13.97 -6.41
N2 T8T J . -6.35 12.76 -6.37
N3 T8T J . -8.15 14.15 -6.06
C4 T8T J . -8.54 15.44 -6.17
C5 T8T J . -7.80 16.52 -6.58
C6 T8T J . -6.44 16.32 -6.95
O6 T8T J . -5.64 17.16 -7.35
N7 T8T J . -8.57 17.68 -6.55
C8 T8T J . -9.74 17.28 -6.13
N9 T8T J . -9.79 15.93 -5.88
PA T8T J . -12.82 17.92 -8.64
PB T8T J . -15.08 19.78 -8.68
PG T8T J . -15.20 20.98 -11.32
C1' T8T J . -10.95 15.13 -5.42
S1A T8T J . -12.28 17.24 -10.33
O1B T8T J . -14.80 20.65 -7.52
O1G T8T J . -14.72 20.28 -12.54
C2' T8T J . -11.97 15.91 -4.59
O2A T8T J . -11.97 19.15 -8.20
O2B T8T J . -16.55 19.48 -8.94
O2G T8T J . -16.68 20.80 -11.06
C3' T8T J . -13.25 15.15 -4.90
O3' T8T J . -13.35 13.97 -4.10
O3A T8T J . -14.33 18.37 -8.59
O3B T8T J . -14.49 20.39 -10.02
O3G T8T J . -14.85 22.47 -11.30
C4' T8T J . -13.07 14.77 -6.36
O4' T8T J . -11.65 14.67 -6.57
C5' T8T J . -13.65 15.76 -7.34
O5' T8T J . -12.75 16.89 -7.44
N1 T8T K . 15.78 7.56 -1.40
C2 T8T K . 15.60 6.27 -0.97
N2 T8T K . 14.41 5.96 -0.45
N3 T8T K . 16.55 5.34 -1.05
C4 T8T K . 17.70 5.81 -1.58
C5 T8T K . 17.97 7.08 -2.03
C6 T8T K . 16.95 8.07 -1.94
O6 T8T K . 17.02 9.25 -2.28
N7 T8T K . 19.26 7.16 -2.52
C8 T8T K . 19.75 5.95 -2.35
N9 T8T K . 18.84 5.08 -1.78
PA T8T K . 22.97 5.65 0.04
PB T8T K . 25.82 5.15 -0.42
PG T8T K . 27.31 7.17 1.06
C1' T8T K . 19.05 3.66 -1.44
S1A T8T K . 22.55 6.60 1.63
O1B T8T K . 25.91 5.16 -1.89
O1G T8T K . 26.82 7.80 2.30
C2' T8T K . 20.08 2.94 -2.28
O2A T8T K . 23.07 6.61 -1.20
O2B T8T K . 26.75 4.19 0.30
O2G T8T K . 28.21 5.96 1.30
C3' T8T K . 20.59 1.88 -1.32
O3' T8T K . 19.70 0.76 -1.28
O3A T8T K . 24.34 4.88 0.10
O3B T8T K . 26.12 6.61 0.18
O3G T8T K . 28.04 8.15 0.13
C4' T8T K . 20.56 2.61 0.02
O4' T8T K . 19.51 3.60 -0.10
C5' T8T K . 21.86 3.29 0.39
O5' T8T K . 21.97 4.51 -0.36
N1 T8T L . 2.17 -16.29 -22.01
C2 T8T L . 1.05 -16.99 -21.62
N2 T8T L . 0.44 -17.70 -22.57
N3 T8T L . 0.57 -16.97 -20.38
C4 T8T L . 1.29 -16.20 -19.56
C5 T8T L . 2.43 -15.48 -19.85
C6 T8T L . 2.93 -15.50 -21.17
O6 T8T L . 3.93 -14.92 -21.61
N7 T8T L . 2.88 -14.82 -18.71
C8 T8T L . 2.02 -15.15 -17.78
N9 T8T L . 1.04 -15.98 -18.23
PA T8T L . -1.45 -20.86 -20.18
PB T8T L . -2.81 -23.35 -19.58
PG T8T L . -4.87 -23.16 -21.65
C1' T8T L . -0.10 -16.52 -17.46
S1A T8T L . -0.66 -20.86 -21.91
O1B T8T L . -3.36 -23.61 -18.24
O1G T8T L . -6.27 -23.14 -21.20
C2' T8T L . -1.46 -16.31 -18.11
O2A T8T L . -2.88 -20.23 -20.18
O2B T8T L . -2.32 -24.58 -20.33
O2G T8T L . -4.59 -22.27 -22.86
C3' T8T L . -2.05 -17.71 -18.27
O3' T8T L . -3.42 -17.74 -17.89
O3A T8T L . -1.63 -22.29 -19.56
O3B T8T L . -3.89 -22.63 -20.51
O3G T8T L . -4.36 -24.57 -21.96
C4' T8T L . -1.21 -18.54 -17.31
O4' T8T L . 0.08 -17.92 -17.32
C5' T8T L . -1.08 -20.00 -17.69
O5' T8T L . -0.65 -20.09 -19.07
N1 T8T M . 6.97 -25.91 -3.33
C2 T8T M . 7.49 -25.34 -2.21
N2 T8T M . 7.42 -26.04 -1.07
N3 T8T M . 8.07 -24.13 -2.20
C4 T8T M . 8.08 -23.56 -3.41
C5 T8T M . 7.58 -24.07 -4.60
C6 T8T M . 6.96 -25.34 -4.59
O6 T8T M . 6.48 -25.94 -5.55
N7 T8T M . 7.79 -23.17 -5.64
C8 T8T M . 8.41 -22.16 -5.07
N9 T8T M . 8.62 -22.33 -3.72
PA T8T M . 12.08 -22.62 1.42
PB T8T M . 11.58 -23.52 4.13
PG T8T M . 8.82 -23.79 5.02
C1' T8T M . 9.31 -21.42 -2.79
S1A T8T M . 13.68 -21.58 1.48
O1B T8T M . 11.56 -22.12 4.57
O1G T8T M . 8.72 -22.32 5.24
C2' T8T M . 8.42 -20.33 -2.23
O2A T8T M . 11.94 -23.43 0.11
O2B T8T M . 12.48 -24.47 4.92
O2G T8T M . 7.65 -24.36 4.21
C3' T8T M . 9.06 -20.02 -0.88
O3' T8T M . 9.89 -18.86 -0.96
O3A T8T M . 11.98 -23.67 2.59
O3B T8T M . 10.11 -24.15 4.15
O3G T8T M . 8.98 -24.59 6.31
C4' T8T M . 9.92 -21.25 -0.58
O4' T8T M . 9.73 -22.16 -1.69
C5' T8T M . 9.60 -21.97 0.71
O5' T8T M . 10.74 -21.82 1.60
N1 T8T N . -5.10 -15.24 -7.06
C2 T8T N . -4.53 -14.23 -7.79
N2 T8T N . -4.62 -13.00 -7.29
N3 T8T N . -3.92 -14.43 -8.95
C4 T8T N . -3.91 -15.72 -9.32
C5 T8T N . -4.46 -16.80 -8.66
C6 T8T N . -5.12 -16.58 -7.42
O6 T8T N . -5.66 -17.41 -6.70
N7 T8T N . -4.24 -17.97 -9.37
C8 T8T N . -3.58 -17.58 -10.43
N9 T8T N . -3.35 -16.22 -10.47
PA T8T N . -5.36 -18.32 -13.97
PB T8T N . -4.88 -20.23 -16.15
PG T8T N . -7.42 -21.48 -16.79
C1' T8T N . -2.67 -15.44 -11.52
S1A T8T N . -7.14 -17.69 -13.82
O1B T8T N . -3.80 -21.07 -15.60
O1G T8T N . -8.73 -20.81 -16.61
C2' T8T N . -1.63 -16.22 -12.32
O2A T8T N . -5.10 -19.54 -13.03
O2B T8T N . -4.83 -19.96 -17.65
O2G T8T N . -6.85 -21.34 -18.20
C3' T8T N . -1.67 -15.49 -13.65
O3' T8T N . -0.89 -14.30 -13.61
O3A T8T N . -4.97 -18.81 -15.42
O3B T8T N . -6.31 -20.86 -15.84
O3G T8T N . -7.44 -22.97 -16.43
C4' T8T N . -3.14 -15.14 -13.80
O4' T8T N . -3.65 -15.01 -12.45
C5' T8T N . -3.95 -16.16 -14.54
O5' T8T N . -4.22 -17.28 -13.67
N1 T8T O . 27.04 -4.72 -1.10
C2 T8T O . 27.29 -3.42 -0.80
N2 T8T O . 28.51 -3.13 -0.33
N3 T8T O . 26.40 -2.43 -0.95
C4 T8T O . 25.22 -2.88 -1.42
C5 T8T O . 24.88 -4.17 -1.76
C6 T8T O . 25.84 -5.20 -1.59
O6 T8T O . 25.70 -6.40 -1.82
N7 T8T O . 23.56 -4.21 -2.21
C8 T8T O . 23.15 -2.97 -2.14
N9 T8T O . 24.11 -2.11 -1.66
PA T8T O . 28.99 1.04 -1.61
PB T8T O . 30.32 3.56 -2.17
PG T8T O . 31.86 3.74 0.30
C1' T8T O . 23.98 -0.66 -1.44
S1A T8T O . 30.21 -0.41 -1.47
O1B T8T O . 29.54 4.78 -2.47
O1G T8T O . 31.60 4.92 1.17
C2' T8T O . 24.41 -0.20 -0.05
O2A T8T O . 28.67 1.67 -0.22
O2B T8T O . 31.66 3.47 -2.89
O2G T8T O . 32.12 2.44 1.07
C3' T8T O . 25.52 0.83 -0.29
O3' T8T O . 25.35 1.97 0.55
O3A T8T O . 29.51 2.23 -2.50
O3B T8T O . 30.59 3.41 -0.61
O3G T8T O . 32.99 3.97 -0.69
C4' T8T O . 25.31 1.20 -1.74
O4' T8T O . 24.81 0.01 -2.37
C5' T8T O . 26.55 1.67 -2.47
O5' T8T O . 27.60 0.69 -2.25
N1 T8T P . 19.38 6.95 -17.52
C2 T8T P . 18.13 6.90 -18.06
N2 T8T P . 17.77 7.92 -18.85
N3 T8T P . 17.29 5.89 -17.86
C4 T8T P . 17.79 4.94 -17.06
C5 T8T P . 19.03 4.91 -16.46
C6 T8T P . 19.93 5.99 -16.69
O6 T8T P . 21.07 6.12 -16.25
N7 T8T P . 19.18 3.75 -15.71
C8 T8T P . 18.05 3.12 -15.87
N9 T8T P . 17.16 3.78 -16.67
PA T8T P . 13.31 4.34 -21.52
PB T8T P . 11.97 6.58 -22.76
PG T8T P . 11.67 9.04 -21.23
C1' T8T P . 15.82 3.34 -17.08
S1A T8T P . 12.47 2.77 -22.17
O1B T8T P . 10.70 6.10 -22.19
O1G T8T P . 10.53 8.46 -20.48
C2' T8T P . 14.72 3.67 -16.08
O2A T8T P . 14.85 4.16 -21.30
O2B T8T P . 11.96 6.89 -24.26
O2G T8T P . 12.73 9.70 -20.34
C3' T8T P . 13.48 3.80 -16.95
O3' T8T P . 12.70 2.61 -16.91
O3A T8T P . 13.17 5.58 -22.48
O3B T8T P . 12.47 7.90 -22.02
O3G T8T P . 11.25 10.04 -22.31
C4' T8T P . 14.02 4.02 -18.37
O4' T8T P . 15.47 4.03 -18.25
C5' T8T P . 13.56 5.28 -19.05
O5' T8T P . 12.73 4.92 -20.17
#